data_6IMZ
# 
_entry.id   6IMZ 
# 
_audit_conform.dict_name       mmcif_pdbx.dic 
_audit_conform.dict_version    5.387 
_audit_conform.dict_location   http://mmcif.pdb.org/dictionaries/ascii/mmcif_pdbx.dic 
# 
loop_
_database_2.database_id 
_database_2.database_code 
_database_2.pdbx_database_accession 
_database_2.pdbx_DOI 
PDB   6IMZ         pdb_00006imz 10.2210/pdb6imz/pdb 
WWPDB D_1300009391 ?            ?                   
# 
loop_
_pdbx_audit_revision_history.ordinal 
_pdbx_audit_revision_history.data_content_type 
_pdbx_audit_revision_history.major_revision 
_pdbx_audit_revision_history.minor_revision 
_pdbx_audit_revision_history.revision_date 
1 'Structure model' 1 0 2019-10-30 
2 'Structure model' 1 1 2024-03-27 
# 
_pdbx_audit_revision_details.ordinal             1 
_pdbx_audit_revision_details.revision_ordinal    1 
_pdbx_audit_revision_details.data_content_type   'Structure model' 
_pdbx_audit_revision_details.provider            repository 
_pdbx_audit_revision_details.type                'Initial release' 
_pdbx_audit_revision_details.description         ? 
_pdbx_audit_revision_details.details             ? 
# 
loop_
_pdbx_audit_revision_group.ordinal 
_pdbx_audit_revision_group.revision_ordinal 
_pdbx_audit_revision_group.data_content_type 
_pdbx_audit_revision_group.group 
1 2 'Structure model' 'Data collection'      
2 2 'Structure model' 'Database references'  
3 2 'Structure model' 'Derived calculations' 
# 
loop_
_pdbx_audit_revision_category.ordinal 
_pdbx_audit_revision_category.revision_ordinal 
_pdbx_audit_revision_category.data_content_type 
_pdbx_audit_revision_category.category 
1 2 'Structure model' chem_comp_atom         
2 2 'Structure model' chem_comp_bond         
3 2 'Structure model' database_2             
4 2 'Structure model' pdbx_struct_conn_angle 
5 2 'Structure model' struct_conn            
# 
loop_
_pdbx_audit_revision_item.ordinal 
_pdbx_audit_revision_item.revision_ordinal 
_pdbx_audit_revision_item.data_content_type 
_pdbx_audit_revision_item.item 
1  2 'Structure model' '_database_2.pdbx_DOI'                       
2  2 'Structure model' '_database_2.pdbx_database_accession'        
3  2 'Structure model' '_pdbx_struct_conn_angle.ptnr1_auth_seq_id'  
4  2 'Structure model' '_pdbx_struct_conn_angle.ptnr1_label_seq_id' 
5  2 'Structure model' '_pdbx_struct_conn_angle.ptnr3_auth_seq_id'  
6  2 'Structure model' '_pdbx_struct_conn_angle.ptnr3_label_seq_id' 
7  2 'Structure model' '_pdbx_struct_conn_angle.value'              
8  2 'Structure model' '_struct_conn.pdbx_dist_value'               
9  2 'Structure model' '_struct_conn.ptnr1_auth_comp_id'            
10 2 'Structure model' '_struct_conn.ptnr1_auth_seq_id'             
11 2 'Structure model' '_struct_conn.ptnr1_label_asym_id'           
12 2 'Structure model' '_struct_conn.ptnr1_label_atom_id'           
13 2 'Structure model' '_struct_conn.ptnr1_label_comp_id'           
14 2 'Structure model' '_struct_conn.ptnr1_label_seq_id'            
15 2 'Structure model' '_struct_conn.ptnr2_auth_comp_id'            
16 2 'Structure model' '_struct_conn.ptnr2_auth_seq_id'             
17 2 'Structure model' '_struct_conn.ptnr2_label_asym_id'           
18 2 'Structure model' '_struct_conn.ptnr2_label_atom_id'           
19 2 'Structure model' '_struct_conn.ptnr2_label_comp_id'           
20 2 'Structure model' '_struct_conn.ptnr2_symmetry'                
# 
_pdbx_database_status.status_code                     REL 
_pdbx_database_status.status_code_sf                  REL 
_pdbx_database_status.status_code_mr                  ? 
_pdbx_database_status.entry_id                        6IMZ 
_pdbx_database_status.recvd_initial_deposition_date   2018-10-24 
_pdbx_database_status.SG_entry                        N 
_pdbx_database_status.deposit_site                    PDBJ 
_pdbx_database_status.process_site                    PDBJ 
_pdbx_database_status.status_code_cs                  ? 
_pdbx_database_status.methods_development_category    ? 
_pdbx_database_status.pdb_format_compatible           Y 
_pdbx_database_status.status_code_nmr_data            ? 
# 
loop_
_audit_author.name 
_audit_author.pdbx_ordinal 
_audit_author.identifier_ORCID 
'Yokoyama, T.'  1 0000-0002-5362-8606 
'Kosaka, Y.'    2 ?                   
'Matsumoto, K.' 3 ?                   
'Kitakami, R.'  4 ?                   
'Nabeshima, Y.' 5 ?                   
'Mizuguchi, M.' 6 ?                   
# 
_citation.abstract                  ? 
_citation.abstract_id_CAS           ? 
_citation.book_id_ISBN              ? 
_citation.book_publisher            ? 
_citation.book_publisher_city       ? 
_citation.book_title                ? 
_citation.coordinate_linkage        ? 
_citation.country                   ? 
_citation.database_id_Medline       ? 
_citation.details                   ? 
_citation.id                        primary 
_citation.journal_abbrev            'To Be Published' 
_citation.journal_id_ASTM           ? 
_citation.journal_id_CSD            0353 
_citation.journal_id_ISSN           ? 
_citation.journal_full              ? 
_citation.journal_issue             ? 
_citation.journal_volume            ? 
_citation.language                  ? 
_citation.page_first                ? 
_citation.page_last                 ? 
_citation.title                     'Crown Ethers as Transthyretin Amyloidogenesis Inhibitor' 
_citation.year                      ? 
_citation.database_id_CSD           ? 
_citation.pdbx_database_id_DOI      ? 
_citation.pdbx_database_id_PubMed   ? 
_citation.unpublished_flag          ? 
# 
loop_
_citation_author.citation_id 
_citation_author.name 
_citation_author.ordinal 
_citation_author.identifier_ORCID 
primary 'Yokoyama, T.'  1 0000-0002-5362-8606 
primary 'Kosaka, Y.'    2 ?                   
primary 'Matsumoto, K.' 3 ?                   
primary 'Kitakami, R.'  4 ?                   
primary 'Nabeshima, Y.' 5 ?                   
primary 'Mizuguchi, M.' 6 ?                   
# 
loop_
_entity.id 
_entity.type 
_entity.src_method 
_entity.pdbx_description 
_entity.formula_weight 
_entity.pdbx_number_of_molecules 
_entity.pdbx_ec 
_entity.pdbx_mutation 
_entity.pdbx_fragment 
_entity.details 
1 polymer     man '7,8-dihydro-8-oxoguanine triphosphatase'                                                            18985.562 1 
3.6.1.55,3.6.1.56 ? ? ? 
2 non-polymer syn 'ZINC ION'                                                                                           65.409    3 
?                 ? ? ? 
3 non-polymer syn 'SULFATE ION'                                                                                        96.063    1 
?                 ? ? ? 
4 non-polymer syn 1,4,7,10,13,16-HEXAOXACYCLOOCTADECANE                                                                264.315   2 
?                 ? ? ? 
5 non-polymer syn '3-[(1R)-1-(2,6-dichloro-3-fluorophenyl)ethoxy]-5-(1-piperidin-4-yl-1H-pyrazol-4-yl)pyridin-2-amine' 450.337   1 
?                 ? ? ? 
6 water       nat water                                                                                                18.015    
64 ?                 ? ? ? 
# 
_entity_name_com.entity_id   1 
_entity_name_com.name        
'2-hydroxy-dATP diphosphatase,8-oxo-dGTPase,Nucleoside diphosphate-linked moiety X motif 1,Nudix motif 1' 
# 
_entity_poly.entity_id                      1 
_entity_poly.type                           'polypeptide(L)' 
_entity_poly.nstd_linkage                   no 
_entity_poly.nstd_monomer                   no 
_entity_poly.pdbx_seq_one_letter_code       
;MASRLYTLVLVLQPQRVLLGMKKRGFGAGRWNGFGGKVQEGETIEDGARRELQEESGLTVDALHKVGQIVFEFVGEPELM
DVHVFCTDSIQGTPVESDEMRPCWFQLDQIPFKDMWPDDSYWFPLLLQKKKFHGYFKFQGQDTILDYTLREVDTVLEHHH
HHH
;
_entity_poly.pdbx_seq_one_letter_code_can   
;MASRLYTLVLVLQPQRVLLGMKKRGFGAGRWNGFGGKVQEGETIEDGARRELQEESGLTVDALHKVGQIVFEFVGEPELM
DVHVFCTDSIQGTPVESDEMRPCWFQLDQIPFKDMWPDDSYWFPLLLQKKKFHGYFKFQGQDTILDYTLREVDTVLEHHH
HHH
;
_entity_poly.pdbx_strand_id                 A 
_entity_poly.pdbx_target_identifier         ? 
# 
loop_
_pdbx_entity_nonpoly.entity_id 
_pdbx_entity_nonpoly.name 
_pdbx_entity_nonpoly.comp_id 
2 'ZINC ION'                                                                                           ZN  
3 'SULFATE ION'                                                                                        SO4 
4 1,4,7,10,13,16-HEXAOXACYCLOOCTADECANE                                                                O4B 
5 '3-[(1R)-1-(2,6-dichloro-3-fluorophenyl)ethoxy]-5-(1-piperidin-4-yl-1H-pyrazol-4-yl)pyridin-2-amine' VGH 
6 water                                                                                                HOH 
# 
loop_
_entity_poly_seq.entity_id 
_entity_poly_seq.num 
_entity_poly_seq.mon_id 
_entity_poly_seq.hetero 
1 1   MET n 
1 2   ALA n 
1 3   SER n 
1 4   ARG n 
1 5   LEU n 
1 6   TYR n 
1 7   THR n 
1 8   LEU n 
1 9   VAL n 
1 10  LEU n 
1 11  VAL n 
1 12  LEU n 
1 13  GLN n 
1 14  PRO n 
1 15  GLN n 
1 16  ARG n 
1 17  VAL n 
1 18  LEU n 
1 19  LEU n 
1 20  GLY n 
1 21  MET n 
1 22  LYS n 
1 23  LYS n 
1 24  ARG n 
1 25  GLY n 
1 26  PHE n 
1 27  GLY n 
1 28  ALA n 
1 29  GLY n 
1 30  ARG n 
1 31  TRP n 
1 32  ASN n 
1 33  GLY n 
1 34  PHE n 
1 35  GLY n 
1 36  GLY n 
1 37  LYS n 
1 38  VAL n 
1 39  GLN n 
1 40  GLU n 
1 41  GLY n 
1 42  GLU n 
1 43  THR n 
1 44  ILE n 
1 45  GLU n 
1 46  ASP n 
1 47  GLY n 
1 48  ALA n 
1 49  ARG n 
1 50  ARG n 
1 51  GLU n 
1 52  LEU n 
1 53  GLN n 
1 54  GLU n 
1 55  GLU n 
1 56  SER n 
1 57  GLY n 
1 58  LEU n 
1 59  THR n 
1 60  VAL n 
1 61  ASP n 
1 62  ALA n 
1 63  LEU n 
1 64  HIS n 
1 65  LYS n 
1 66  VAL n 
1 67  GLY n 
1 68  GLN n 
1 69  ILE n 
1 70  VAL n 
1 71  PHE n 
1 72  GLU n 
1 73  PHE n 
1 74  VAL n 
1 75  GLY n 
1 76  GLU n 
1 77  PRO n 
1 78  GLU n 
1 79  LEU n 
1 80  MET n 
1 81  ASP n 
1 82  VAL n 
1 83  HIS n 
1 84  VAL n 
1 85  PHE n 
1 86  CYS n 
1 87  THR n 
1 88  ASP n 
1 89  SER n 
1 90  ILE n 
1 91  GLN n 
1 92  GLY n 
1 93  THR n 
1 94  PRO n 
1 95  VAL n 
1 96  GLU n 
1 97  SER n 
1 98  ASP n 
1 99  GLU n 
1 100 MET n 
1 101 ARG n 
1 102 PRO n 
1 103 CYS n 
1 104 TRP n 
1 105 PHE n 
1 106 GLN n 
1 107 LEU n 
1 108 ASP n 
1 109 GLN n 
1 110 ILE n 
1 111 PRO n 
1 112 PHE n 
1 113 LYS n 
1 114 ASP n 
1 115 MET n 
1 116 TRP n 
1 117 PRO n 
1 118 ASP n 
1 119 ASP n 
1 120 SER n 
1 121 TYR n 
1 122 TRP n 
1 123 PHE n 
1 124 PRO n 
1 125 LEU n 
1 126 LEU n 
1 127 LEU n 
1 128 GLN n 
1 129 LYS n 
1 130 LYS n 
1 131 LYS n 
1 132 PHE n 
1 133 HIS n 
1 134 GLY n 
1 135 TYR n 
1 136 PHE n 
1 137 LYS n 
1 138 PHE n 
1 139 GLN n 
1 140 GLY n 
1 141 GLN n 
1 142 ASP n 
1 143 THR n 
1 144 ILE n 
1 145 LEU n 
1 146 ASP n 
1 147 TYR n 
1 148 THR n 
1 149 LEU n 
1 150 ARG n 
1 151 GLU n 
1 152 VAL n 
1 153 ASP n 
1 154 THR n 
1 155 VAL n 
1 156 LEU n 
1 157 GLU n 
1 158 HIS n 
1 159 HIS n 
1 160 HIS n 
1 161 HIS n 
1 162 HIS n 
1 163 HIS n 
# 
_entity_src_gen.entity_id                          1 
_entity_src_gen.pdbx_src_id                        1 
_entity_src_gen.pdbx_alt_source_flag               sample 
_entity_src_gen.pdbx_seq_type                      'Biological sequence' 
_entity_src_gen.pdbx_beg_seq_num                   1 
_entity_src_gen.pdbx_end_seq_num                   163 
_entity_src_gen.gene_src_common_name               Human 
_entity_src_gen.gene_src_genus                     ? 
_entity_src_gen.pdbx_gene_src_gene                 'NUDT1, MTH1' 
_entity_src_gen.gene_src_species                   ? 
_entity_src_gen.gene_src_strain                    ? 
_entity_src_gen.gene_src_tissue                    ? 
_entity_src_gen.gene_src_tissue_fraction           ? 
_entity_src_gen.gene_src_details                   ? 
_entity_src_gen.pdbx_gene_src_fragment             ? 
_entity_src_gen.pdbx_gene_src_scientific_name      'Homo sapiens' 
_entity_src_gen.pdbx_gene_src_ncbi_taxonomy_id     9606 
_entity_src_gen.pdbx_gene_src_variant              ? 
_entity_src_gen.pdbx_gene_src_cell_line            ? 
_entity_src_gen.pdbx_gene_src_atcc                 ? 
_entity_src_gen.pdbx_gene_src_organ                ? 
_entity_src_gen.pdbx_gene_src_organelle            ? 
_entity_src_gen.pdbx_gene_src_cell                 ? 
_entity_src_gen.pdbx_gene_src_cellular_location    ? 
_entity_src_gen.host_org_common_name               ? 
_entity_src_gen.pdbx_host_org_scientific_name      'Escherichia coli' 
_entity_src_gen.pdbx_host_org_ncbi_taxonomy_id     562 
_entity_src_gen.host_org_genus                     ? 
_entity_src_gen.pdbx_host_org_gene                 ? 
_entity_src_gen.pdbx_host_org_organ                ? 
_entity_src_gen.host_org_species                   ? 
_entity_src_gen.pdbx_host_org_tissue               ? 
_entity_src_gen.pdbx_host_org_tissue_fraction      ? 
_entity_src_gen.pdbx_host_org_strain               ? 
_entity_src_gen.pdbx_host_org_variant              ? 
_entity_src_gen.pdbx_host_org_cell_line            ? 
_entity_src_gen.pdbx_host_org_atcc                 ? 
_entity_src_gen.pdbx_host_org_culture_collection   ? 
_entity_src_gen.pdbx_host_org_cell                 ? 
_entity_src_gen.pdbx_host_org_organelle            ? 
_entity_src_gen.pdbx_host_org_cellular_location    ? 
_entity_src_gen.pdbx_host_org_vector_type          ? 
_entity_src_gen.pdbx_host_org_vector               ? 
_entity_src_gen.host_org_details                   ? 
_entity_src_gen.expression_system_id               ? 
_entity_src_gen.plasmid_name                       ? 
_entity_src_gen.plasmid_details                    ? 
_entity_src_gen.pdbx_description                   ? 
# 
loop_
_chem_comp.id 
_chem_comp.type 
_chem_comp.mon_nstd_flag 
_chem_comp.name 
_chem_comp.pdbx_synonyms 
_chem_comp.formula 
_chem_comp.formula_weight 
ALA 'L-peptide linking' y ALANINE                                                                                              ? 
'C3 H7 N O2'         89.093  
ARG 'L-peptide linking' y ARGININE                                                                                             ? 
'C6 H15 N4 O2 1'     175.209 
ASN 'L-peptide linking' y ASPARAGINE                                                                                           ? 
'C4 H8 N2 O3'        132.118 
ASP 'L-peptide linking' y 'ASPARTIC ACID'                                                                                      ? 
'C4 H7 N O4'         133.103 
CYS 'L-peptide linking' y CYSTEINE                                                                                             ? 
'C3 H7 N O2 S'       121.158 
GLN 'L-peptide linking' y GLUTAMINE                                                                                            ? 
'C5 H10 N2 O3'       146.144 
GLU 'L-peptide linking' y 'GLUTAMIC ACID'                                                                                      ? 
'C5 H9 N O4'         147.129 
GLY 'peptide linking'   y GLYCINE                                                                                              ? 
'C2 H5 N O2'         75.067  
HIS 'L-peptide linking' y HISTIDINE                                                                                            ? 
'C6 H10 N3 O2 1'     156.162 
HOH non-polymer         . WATER                                                                                                ? 
'H2 O'               18.015  
ILE 'L-peptide linking' y ISOLEUCINE                                                                                           ? 
'C6 H13 N O2'        131.173 
LEU 'L-peptide linking' y LEUCINE                                                                                              ? 
'C6 H13 N O2'        131.173 
LYS 'L-peptide linking' y LYSINE                                                                                               ? 
'C6 H15 N2 O2 1'     147.195 
MET 'L-peptide linking' y METHIONINE                                                                                           ? 
'C5 H11 N O2 S'      149.211 
O4B non-polymer         . 1,4,7,10,13,16-HEXAOXACYCLOOCTADECANE                                                                ? 
'C12 H24 O6'         264.315 
PHE 'L-peptide linking' y PHENYLALANINE                                                                                        ? 
'C9 H11 N O2'        165.189 
PRO 'L-peptide linking' y PROLINE                                                                                              ? 
'C5 H9 N O2'         115.130 
SER 'L-peptide linking' y SERINE                                                                                               ? 
'C3 H7 N O3'         105.093 
SO4 non-polymer         . 'SULFATE ION'                                                                                        ? 
'O4 S -2'            96.063  
THR 'L-peptide linking' y THREONINE                                                                                            ? 
'C4 H9 N O3'         119.119 
TRP 'L-peptide linking' y TRYPTOPHAN                                                                                           ? 
'C11 H12 N2 O2'      204.225 
TYR 'L-peptide linking' y TYROSINE                                                                                             ? 
'C9 H11 N O3'        181.189 
VAL 'L-peptide linking' y VALINE                                                                                               ? 
'C5 H11 N O2'        117.146 
VGH non-polymer         . '3-[(1R)-1-(2,6-dichloro-3-fluorophenyl)ethoxy]-5-(1-piperidin-4-yl-1H-pyrazol-4-yl)pyridin-2-amine' 
CRIZOTINIB 'C21 H22 Cl2 F N5 O' 450.337 
ZN  non-polymer         . 'ZINC ION'                                                                                           ? 
'Zn 2'               65.409  
# 
loop_
_pdbx_poly_seq_scheme.asym_id 
_pdbx_poly_seq_scheme.entity_id 
_pdbx_poly_seq_scheme.seq_id 
_pdbx_poly_seq_scheme.mon_id 
_pdbx_poly_seq_scheme.ndb_seq_num 
_pdbx_poly_seq_scheme.pdb_seq_num 
_pdbx_poly_seq_scheme.auth_seq_num 
_pdbx_poly_seq_scheme.pdb_mon_id 
_pdbx_poly_seq_scheme.auth_mon_id 
_pdbx_poly_seq_scheme.pdb_strand_id 
_pdbx_poly_seq_scheme.pdb_ins_code 
_pdbx_poly_seq_scheme.hetero 
A 1 1   MET 1   2   ?   ?   ?   A . n 
A 1 2   ALA 2   3   3   ALA ALA A . n 
A 1 3   SER 3   4   4   SER SER A . n 
A 1 4   ARG 4   5   5   ARG ARG A . n 
A 1 5   LEU 5   6   6   LEU LEU A . n 
A 1 6   TYR 6   7   7   TYR TYR A . n 
A 1 7   THR 7   8   8   THR THR A . n 
A 1 8   LEU 8   9   9   LEU LEU A . n 
A 1 9   VAL 9   10  10  VAL VAL A . n 
A 1 10  LEU 10  11  11  LEU LEU A . n 
A 1 11  VAL 11  12  12  VAL VAL A . n 
A 1 12  LEU 12  13  13  LEU LEU A . n 
A 1 13  GLN 13  14  14  GLN GLN A . n 
A 1 14  PRO 14  15  15  PRO PRO A . n 
A 1 15  GLN 15  16  16  GLN GLN A . n 
A 1 16  ARG 16  17  17  ARG ARG A . n 
A 1 17  VAL 17  18  18  VAL VAL A . n 
A 1 18  LEU 18  19  19  LEU LEU A . n 
A 1 19  LEU 19  20  20  LEU LEU A . n 
A 1 20  GLY 20  21  21  GLY GLY A . n 
A 1 21  MET 21  22  22  MET MET A . n 
A 1 22  LYS 22  23  23  LYS LYS A . n 
A 1 23  LYS 23  24  24  LYS LYS A . n 
A 1 24  ARG 24  25  25  ARG ARG A . n 
A 1 25  GLY 25  26  26  GLY GLY A . n 
A 1 26  PHE 26  27  27  PHE PHE A . n 
A 1 27  GLY 27  28  28  GLY GLY A . n 
A 1 28  ALA 28  29  29  ALA ALA A . n 
A 1 29  GLY 29  30  30  GLY GLY A . n 
A 1 30  ARG 30  31  31  ARG ARG A . n 
A 1 31  TRP 31  32  32  TRP TRP A . n 
A 1 32  ASN 32  33  33  ASN ASN A . n 
A 1 33  GLY 33  34  34  GLY GLY A . n 
A 1 34  PHE 34  35  35  PHE PHE A . n 
A 1 35  GLY 35  36  36  GLY GLY A . n 
A 1 36  GLY 36  37  37  GLY GLY A . n 
A 1 37  LYS 37  38  38  LYS LYS A . n 
A 1 38  VAL 38  39  39  VAL VAL A . n 
A 1 39  GLN 39  40  40  GLN GLN A . n 
A 1 40  GLU 40  41  41  GLU GLU A . n 
A 1 41  GLY 41  42  42  GLY GLY A . n 
A 1 42  GLU 42  43  43  GLU GLU A . n 
A 1 43  THR 43  44  44  THR THR A . n 
A 1 44  ILE 44  45  45  ILE ILE A . n 
A 1 45  GLU 45  46  46  GLU GLU A . n 
A 1 46  ASP 46  47  47  ASP ASP A . n 
A 1 47  GLY 47  48  48  GLY GLY A . n 
A 1 48  ALA 48  49  49  ALA ALA A . n 
A 1 49  ARG 49  50  50  ARG ARG A . n 
A 1 50  ARG 50  51  51  ARG ARG A . n 
A 1 51  GLU 51  52  52  GLU GLU A . n 
A 1 52  LEU 52  53  53  LEU LEU A . n 
A 1 53  GLN 53  54  54  GLN GLN A . n 
A 1 54  GLU 54  55  55  GLU GLU A . n 
A 1 55  GLU 55  56  56  GLU GLU A . n 
A 1 56  SER 56  57  57  SER SER A . n 
A 1 57  GLY 57  58  58  GLY GLY A . n 
A 1 58  LEU 58  59  59  LEU LEU A . n 
A 1 59  THR 59  60  60  THR THR A . n 
A 1 60  VAL 60  61  61  VAL VAL A . n 
A 1 61  ASP 61  62  62  ASP ASP A . n 
A 1 62  ALA 62  63  63  ALA ALA A . n 
A 1 63  LEU 63  64  64  LEU LEU A . n 
A 1 64  HIS 64  65  65  HIS HIS A . n 
A 1 65  LYS 65  66  66  LYS LYS A . n 
A 1 66  VAL 66  67  67  VAL VAL A . n 
A 1 67  GLY 67  68  68  GLY GLY A . n 
A 1 68  GLN 68  69  69  GLN GLN A . n 
A 1 69  ILE 69  70  70  ILE ILE A . n 
A 1 70  VAL 70  71  71  VAL VAL A . n 
A 1 71  PHE 71  72  72  PHE PHE A . n 
A 1 72  GLU 72  73  73  GLU GLU A . n 
A 1 73  PHE 73  74  74  PHE PHE A . n 
A 1 74  VAL 74  75  75  VAL VAL A . n 
A 1 75  GLY 75  76  76  GLY GLY A . n 
A 1 76  GLU 76  77  77  GLU GLU A . n 
A 1 77  PRO 77  78  78  PRO PRO A . n 
A 1 78  GLU 78  79  79  GLU GLU A . n 
A 1 79  LEU 79  80  80  LEU LEU A . n 
A 1 80  MET 80  81  81  MET MET A . n 
A 1 81  ASP 81  82  82  ASP ASP A . n 
A 1 82  VAL 82  83  83  VAL VAL A . n 
A 1 83  HIS 83  84  84  HIS HIS A . n 
A 1 84  VAL 84  85  85  VAL VAL A . n 
A 1 85  PHE 85  86  86  PHE PHE A . n 
A 1 86  CYS 86  87  87  CYS CYS A . n 
A 1 87  THR 87  88  88  THR THR A . n 
A 1 88  ASP 88  89  89  ASP ASP A . n 
A 1 89  SER 89  90  90  SER SER A . n 
A 1 90  ILE 90  91  91  ILE ILE A . n 
A 1 91  GLN 91  92  92  GLN GLN A . n 
A 1 92  GLY 92  93  93  GLY GLY A . n 
A 1 93  THR 93  94  94  THR THR A . n 
A 1 94  PRO 94  95  95  PRO PRO A . n 
A 1 95  VAL 95  96  96  VAL VAL A . n 
A 1 96  GLU 96  97  97  GLU GLU A . n 
A 1 97  SER 97  98  98  SER SER A . n 
A 1 98  ASP 98  99  99  ASP ASP A . n 
A 1 99  GLU 99  100 100 GLU GLU A . n 
A 1 100 MET 100 101 101 MET MET A . n 
A 1 101 ARG 101 102 102 ARG ARG A . n 
A 1 102 PRO 102 103 103 PRO PRO A . n 
A 1 103 CYS 103 104 104 CYS CYS A . n 
A 1 104 TRP 104 105 105 TRP TRP A . n 
A 1 105 PHE 105 106 106 PHE PHE A . n 
A 1 106 GLN 106 107 107 GLN GLN A . n 
A 1 107 LEU 107 108 108 LEU LEU A . n 
A 1 108 ASP 108 109 109 ASP ASP A . n 
A 1 109 GLN 109 110 110 GLN GLN A . n 
A 1 110 ILE 110 111 111 ILE ILE A . n 
A 1 111 PRO 111 112 112 PRO PRO A . n 
A 1 112 PHE 112 113 113 PHE PHE A . n 
A 1 113 LYS 113 114 114 LYS LYS A . n 
A 1 114 ASP 114 115 115 ASP ASP A . n 
A 1 115 MET 115 116 116 MET MET A . n 
A 1 116 TRP 116 117 117 TRP TRP A . n 
A 1 117 PRO 117 118 118 PRO PRO A . n 
A 1 118 ASP 118 119 119 ASP ASP A . n 
A 1 119 ASP 119 120 120 ASP ASP A . n 
A 1 120 SER 120 121 121 SER SER A . n 
A 1 121 TYR 121 122 122 TYR TYR A . n 
A 1 122 TRP 122 123 123 TRP TRP A . n 
A 1 123 PHE 123 124 124 PHE PHE A . n 
A 1 124 PRO 124 125 125 PRO PRO A . n 
A 1 125 LEU 125 126 126 LEU LEU A . n 
A 1 126 LEU 126 127 127 LEU LEU A . n 
A 1 127 LEU 127 128 128 LEU LEU A . n 
A 1 128 GLN 128 129 129 GLN GLN A . n 
A 1 129 LYS 129 130 130 LYS LYS A . n 
A 1 130 LYS 130 131 131 LYS LYS A . n 
A 1 131 LYS 131 132 132 LYS LYS A . n 
A 1 132 PHE 132 133 133 PHE PHE A . n 
A 1 133 HIS 133 134 134 HIS HIS A . n 
A 1 134 GLY 134 135 135 GLY GLY A . n 
A 1 135 TYR 135 136 136 TYR TYR A . n 
A 1 136 PHE 136 137 137 PHE PHE A . n 
A 1 137 LYS 137 138 138 LYS LYS A . n 
A 1 138 PHE 138 139 139 PHE PHE A . n 
A 1 139 GLN 139 140 140 GLN GLN A . n 
A 1 140 GLY 140 141 141 GLY GLY A . n 
A 1 141 GLN 141 142 142 GLN GLN A . n 
A 1 142 ASP 142 143 143 ASP ASP A . n 
A 1 143 THR 143 144 144 THR THR A . n 
A 1 144 ILE 144 145 145 ILE ILE A . n 
A 1 145 LEU 145 146 146 LEU LEU A . n 
A 1 146 ASP 146 147 147 ASP ASP A . n 
A 1 147 TYR 147 148 148 TYR TYR A . n 
A 1 148 THR 148 149 149 THR THR A . n 
A 1 149 LEU 149 150 150 LEU LEU A . n 
A 1 150 ARG 150 151 151 ARG ARG A . n 
A 1 151 GLU 151 152 152 GLU GLU A . n 
A 1 152 VAL 152 153 153 VAL VAL A . n 
A 1 153 ASP 153 154 154 ASP ASP A . n 
A 1 154 THR 154 155 155 THR THR A . n 
A 1 155 VAL 155 156 156 VAL VAL A . n 
A 1 156 LEU 156 157 157 LEU LEU A . n 
A 1 157 GLU 157 158 158 GLU GLU A . n 
A 1 158 HIS 158 159 159 HIS HIS A . n 
A 1 159 HIS 159 160 160 HIS HIS A . n 
A 1 160 HIS 160 161 161 HIS HIS A . n 
A 1 161 HIS 161 162 162 HIS HIS A . n 
A 1 162 HIS 162 163 163 HIS HIS A . n 
A 1 163 HIS 163 164 164 HIS HIS A . n 
# 
loop_
_pdbx_nonpoly_scheme.asym_id 
_pdbx_nonpoly_scheme.entity_id 
_pdbx_nonpoly_scheme.mon_id 
_pdbx_nonpoly_scheme.ndb_seq_num 
_pdbx_nonpoly_scheme.pdb_seq_num 
_pdbx_nonpoly_scheme.auth_seq_num 
_pdbx_nonpoly_scheme.pdb_mon_id 
_pdbx_nonpoly_scheme.auth_mon_id 
_pdbx_nonpoly_scheme.pdb_strand_id 
_pdbx_nonpoly_scheme.pdb_ins_code 
B 2 ZN  1  201 202 ZN  ZN  A . 
C 2 ZN  1  202 203 ZN  ZN  A . 
D 3 SO4 1  203 204 SO4 SO4 A . 
E 4 O4B 1  204 200 O4B O4B A . 
F 5 VGH 1  205 201 VGH DRG A . 
G 2 ZN  1  206 205 ZN  ZN  A . 
H 4 O4B 1  207 199 O4B O4B A . 
I 6 HOH 1  301 40  HOH HOH A . 
I 6 HOH 2  302 54  HOH HOH A . 
I 6 HOH 3  303 28  HOH HOH A . 
I 6 HOH 4  304 50  HOH HOH A . 
I 6 HOH 5  305 17  HOH HOH A . 
I 6 HOH 6  306 22  HOH HOH A . 
I 6 HOH 7  307 29  HOH HOH A . 
I 6 HOH 8  308 34  HOH HOH A . 
I 6 HOH 9  309 61  HOH HOH A . 
I 6 HOH 10 310 21  HOH HOH A . 
I 6 HOH 11 311 20  HOH HOH A . 
I 6 HOH 12 312 39  HOH HOH A . 
I 6 HOH 13 313 57  HOH HOH A . 
I 6 HOH 14 314 36  HOH HOH A . 
I 6 HOH 15 315 51  HOH HOH A . 
I 6 HOH 16 316 26  HOH HOH A . 
I 6 HOH 17 317 1   HOH HOH A . 
I 6 HOH 18 318 60  HOH HOH A . 
I 6 HOH 19 319 33  HOH HOH A . 
I 6 HOH 20 320 9   HOH HOH A . 
I 6 HOH 21 321 4   HOH HOH A . 
I 6 HOH 22 322 10  HOH HOH A . 
I 6 HOH 23 323 41  HOH HOH A . 
I 6 HOH 24 324 23  HOH HOH A . 
I 6 HOH 25 325 18  HOH HOH A . 
I 6 HOH 26 326 13  HOH HOH A . 
I 6 HOH 27 327 16  HOH HOH A . 
I 6 HOH 28 328 24  HOH HOH A . 
I 6 HOH 29 329 35  HOH HOH A . 
I 6 HOH 30 330 14  HOH HOH A . 
I 6 HOH 31 331 62  HOH HOH A . 
I 6 HOH 32 332 7   HOH HOH A . 
I 6 HOH 33 333 19  HOH HOH A . 
I 6 HOH 34 334 15  HOH HOH A . 
I 6 HOH 35 335 48  HOH HOH A . 
I 6 HOH 36 336 6   HOH HOH A . 
I 6 HOH 37 337 8   HOH HOH A . 
I 6 HOH 38 338 2   HOH HOH A . 
I 6 HOH 39 339 38  HOH HOH A . 
I 6 HOH 40 340 25  HOH HOH A . 
I 6 HOH 41 341 27  HOH HOH A . 
I 6 HOH 42 342 47  HOH HOH A . 
I 6 HOH 43 343 30  HOH HOH A . 
I 6 HOH 44 344 5   HOH HOH A . 
I 6 HOH 45 345 32  HOH HOH A . 
I 6 HOH 46 346 42  HOH HOH A . 
I 6 HOH 47 347 44  HOH HOH A . 
I 6 HOH 48 348 46  HOH HOH A . 
I 6 HOH 49 349 49  HOH HOH A . 
I 6 HOH 50 350 55  HOH HOH A . 
I 6 HOH 51 351 52  HOH HOH A . 
I 6 HOH 52 352 11  HOH HOH A . 
I 6 HOH 53 353 59  HOH HOH A . 
I 6 HOH 54 354 3   HOH HOH A . 
I 6 HOH 55 355 43  HOH HOH A . 
I 6 HOH 56 356 56  HOH HOH A . 
I 6 HOH 57 357 12  HOH HOH A . 
I 6 HOH 58 358 31  HOH HOH A . 
I 6 HOH 59 359 58  HOH HOH A . 
I 6 HOH 60 360 37  HOH HOH A . 
I 6 HOH 61 361 53  HOH HOH A . 
I 6 HOH 62 362 64  HOH HOH A . 
I 6 HOH 63 363 45  HOH HOH A . 
I 6 HOH 64 364 63  HOH HOH A . 
# 
loop_
_pdbx_unobs_or_zero_occ_atoms.id 
_pdbx_unobs_or_zero_occ_atoms.PDB_model_num 
_pdbx_unobs_or_zero_occ_atoms.polymer_flag 
_pdbx_unobs_or_zero_occ_atoms.occupancy_flag 
_pdbx_unobs_or_zero_occ_atoms.auth_asym_id 
_pdbx_unobs_or_zero_occ_atoms.auth_comp_id 
_pdbx_unobs_or_zero_occ_atoms.auth_seq_id 
_pdbx_unobs_or_zero_occ_atoms.PDB_ins_code 
_pdbx_unobs_or_zero_occ_atoms.auth_atom_id 
_pdbx_unobs_or_zero_occ_atoms.label_alt_id 
_pdbx_unobs_or_zero_occ_atoms.label_asym_id 
_pdbx_unobs_or_zero_occ_atoms.label_comp_id 
_pdbx_unobs_or_zero_occ_atoms.label_seq_id 
_pdbx_unobs_or_zero_occ_atoms.label_atom_id 
1 1 Y 1 A GLU 100 ? CG  ? A GLU 99  CG  
2 1 Y 1 A GLU 100 ? CD  ? A GLU 99  CD  
3 1 Y 1 A GLU 100 ? OE1 ? A GLU 99  OE1 
4 1 Y 1 A GLU 100 ? OE2 ? A GLU 99  OE2 
5 1 Y 1 A ARG 151 ? CZ  ? A ARG 150 CZ  
6 1 Y 1 A ARG 151 ? NH1 ? A ARG 150 NH1 
7 1 Y 1 A ARG 151 ? NH2 ? A ARG 150 NH2 
# 
loop_
_software.citation_id 
_software.classification 
_software.compiler_name 
_software.compiler_version 
_software.contact_author 
_software.contact_author_email 
_software.date 
_software.description 
_software.dependencies 
_software.hardware 
_software.language 
_software.location 
_software.mods 
_software.name 
_software.os 
_software.os_version 
_software.type 
_software.version 
_software.pdbx_ordinal 
? refinement       ? ? ? ? ? ? ? ? ? ? ? PHENIX ? ? ? '(1.10.1-2155_1069: ???)' 1 
? 'data reduction' ? ? ? ? ? ? ? ? ? ? ? XDS    ? ? ? .                         2 
? 'data scaling'   ? ? ? ? ? ? ? ? ? ? ? XSCALE ? ? ? .                         3 
? phasing          ? ? ? ? ? ? ? ? ? ? ? MOLREP ? ? ? .                         4 
# 
_cell.angle_alpha                  90.00 
_cell.angle_alpha_esd              ? 
_cell.angle_beta                   90.00 
_cell.angle_beta_esd               ? 
_cell.angle_gamma                  90.00 
_cell.angle_gamma_esd              ? 
_cell.entry_id                     6IMZ 
_cell.details                      ? 
_cell.formula_units_Z              ? 
_cell.length_a                     66.434 
_cell.length_a_esd                 ? 
_cell.length_b                     66.434 
_cell.length_b_esd                 ? 
_cell.length_c                     140.182 
_cell.length_c_esd                 ? 
_cell.volume                       ? 
_cell.volume_esd                   ? 
_cell.Z_PDB                        16 
_cell.reciprocal_angle_alpha       ? 
_cell.reciprocal_angle_beta        ? 
_cell.reciprocal_angle_gamma       ? 
_cell.reciprocal_angle_alpha_esd   ? 
_cell.reciprocal_angle_beta_esd    ? 
_cell.reciprocal_angle_gamma_esd   ? 
_cell.reciprocal_length_a          ? 
_cell.reciprocal_length_b          ? 
_cell.reciprocal_length_c          ? 
_cell.reciprocal_length_a_esd      ? 
_cell.reciprocal_length_b_esd      ? 
_cell.reciprocal_length_c_esd      ? 
_cell.pdbx_unique_axis             ? 
# 
_symmetry.entry_id                         6IMZ 
_symmetry.cell_setting                     ? 
_symmetry.Int_Tables_number                97 
_symmetry.space_group_name_Hall            ? 
_symmetry.space_group_name_H-M             'I 4 2 2' 
_symmetry.pdbx_full_space_group_name_H-M   ? 
# 
_exptl.absorpt_coefficient_mu     ? 
_exptl.absorpt_correction_T_max   ? 
_exptl.absorpt_correction_T_min   ? 
_exptl.absorpt_correction_type    ? 
_exptl.absorpt_process_details    ? 
_exptl.entry_id                   6IMZ 
_exptl.crystals_number            1 
_exptl.details                    ? 
_exptl.method                     'X-RAY DIFFRACTION' 
_exptl.method_details             ? 
# 
_exptl_crystal.colour                      ? 
_exptl_crystal.density_diffrn              ? 
_exptl_crystal.density_Matthews            2.04 
_exptl_crystal.density_method              ? 
_exptl_crystal.density_percent_sol         39.61 
_exptl_crystal.description                 ? 
_exptl_crystal.F_000                       ? 
_exptl_crystal.id                          1 
_exptl_crystal.preparation                 ? 
_exptl_crystal.size_max                    ? 
_exptl_crystal.size_mid                    ? 
_exptl_crystal.size_min                    ? 
_exptl_crystal.size_rad                    ? 
_exptl_crystal.colour_lustre               ? 
_exptl_crystal.colour_modifier             ? 
_exptl_crystal.colour_primary              ? 
_exptl_crystal.density_meas                ? 
_exptl_crystal.density_meas_esd            ? 
_exptl_crystal.density_meas_gt             ? 
_exptl_crystal.density_meas_lt             ? 
_exptl_crystal.density_meas_temp           ? 
_exptl_crystal.density_meas_temp_esd       ? 
_exptl_crystal.density_meas_temp_gt        ? 
_exptl_crystal.density_meas_temp_lt        ? 
_exptl_crystal.pdbx_crystal_image_url      ? 
_exptl_crystal.pdbx_crystal_image_format   ? 
_exptl_crystal.pdbx_mosaicity              ? 
_exptl_crystal.pdbx_mosaicity_esd          ? 
# 
_exptl_crystal_grow.apparatus       ? 
_exptl_crystal_grow.atmosphere      ? 
_exptl_crystal_grow.crystal_id      1 
_exptl_crystal_grow.details         ? 
_exptl_crystal_grow.method          'VAPOR DIFFUSION, SITTING DROP' 
_exptl_crystal_grow.method_ref      ? 
_exptl_crystal_grow.pH              ? 
_exptl_crystal_grow.pressure        ? 
_exptl_crystal_grow.pressure_esd    ? 
_exptl_crystal_grow.seeding         ? 
_exptl_crystal_grow.seeding_ref     ? 
_exptl_crystal_grow.temp            293 
_exptl_crystal_grow.temp_details    ? 
_exptl_crystal_grow.temp_esd        ? 
_exptl_crystal_grow.time            ? 
_exptl_crystal_grow.pdbx_details    '25% PEG3350, 1.8 mM ZnSO4, 6% sucrose, 0.1 M Bis-Tris pH 6.1' 
_exptl_crystal_grow.pdbx_pH_range   ? 
# 
_diffrn.ambient_environment              ? 
_diffrn.ambient_temp                     100 
_diffrn.ambient_temp_details             ? 
_diffrn.ambient_temp_esd                 ? 
_diffrn.crystal_id                       1 
_diffrn.crystal_support                  ? 
_diffrn.crystal_treatment                ? 
_diffrn.details                          ? 
_diffrn.id                               1 
_diffrn.ambient_pressure                 ? 
_diffrn.ambient_pressure_esd             ? 
_diffrn.ambient_pressure_gt              ? 
_diffrn.ambient_pressure_lt              ? 
_diffrn.ambient_temp_gt                  ? 
_diffrn.ambient_temp_lt                  ? 
_diffrn.pdbx_serial_crystal_experiment   N 
# 
_diffrn_detector.details                      ? 
_diffrn_detector.detector                     CCD 
_diffrn_detector.diffrn_id                    1 
_diffrn_detector.type                         'ADSC QUANTUM 315r' 
_diffrn_detector.area_resol_mean              ? 
_diffrn_detector.dtime                        ? 
_diffrn_detector.pdbx_frames_total            ? 
_diffrn_detector.pdbx_collection_time_total   ? 
_diffrn_detector.pdbx_collection_date         2017-04-16 
_diffrn_detector.pdbx_frequency               ? 
# 
_diffrn_radiation.collimation                      ? 
_diffrn_radiation.diffrn_id                        1 
_diffrn_radiation.filter_edge                      ? 
_diffrn_radiation.inhomogeneity                    ? 
_diffrn_radiation.monochromator                    ? 
_diffrn_radiation.polarisn_norm                    ? 
_diffrn_radiation.polarisn_ratio                   ? 
_diffrn_radiation.probe                            ? 
_diffrn_radiation.type                             ? 
_diffrn_radiation.xray_symbol                      ? 
_diffrn_radiation.wavelength_id                    1 
_diffrn_radiation.pdbx_monochromatic_or_laue_m_l   M 
_diffrn_radiation.pdbx_wavelength_list             ? 
_diffrn_radiation.pdbx_wavelength                  ? 
_diffrn_radiation.pdbx_diffrn_protocol             'SINGLE WAVELENGTH' 
_diffrn_radiation.pdbx_analyzer                    ? 
_diffrn_radiation.pdbx_scattering_type             x-ray 
# 
_diffrn_radiation_wavelength.id           1 
_diffrn_radiation_wavelength.wavelength   1 
_diffrn_radiation_wavelength.wt           1.0 
# 
_diffrn_source.current                     ? 
_diffrn_source.details                     ? 
_diffrn_source.diffrn_id                   1 
_diffrn_source.power                       ? 
_diffrn_source.size                        ? 
_diffrn_source.source                      SYNCHROTRON 
_diffrn_source.target                      ? 
_diffrn_source.type                        'PHOTON FACTORY BEAMLINE BL-5A' 
_diffrn_source.voltage                     ? 
_diffrn_source.take-off_angle              ? 
_diffrn_source.pdbx_wavelength_list        1 
_diffrn_source.pdbx_wavelength             ? 
_diffrn_source.pdbx_synchrotron_beamline   BL-5A 
_diffrn_source.pdbx_synchrotron_site       'Photon Factory' 
# 
_reflns.B_iso_Wilson_estimate            ? 
_reflns.entry_id                         6IMZ 
_reflns.data_reduction_details           ? 
_reflns.data_reduction_method            ? 
_reflns.d_resolution_high                2.1 
_reflns.d_resolution_low                 39.02 
_reflns.details                          ? 
_reflns.limit_h_max                      ? 
_reflns.limit_h_min                      ? 
_reflns.limit_k_max                      ? 
_reflns.limit_k_min                      ? 
_reflns.limit_l_max                      ? 
_reflns.limit_l_min                      ? 
_reflns.number_all                       ? 
_reflns.number_obs                       9505 
_reflns.observed_criterion               ? 
_reflns.observed_criterion_F_max         ? 
_reflns.observed_criterion_F_min         ? 
_reflns.observed_criterion_I_max         ? 
_reflns.observed_criterion_I_min         ? 
_reflns.observed_criterion_sigma_F       ? 
_reflns.observed_criterion_sigma_I       ? 
_reflns.percent_possible_obs             99.4 
_reflns.R_free_details                   ? 
_reflns.Rmerge_F_all                     ? 
_reflns.Rmerge_F_obs                     ? 
_reflns.Friedel_coverage                 ? 
_reflns.number_gt                        ? 
_reflns.threshold_expression             ? 
_reflns.pdbx_redundancy                  9.3 
_reflns.pdbx_Rmerge_I_obs                ? 
_reflns.pdbx_Rmerge_I_all                ? 
_reflns.pdbx_Rsym_value                  ? 
_reflns.pdbx_netI_over_av_sigmaI         ? 
_reflns.pdbx_netI_over_sigmaI            19.7 
_reflns.pdbx_res_netI_over_av_sigmaI_2   ? 
_reflns.pdbx_res_netI_over_sigmaI_2      ? 
_reflns.pdbx_chi_squared                 ? 
_reflns.pdbx_scaling_rejects             ? 
_reflns.pdbx_d_res_high_opt              ? 
_reflns.pdbx_d_res_low_opt               ? 
_reflns.pdbx_d_res_opt_method            ? 
_reflns.phase_calculation_details        ? 
_reflns.pdbx_Rrim_I_all                  ? 
_reflns.pdbx_Rpim_I_all                  0.028 
_reflns.pdbx_d_opt                       ? 
_reflns.pdbx_number_measured_all         ? 
_reflns.pdbx_diffrn_id                   1 
_reflns.pdbx_ordinal                     1 
_reflns.pdbx_CC_half                     ? 
_reflns.pdbx_R_split                     ? 
# 
_reflns_shell.d_res_high                  2.1 
_reflns_shell.d_res_low                   2.18 
_reflns_shell.meanI_over_sigI_all         ? 
_reflns_shell.meanI_over_sigI_obs         ? 
_reflns_shell.number_measured_all         ? 
_reflns_shell.number_measured_obs         ? 
_reflns_shell.number_possible             ? 
_reflns_shell.number_unique_all           ? 
_reflns_shell.number_unique_obs           ? 
_reflns_shell.percent_possible_all        ? 
_reflns_shell.percent_possible_obs        ? 
_reflns_shell.Rmerge_F_all                ? 
_reflns_shell.Rmerge_F_obs                ? 
_reflns_shell.Rmerge_I_all                ? 
_reflns_shell.Rmerge_I_obs                ? 
_reflns_shell.meanI_over_sigI_gt          ? 
_reflns_shell.meanI_over_uI_all           ? 
_reflns_shell.meanI_over_uI_gt            ? 
_reflns_shell.number_measured_gt          ? 
_reflns_shell.number_unique_gt            ? 
_reflns_shell.percent_possible_gt         ? 
_reflns_shell.Rmerge_F_gt                 ? 
_reflns_shell.Rmerge_I_gt                 ? 
_reflns_shell.pdbx_redundancy             ? 
_reflns_shell.pdbx_Rsym_value             ? 
_reflns_shell.pdbx_chi_squared            ? 
_reflns_shell.pdbx_netI_over_sigmaI_all   ? 
_reflns_shell.pdbx_netI_over_sigmaI_obs   ? 
_reflns_shell.pdbx_Rrim_I_all             ? 
_reflns_shell.pdbx_Rpim_I_all             0.224 
_reflns_shell.pdbx_rejects                ? 
_reflns_shell.pdbx_ordinal                1 
_reflns_shell.pdbx_diffrn_id              1 
_reflns_shell.pdbx_CC_half                ? 
_reflns_shell.pdbx_R_split                ? 
# 
_refine.aniso_B[1][1]                            ? 
_refine.aniso_B[1][2]                            ? 
_refine.aniso_B[1][3]                            ? 
_refine.aniso_B[2][2]                            ? 
_refine.aniso_B[2][3]                            ? 
_refine.aniso_B[3][3]                            ? 
_refine.B_iso_max                                ? 
_refine.B_iso_mean                               ? 
_refine.B_iso_min                                ? 
_refine.correlation_coeff_Fo_to_Fc               ? 
_refine.correlation_coeff_Fo_to_Fc_free          ? 
_refine.details                                  ? 
_refine.diff_density_max                         ? 
_refine.diff_density_max_esd                     ? 
_refine.diff_density_min                         ? 
_refine.diff_density_min_esd                     ? 
_refine.diff_density_rms                         ? 
_refine.diff_density_rms_esd                     ? 
_refine.entry_id                                 6IMZ 
_refine.pdbx_refine_id                           'X-RAY DIFFRACTION' 
_refine.ls_abs_structure_details                 ? 
_refine.ls_abs_structure_Flack                   ? 
_refine.ls_abs_structure_Flack_esd               ? 
_refine.ls_abs_structure_Rogers                  ? 
_refine.ls_abs_structure_Rogers_esd              ? 
_refine.ls_d_res_high                            2.100 
_refine.ls_d_res_low                             30.017 
_refine.ls_extinction_coef                       ? 
_refine.ls_extinction_coef_esd                   ? 
_refine.ls_extinction_expression                 ? 
_refine.ls_extinction_method                     ? 
_refine.ls_goodness_of_fit_all                   ? 
_refine.ls_goodness_of_fit_all_esd               ? 
_refine.ls_goodness_of_fit_obs                   ? 
_refine.ls_goodness_of_fit_obs_esd               ? 
_refine.ls_hydrogen_treatment                    ? 
_refine.ls_matrix_type                           ? 
_refine.ls_number_constraints                    ? 
_refine.ls_number_parameters                     ? 
_refine.ls_number_reflns_all                     ? 
_refine.ls_number_reflns_obs                     9503 
_refine.ls_number_reflns_R_free                  476 
_refine.ls_number_reflns_R_work                  ? 
_refine.ls_number_restraints                     ? 
_refine.ls_percent_reflns_obs                    99.43 
_refine.ls_percent_reflns_R_free                 5.01 
_refine.ls_R_factor_all                          ? 
_refine.ls_R_factor_obs                          0.1997 
_refine.ls_R_factor_R_free                       0.2277 
_refine.ls_R_factor_R_free_error                 ? 
_refine.ls_R_factor_R_free_error_details         ? 
_refine.ls_R_factor_R_work                       0.1982 
_refine.ls_R_Fsqd_factor_obs                     ? 
_refine.ls_R_I_factor_obs                        ? 
_refine.ls_redundancy_reflns_all                 ? 
_refine.ls_redundancy_reflns_obs                 ? 
_refine.ls_restrained_S_all                      ? 
_refine.ls_restrained_S_obs                      ? 
_refine.ls_shift_over_esd_max                    ? 
_refine.ls_shift_over_esd_mean                   ? 
_refine.ls_structure_factor_coef                 ? 
_refine.ls_weighting_details                     ? 
_refine.ls_weighting_scheme                      ? 
_refine.ls_wR_factor_all                         ? 
_refine.ls_wR_factor_obs                         ? 
_refine.ls_wR_factor_R_free                      ? 
_refine.ls_wR_factor_R_work                      ? 
_refine.occupancy_max                            ? 
_refine.occupancy_min                            ? 
_refine.solvent_model_details                    ? 
_refine.solvent_model_param_bsol                 ? 
_refine.solvent_model_param_ksol                 ? 
_refine.ls_R_factor_gt                           ? 
_refine.ls_goodness_of_fit_gt                    ? 
_refine.ls_goodness_of_fit_ref                   ? 
_refine.ls_shift_over_su_max                     ? 
_refine.ls_shift_over_su_max_lt                  ? 
_refine.ls_shift_over_su_mean                    ? 
_refine.ls_shift_over_su_mean_lt                 ? 
_refine.pdbx_ls_sigma_I                          ? 
_refine.pdbx_ls_sigma_F                          1.36 
_refine.pdbx_ls_sigma_Fsqd                       ? 
_refine.pdbx_data_cutoff_high_absF               ? 
_refine.pdbx_data_cutoff_high_rms_absF           ? 
_refine.pdbx_data_cutoff_low_absF                ? 
_refine.pdbx_isotropic_thermal_model             ? 
_refine.pdbx_ls_cross_valid_method               'FREE R-VALUE' 
_refine.pdbx_method_to_determine_struct          ? 
_refine.pdbx_starting_model                      ? 
_refine.pdbx_stereochemistry_target_values       ? 
_refine.pdbx_R_Free_selection_details            ? 
_refine.pdbx_stereochem_target_val_spec_case     ? 
_refine.pdbx_overall_ESU_R                       ? 
_refine.pdbx_overall_ESU_R_Free                  ? 
_refine.pdbx_solvent_vdw_probe_radii             1.11 
_refine.pdbx_solvent_ion_probe_radii             ? 
_refine.pdbx_solvent_shrinkage_radii             0.90 
_refine.pdbx_real_space_R                        ? 
_refine.pdbx_density_correlation                 ? 
_refine.pdbx_pd_number_of_powder_patterns        ? 
_refine.pdbx_pd_number_of_points                 ? 
_refine.pdbx_pd_meas_number_of_points            ? 
_refine.pdbx_pd_proc_ls_prof_R_factor            ? 
_refine.pdbx_pd_proc_ls_prof_wR_factor           ? 
_refine.pdbx_pd_Marquardt_correlation_coeff      ? 
_refine.pdbx_pd_Fsqrd_R_factor                   ? 
_refine.pdbx_pd_ls_matrix_band_width             ? 
_refine.pdbx_overall_phase_error                 27.68 
_refine.pdbx_overall_SU_R_free_Cruickshank_DPI   ? 
_refine.pdbx_overall_SU_R_free_Blow_DPI          ? 
_refine.pdbx_overall_SU_R_Blow_DPI               ? 
_refine.pdbx_TLS_residual_ADP_flag               ? 
_refine.pdbx_diffrn_id                           1 
_refine.overall_SU_B                             ? 
_refine.overall_SU_ML                            0.20 
_refine.overall_SU_R_Cruickshank_DPI             ? 
_refine.overall_SU_R_free                        ? 
_refine.overall_FOM_free_R_set                   ? 
_refine.overall_FOM_work_R_set                   ? 
_refine.pdbx_average_fsc_overall                 ? 
_refine.pdbx_average_fsc_work                    ? 
_refine.pdbx_average_fsc_free                    ? 
# 
_refine_hist.pdbx_refine_id                   'X-RAY DIFFRACTION' 
_refine_hist.cycle_id                         LAST 
_refine_hist.pdbx_number_atoms_protein        1324 
_refine_hist.pdbx_number_atoms_nucleic_acid   0 
_refine_hist.pdbx_number_atoms_ligand         74 
_refine_hist.number_atoms_solvent             64 
_refine_hist.number_atoms_total               1462 
_refine_hist.d_res_high                       2.100 
_refine_hist.d_res_low                        30.017 
# 
loop_
_refine_ls_restr.pdbx_refine_id 
_refine_ls_restr.criterion 
_refine_ls_restr.dev_ideal 
_refine_ls_restr.dev_ideal_target 
_refine_ls_restr.number 
_refine_ls_restr.rejects 
_refine_ls_restr.type 
_refine_ls_restr.weight 
_refine_ls_restr.pdbx_restraint_function 
'X-RAY DIFFRACTION' ? 0.008  ? 1454 ? f_bond_d           ? ? 
'X-RAY DIFFRACTION' ? 0.817  ? 1947 ? f_angle_d          ? ? 
'X-RAY DIFFRACTION' ? 19.457 ? 561  ? f_dihedral_angle_d ? ? 
'X-RAY DIFFRACTION' ? 0.077  ? 193  ? f_chiral_restr     ? ? 
'X-RAY DIFFRACTION' ? 0.005  ? 244  ? f_plane_restr      ? ? 
# 
loop_
_refine_ls_shell.pdbx_refine_id 
_refine_ls_shell.d_res_high 
_refine_ls_shell.d_res_low 
_refine_ls_shell.number_reflns_all 
_refine_ls_shell.number_reflns_obs 
_refine_ls_shell.number_reflns_R_free 
_refine_ls_shell.number_reflns_R_work 
_refine_ls_shell.percent_reflns_obs 
_refine_ls_shell.percent_reflns_R_free 
_refine_ls_shell.R_factor_all 
_refine_ls_shell.R_factor_obs 
_refine_ls_shell.R_factor_R_free 
_refine_ls_shell.R_factor_R_free_error 
_refine_ls_shell.R_factor_R_work 
_refine_ls_shell.redundancy_reflns_all 
_refine_ls_shell.redundancy_reflns_obs 
_refine_ls_shell.wR_factor_all 
_refine_ls_shell.wR_factor_obs 
_refine_ls_shell.wR_factor_R_free 
_refine_ls_shell.wR_factor_R_work 
_refine_ls_shell.pdbx_total_number_of_bins_used 
_refine_ls_shell.pdbx_phase_error 
_refine_ls_shell.pdbx_fsc_work 
_refine_ls_shell.pdbx_fsc_free 
'X-RAY DIFFRACTION' 2.1005 2.4043  . . 154 2927 99.00  . . . 0.2815 . 0.2211 . . . . . . . . . . 
'X-RAY DIFFRACTION' 2.4043 3.0287  . . 158 2989 100.00 . . . 0.2849 . 0.2323 . . . . . . . . . . 
'X-RAY DIFFRACTION' 3.0287 30.0199 . . 164 3111 99.00  . . . 0.1939 . 0.1808 . . . . . . . . . . 
# 
_struct.entry_id                     6IMZ 
_struct.title                        'Crystal structure of MTH1 in complex with 18-Crown-6' 
_struct.pdbx_model_details           ? 
_struct.pdbx_formula_weight          ? 
_struct.pdbx_formula_weight_method   ? 
_struct.pdbx_model_type_details      ? 
_struct.pdbx_CASP_flag               N 
# 
_struct_keywords.entry_id        6IMZ 
_struct_keywords.text            'Human Nudix Hydrolase, 8-oxo-dGTP, cancer, HYDROLASE' 
_struct_keywords.pdbx_keywords   HYDROLASE 
# 
loop_
_struct_asym.id 
_struct_asym.pdbx_blank_PDB_chainid_flag 
_struct_asym.pdbx_modified 
_struct_asym.entity_id 
_struct_asym.details 
A N N 1 ? 
B N N 2 ? 
C N N 2 ? 
D N N 3 ? 
E N N 4 ? 
F N N 5 ? 
G N N 2 ? 
H N N 4 ? 
I N N 6 ? 
# 
_struct_ref.id                         1 
_struct_ref.db_name                    UNP 
_struct_ref.db_code                    8ODP_HUMAN 
_struct_ref.pdbx_db_accession          P36639 
_struct_ref.pdbx_db_isoform            ? 
_struct_ref.entity_id                  1 
_struct_ref.pdbx_seq_one_letter_code   
;ASRLYTLVLVLQPQRVLLGMKKRGFGAGRWNGFGGKVQEGETIEDGARRELQEESGLTVDALHKVGQIVFEFVGEPELMD
VHVFCTDSIQGTPVESDEMRPCWFQLDQIPFKDMWPDDSYWFPLLLQKKKFHGYFKFQGQDTILDYTLREVDTV
;
_struct_ref.pdbx_align_begin           44 
# 
_struct_ref_seq.align_id                      1 
_struct_ref_seq.ref_id                        1 
_struct_ref_seq.pdbx_PDB_id_code              6IMZ 
_struct_ref_seq.pdbx_strand_id                A 
_struct_ref_seq.seq_align_beg                 2 
_struct_ref_seq.pdbx_seq_align_beg_ins_code   ? 
_struct_ref_seq.seq_align_end                 155 
_struct_ref_seq.pdbx_seq_align_end_ins_code   ? 
_struct_ref_seq.pdbx_db_accession             P36639 
_struct_ref_seq.db_align_beg                  44 
_struct_ref_seq.pdbx_db_align_beg_ins_code    ? 
_struct_ref_seq.db_align_end                  197 
_struct_ref_seq.pdbx_db_align_end_ins_code    ? 
_struct_ref_seq.pdbx_auth_seq_align_beg       3 
_struct_ref_seq.pdbx_auth_seq_align_end       156 
# 
loop_
_struct_ref_seq_dif.align_id 
_struct_ref_seq_dif.pdbx_pdb_id_code 
_struct_ref_seq_dif.mon_id 
_struct_ref_seq_dif.pdbx_pdb_strand_id 
_struct_ref_seq_dif.seq_num 
_struct_ref_seq_dif.pdbx_pdb_ins_code 
_struct_ref_seq_dif.pdbx_seq_db_name 
_struct_ref_seq_dif.pdbx_seq_db_accession_code 
_struct_ref_seq_dif.db_mon_id 
_struct_ref_seq_dif.pdbx_seq_db_seq_num 
_struct_ref_seq_dif.details 
_struct_ref_seq_dif.pdbx_auth_seq_num 
_struct_ref_seq_dif.pdbx_ordinal 
1 6IMZ MET A 1   ? UNP P36639 ? ? 'initiating methionine' 2   1 
1 6IMZ LEU A 156 ? UNP P36639 ? ? 'expression tag'        157 2 
1 6IMZ GLU A 157 ? UNP P36639 ? ? 'expression tag'        158 3 
1 6IMZ HIS A 158 ? UNP P36639 ? ? 'expression tag'        159 4 
1 6IMZ HIS A 159 ? UNP P36639 ? ? 'expression tag'        160 5 
1 6IMZ HIS A 160 ? UNP P36639 ? ? 'expression tag'        161 6 
1 6IMZ HIS A 161 ? UNP P36639 ? ? 'expression tag'        162 7 
1 6IMZ HIS A 162 ? UNP P36639 ? ? 'expression tag'        163 8 
1 6IMZ HIS A 163 ? UNP P36639 ? ? 'expression tag'        164 9 
# 
_pdbx_struct_assembly.id                   1 
_pdbx_struct_assembly.details              author_and_software_defined_assembly 
_pdbx_struct_assembly.method_details       PISA 
_pdbx_struct_assembly.oligomeric_details   monomeric 
_pdbx_struct_assembly.oligomeric_count     1 
# 
loop_
_pdbx_struct_assembly_prop.biol_id 
_pdbx_struct_assembly_prop.type 
_pdbx_struct_assembly_prop.value 
_pdbx_struct_assembly_prop.details 
1 'ABSA (A^2)' 100  ? 
1 MORE         -32  ? 
1 'SSA (A^2)'  8640 ? 
# 
_pdbx_struct_assembly_gen.assembly_id       1 
_pdbx_struct_assembly_gen.oper_expression   1 
_pdbx_struct_assembly_gen.asym_id_list      A,B,C,D,E,F,G,H,I 
# 
_pdbx_struct_assembly_auth_evidence.id                     1 
_pdbx_struct_assembly_auth_evidence.assembly_id            1 
_pdbx_struct_assembly_auth_evidence.experimental_support   'gel filtration' 
_pdbx_struct_assembly_auth_evidence.details                ? 
# 
_pdbx_struct_oper_list.id                   1 
_pdbx_struct_oper_list.type                 'identity operation' 
_pdbx_struct_oper_list.name                 1_555 
_pdbx_struct_oper_list.symmetry_operation   x,y,z 
_pdbx_struct_oper_list.matrix[1][1]         1.0000000000 
_pdbx_struct_oper_list.matrix[1][2]         0.0000000000 
_pdbx_struct_oper_list.matrix[1][3]         0.0000000000 
_pdbx_struct_oper_list.vector[1]            0.0000000000 
_pdbx_struct_oper_list.matrix[2][1]         0.0000000000 
_pdbx_struct_oper_list.matrix[2][2]         1.0000000000 
_pdbx_struct_oper_list.matrix[2][3]         0.0000000000 
_pdbx_struct_oper_list.vector[2]            0.0000000000 
_pdbx_struct_oper_list.matrix[3][1]         0.0000000000 
_pdbx_struct_oper_list.matrix[3][2]         0.0000000000 
_pdbx_struct_oper_list.matrix[3][3]         1.0000000000 
_pdbx_struct_oper_list.vector[3]            0.0000000000 
# 
loop_
_struct_conf.conf_type_id 
_struct_conf.id 
_struct_conf.pdbx_PDB_helix_id 
_struct_conf.beg_label_comp_id 
_struct_conf.beg_label_asym_id 
_struct_conf.beg_label_seq_id 
_struct_conf.pdbx_beg_PDB_ins_code 
_struct_conf.end_label_comp_id 
_struct_conf.end_label_asym_id 
_struct_conf.end_label_seq_id 
_struct_conf.pdbx_end_PDB_ins_code 
_struct_conf.beg_auth_comp_id 
_struct_conf.beg_auth_asym_id 
_struct_conf.beg_auth_seq_id 
_struct_conf.end_auth_comp_id 
_struct_conf.end_auth_asym_id 
_struct_conf.end_auth_seq_id 
_struct_conf.pdbx_PDB_helix_class 
_struct_conf.details 
_struct_conf.pdbx_PDB_helix_length 
HELX_P HELX_P1 AA1 THR A 43  ? GLY A 57  ? THR A 44  GLY A 58  1 ? 15 
HELX_P HELX_P2 AA2 ASP A 108 ? ILE A 110 ? ASP A 109 ILE A 111 5 ? 3  
HELX_P HELX_P3 AA3 PRO A 111 ? MET A 115 ? PRO A 112 MET A 116 5 ? 5  
HELX_P HELX_P4 AA4 TRP A 116 ? PRO A 117 ? TRP A 117 PRO A 118 5 ? 2  
HELX_P HELX_P5 AA5 ASP A 118 ? GLN A 128 ? ASP A 119 GLN A 129 1 ? 11 
# 
_struct_conf_type.id          HELX_P 
_struct_conf_type.criteria    ? 
_struct_conf_type.reference   ? 
# 
loop_
_struct_conn.id 
_struct_conn.conn_type_id 
_struct_conn.pdbx_leaving_atom_flag 
_struct_conn.pdbx_PDB_id 
_struct_conn.ptnr1_label_asym_id 
_struct_conn.ptnr1_label_comp_id 
_struct_conn.ptnr1_label_seq_id 
_struct_conn.ptnr1_label_atom_id 
_struct_conn.pdbx_ptnr1_label_alt_id 
_struct_conn.pdbx_ptnr1_PDB_ins_code 
_struct_conn.pdbx_ptnr1_standard_comp_id 
_struct_conn.ptnr1_symmetry 
_struct_conn.ptnr2_label_asym_id 
_struct_conn.ptnr2_label_comp_id 
_struct_conn.ptnr2_label_seq_id 
_struct_conn.ptnr2_label_atom_id 
_struct_conn.pdbx_ptnr2_label_alt_id 
_struct_conn.pdbx_ptnr2_PDB_ins_code 
_struct_conn.ptnr1_auth_asym_id 
_struct_conn.ptnr1_auth_comp_id 
_struct_conn.ptnr1_auth_seq_id 
_struct_conn.ptnr2_auth_asym_id 
_struct_conn.ptnr2_auth_comp_id 
_struct_conn.ptnr2_auth_seq_id 
_struct_conn.ptnr2_symmetry 
_struct_conn.pdbx_ptnr3_label_atom_id 
_struct_conn.pdbx_ptnr3_label_seq_id 
_struct_conn.pdbx_ptnr3_label_comp_id 
_struct_conn.pdbx_ptnr3_label_asym_id 
_struct_conn.pdbx_ptnr3_label_alt_id 
_struct_conn.pdbx_ptnr3_PDB_ins_code 
_struct_conn.details 
_struct_conn.pdbx_dist_value 
_struct_conn.pdbx_value_order 
_struct_conn.pdbx_role 
metalc1  metalc ? ? A GLU 40  OE1 ? ? ? 1_555 C ZN  . ZN ? ? A GLU 41  A ZN  202 1_555 ? ? ? ? ? ? ? 2.198 ? ? 
metalc2  metalc ? ? A GLU 40  OE2 ? ? ? 1_555 C ZN  . ZN ? ? A GLU 41  A ZN  202 1_555 ? ? ? ? ? ? ? 2.002 ? ? 
metalc3  metalc ? ? A HIS 64  ND1 ? ? ? 1_555 G ZN  . ZN ? ? A HIS 65  A ZN  206 1_555 ? ? ? ? ? ? ? 2.101 ? ? 
metalc4  metalc ? ? A ASP 81  OD2 ? ? ? 1_555 B ZN  . ZN ? ? A ASP 82  A ZN  201 1_555 ? ? ? ? ? ? ? 1.963 ? ? 
metalc5  metalc ? ? A HIS 83  NE2 ? ? ? 1_555 B ZN  . ZN ? ? A HIS 84  A ZN  201 1_555 ? ? ? ? ? ? ? 2.048 ? ? 
metalc6  metalc ? ? A CYS 86  SG  ? ? ? 1_555 G ZN  . ZN ? ? A CYS 87  A ZN  206 1_555 ? ? ? ? ? ? ? 2.287 ? ? 
metalc7  metalc ? ? A HIS 158 ND1 ? ? ? 1_555 B ZN  . ZN ? ? A HIS 159 A ZN  201 1_555 ? ? ? ? ? ? ? 2.010 ? ? 
metalc8  metalc ? ? A HIS 160 NE2 ? ? ? 1_555 B ZN  . ZN ? ? A HIS 161 A ZN  201 1_555 ? ? ? ? ? ? ? 2.010 ? ? 
metalc9  metalc ? ? A HIS 161 NE2 ? ? ? 1_555 C ZN  . ZN ? ? A HIS 162 A ZN  202 8_555 ? ? ? ? ? ? ? 1.977 ? ? 
metalc10 metalc ? ? A HIS 162 NE2 ? ? ? 1_555 C ZN  . ZN ? ? A HIS 163 A ZN  202 8_555 ? ? ? ? ? ? ? 2.028 ? ? 
metalc11 metalc ? ? A HIS 163 NE2 ? ? ? 1_555 C ZN  . ZN ? ? A HIS 164 A ZN  202 1_555 ? ? ? ? ? ? ? 1.991 ? ? 
metalc12 metalc ? ? G ZN  .   ZN  ? ? ? 1_555 I HOH . O  ? ? A ZN  206 A HOH 353 1_555 ? ? ? ? ? ? ? 2.300 ? ? 
# 
_struct_conn_type.id          metalc 
_struct_conn_type.criteria    ? 
_struct_conn_type.reference   ? 
# 
loop_
_pdbx_struct_conn_angle.id 
_pdbx_struct_conn_angle.ptnr1_label_atom_id 
_pdbx_struct_conn_angle.ptnr1_label_alt_id 
_pdbx_struct_conn_angle.ptnr1_label_asym_id 
_pdbx_struct_conn_angle.ptnr1_label_comp_id 
_pdbx_struct_conn_angle.ptnr1_label_seq_id 
_pdbx_struct_conn_angle.ptnr1_auth_atom_id 
_pdbx_struct_conn_angle.ptnr1_auth_asym_id 
_pdbx_struct_conn_angle.ptnr1_auth_comp_id 
_pdbx_struct_conn_angle.ptnr1_auth_seq_id 
_pdbx_struct_conn_angle.ptnr1_PDB_ins_code 
_pdbx_struct_conn_angle.ptnr1_symmetry 
_pdbx_struct_conn_angle.ptnr2_label_atom_id 
_pdbx_struct_conn_angle.ptnr2_label_alt_id 
_pdbx_struct_conn_angle.ptnr2_label_asym_id 
_pdbx_struct_conn_angle.ptnr2_label_comp_id 
_pdbx_struct_conn_angle.ptnr2_label_seq_id 
_pdbx_struct_conn_angle.ptnr2_auth_atom_id 
_pdbx_struct_conn_angle.ptnr2_auth_asym_id 
_pdbx_struct_conn_angle.ptnr2_auth_comp_id 
_pdbx_struct_conn_angle.ptnr2_auth_seq_id 
_pdbx_struct_conn_angle.ptnr2_PDB_ins_code 
_pdbx_struct_conn_angle.ptnr2_symmetry 
_pdbx_struct_conn_angle.ptnr3_label_atom_id 
_pdbx_struct_conn_angle.ptnr3_label_alt_id 
_pdbx_struct_conn_angle.ptnr3_label_asym_id 
_pdbx_struct_conn_angle.ptnr3_label_comp_id 
_pdbx_struct_conn_angle.ptnr3_label_seq_id 
_pdbx_struct_conn_angle.ptnr3_auth_atom_id 
_pdbx_struct_conn_angle.ptnr3_auth_asym_id 
_pdbx_struct_conn_angle.ptnr3_auth_comp_id 
_pdbx_struct_conn_angle.ptnr3_auth_seq_id 
_pdbx_struct_conn_angle.ptnr3_PDB_ins_code 
_pdbx_struct_conn_angle.ptnr3_symmetry 
_pdbx_struct_conn_angle.value 
_pdbx_struct_conn_angle.value_esd 
1  OE1 ? A GLU 40  ? A GLU 41  ? 1_555 ZN ? C ZN . ? A ZN 202 ? 1_555 OE2 ? A GLU 40  ? A GLU 41  ? 1_555 62.0  ? 
2  OE1 ? A GLU 40  ? A GLU 41  ? 1_555 ZN ? C ZN . ? A ZN 202 ? 1_555 NE2 ? A HIS 161 ? A HIS 162 ? 1_555 89.9  ? 
3  OE2 ? A GLU 40  ? A GLU 41  ? 1_555 ZN ? C ZN . ? A ZN 202 ? 1_555 NE2 ? A HIS 161 ? A HIS 162 ? 1_555 149.3 ? 
4  OE1 ? A GLU 40  ? A GLU 41  ? 1_555 ZN ? C ZN . ? A ZN 202 ? 1_555 NE2 ? A HIS 162 ? A HIS 163 ? 1_555 81.2  ? 
5  OE2 ? A GLU 40  ? A GLU 41  ? 1_555 ZN ? C ZN . ? A ZN 202 ? 1_555 NE2 ? A HIS 162 ? A HIS 163 ? 1_555 137.3 ? 
6  NE2 ? A HIS 161 ? A HIS 162 ? 1_555 ZN ? C ZN . ? A ZN 202 ? 1_555 NE2 ? A HIS 162 ? A HIS 163 ? 1_555 12.7  ? 
7  OE1 ? A GLU 40  ? A GLU 41  ? 1_555 ZN ? C ZN . ? A ZN 202 ? 1_555 NE2 ? A HIS 163 ? A HIS 164 ? 1_555 98.2  ? 
8  OE2 ? A GLU 40  ? A GLU 41  ? 1_555 ZN ? C ZN . ? A ZN 202 ? 1_555 NE2 ? A HIS 163 ? A HIS 164 ? 1_555 109.0 ? 
9  NE2 ? A HIS 161 ? A HIS 162 ? 1_555 ZN ? C ZN . ? A ZN 202 ? 1_555 NE2 ? A HIS 163 ? A HIS 164 ? 1_555 85.9  ? 
10 NE2 ? A HIS 162 ? A HIS 163 ? 1_555 ZN ? C ZN . ? A ZN 202 ? 1_555 NE2 ? A HIS 163 ? A HIS 164 ? 1_555 96.3  ? 
11 ND1 ? A HIS 64  ? A HIS 65  ? 1_555 ZN ? G ZN . ? A ZN 206 ? 1_555 SG  ? A CYS 86  ? A CYS 87  ? 1_555 117.1 ? 
12 ND1 ? A HIS 64  ? A HIS 65  ? 1_555 ZN ? G ZN . ? A ZN 206 ? 1_555 O   ? I HOH .   ? A HOH 353 ? 1_555 116.0 ? 
13 SG  ? A CYS 86  ? A CYS 87  ? 1_555 ZN ? G ZN . ? A ZN 206 ? 1_555 O   ? I HOH .   ? A HOH 353 ? 1_555 117.5 ? 
14 OD2 ? A ASP 81  ? A ASP 82  ? 1_555 ZN ? B ZN . ? A ZN 201 ? 1_555 NE2 ? A HIS 83  ? A HIS 84  ? 1_555 112.4 ? 
15 OD2 ? A ASP 81  ? A ASP 82  ? 1_555 ZN ? B ZN . ? A ZN 201 ? 1_555 ND1 ? A HIS 158 ? A HIS 159 ? 1_555 114.8 ? 
16 NE2 ? A HIS 83  ? A HIS 84  ? 1_555 ZN ? B ZN . ? A ZN 201 ? 1_555 ND1 ? A HIS 158 ? A HIS 159 ? 1_555 104.2 ? 
17 OD2 ? A ASP 81  ? A ASP 82  ? 1_555 ZN ? B ZN . ? A ZN 201 ? 1_555 NE2 ? A HIS 160 ? A HIS 161 ? 1_555 102.1 ? 
18 NE2 ? A HIS 83  ? A HIS 84  ? 1_555 ZN ? B ZN . ? A ZN 201 ? 1_555 NE2 ? A HIS 160 ? A HIS 161 ? 1_555 108.6 ? 
19 ND1 ? A HIS 158 ? A HIS 159 ? 1_555 ZN ? B ZN . ? A ZN 201 ? 1_555 NE2 ? A HIS 160 ? A HIS 161 ? 1_555 114.8 ? 
# 
loop_
_struct_sheet.id 
_struct_sheet.type 
_struct_sheet.number_strands 
_struct_sheet.details 
AA1 ? 4 ? 
AA2 ? 7 ? 
AA3 ? 2 ? 
# 
loop_
_struct_sheet_order.sheet_id 
_struct_sheet_order.range_id_1 
_struct_sheet_order.range_id_2 
_struct_sheet_order.offset 
_struct_sheet_order.sense 
AA1 1 2 ? anti-parallel 
AA1 2 3 ? anti-parallel 
AA2 1 2 ? anti-parallel 
AA2 2 3 ? anti-parallel 
AA2 4 5 ? anti-parallel 
AA2 5 6 ? parallel      
AA2 6 7 ? anti-parallel 
AA3 1 2 ? anti-parallel 
# 
loop_
_struct_sheet_range.sheet_id 
_struct_sheet_range.id 
_struct_sheet_range.beg_label_comp_id 
_struct_sheet_range.beg_label_asym_id 
_struct_sheet_range.beg_label_seq_id 
_struct_sheet_range.pdbx_beg_PDB_ins_code 
_struct_sheet_range.end_label_comp_id 
_struct_sheet_range.end_label_asym_id 
_struct_sheet_range.end_label_seq_id 
_struct_sheet_range.pdbx_end_PDB_ins_code 
_struct_sheet_range.beg_auth_comp_id 
_struct_sheet_range.beg_auth_asym_id 
_struct_sheet_range.beg_auth_seq_id 
_struct_sheet_range.end_auth_comp_id 
_struct_sheet_range.end_auth_asym_id 
_struct_sheet_range.end_auth_seq_id 
AA1 1 TRP A 31  ? ASN A 32  ? TRP A 32  ASN A 33  
AA1 2 ARG A 16  ? LYS A 22  ? ARG A 17  LYS A 23  
AA1 3 SER A 3   ? LEU A 12  ? SER A 4   LEU A 13  
AA1 4 MET A 100 ? GLN A 106 ? MET A 101 GLN A 107 
AA2 1 PHE A 34  ? LYS A 37  ? PHE A 35  LYS A 38  
AA2 2 SER A 3   ? LEU A 12  ? SER A 4   LEU A 13  
AA2 3 ARG A 16  ? LYS A 22  ? ARG A 17  LYS A 23  
AA2 4 LEU A 79  ? THR A 87  ? LEU A 80  THR A 88  
AA2 5 HIS A 64  ? PHE A 73  ? HIS A 65  PHE A 74  
AA2 6 LYS A 131 ? GLN A 139 ? LYS A 132 GLN A 140 
AA2 7 THR A 143 ? VAL A 152 ? THR A 144 VAL A 153 
AA3 1 THR A 59  ? VAL A 60  ? THR A 60  VAL A 61  
AA3 2 ILE A 90  ? GLN A 91  ? ILE A 91  GLN A 92  
# 
loop_
_pdbx_struct_sheet_hbond.sheet_id 
_pdbx_struct_sheet_hbond.range_id_1 
_pdbx_struct_sheet_hbond.range_id_2 
_pdbx_struct_sheet_hbond.range_1_label_atom_id 
_pdbx_struct_sheet_hbond.range_1_label_comp_id 
_pdbx_struct_sheet_hbond.range_1_label_asym_id 
_pdbx_struct_sheet_hbond.range_1_label_seq_id 
_pdbx_struct_sheet_hbond.range_1_PDB_ins_code 
_pdbx_struct_sheet_hbond.range_1_auth_atom_id 
_pdbx_struct_sheet_hbond.range_1_auth_comp_id 
_pdbx_struct_sheet_hbond.range_1_auth_asym_id 
_pdbx_struct_sheet_hbond.range_1_auth_seq_id 
_pdbx_struct_sheet_hbond.range_2_label_atom_id 
_pdbx_struct_sheet_hbond.range_2_label_comp_id 
_pdbx_struct_sheet_hbond.range_2_label_asym_id 
_pdbx_struct_sheet_hbond.range_2_label_seq_id 
_pdbx_struct_sheet_hbond.range_2_PDB_ins_code 
_pdbx_struct_sheet_hbond.range_2_auth_atom_id 
_pdbx_struct_sheet_hbond.range_2_auth_comp_id 
_pdbx_struct_sheet_hbond.range_2_auth_asym_id 
_pdbx_struct_sheet_hbond.range_2_auth_seq_id 
AA1 1 2 O ASN A 32  ? O ASN A 33  N GLY A 20  ? N GLY A 21  
AA1 2 3 O LEU A 18  ? O LEU A 19  N VAL A 11  ? N VAL A 12  
AA2 1 2 O PHE A 34  ? O PHE A 35  N VAL A 9   ? N VAL A 10  
AA2 2 3 N VAL A 11  ? N VAL A 12  O LEU A 18  ? O LEU A 19  
AA2 4 5 O CYS A 86  ? O CYS A 87  N HIS A 64  ? N HIS A 65  
AA2 5 6 N GLU A 72  ? N GLU A 73  O PHE A 138 ? O PHE A 139 
AA2 6 7 N LYS A 137 ? N LYS A 138 O LEU A 145 ? O LEU A 146 
AA3 1 2 N THR A 59  ? N THR A 60  O GLN A 91  ? O GLN A 92  
# 
loop_
_struct_site.id 
_struct_site.pdbx_evidence_code 
_struct_site.pdbx_auth_asym_id 
_struct_site.pdbx_auth_comp_id 
_struct_site.pdbx_auth_seq_id 
_struct_site.pdbx_auth_ins_code 
_struct_site.pdbx_num_residues 
_struct_site.details 
AC1 Software A ZN  201 ? 4  'binding site for residue ZN A 201'  
AC2 Software A ZN  202 ? 4  'binding site for residue ZN A 202'  
AC3 Software A SO4 203 ? 7  'binding site for residue SO4 A 203' 
AC4 Software A O4B 204 ? 5  'binding site for residue O4B A 204' 
AC5 Software A VGH 205 ? 10 'binding site for residue VGH A 205' 
AC6 Software A ZN  206 ? 3  'binding site for residue ZN A 206'  
AC7 Software A O4B 207 ? 10 'binding site for residue O4B A 207' 
# 
loop_
_struct_site_gen.id 
_struct_site_gen.site_id 
_struct_site_gen.pdbx_num_res 
_struct_site_gen.label_comp_id 
_struct_site_gen.label_asym_id 
_struct_site_gen.label_seq_id 
_struct_site_gen.pdbx_auth_ins_code 
_struct_site_gen.auth_comp_id 
_struct_site_gen.auth_asym_id 
_struct_site_gen.auth_seq_id 
_struct_site_gen.label_atom_id 
_struct_site_gen.label_alt_id 
_struct_site_gen.symmetry 
_struct_site_gen.details 
1  AC1 4  ASP A 81  ? ASP A 82  . ? 1_555 ? 
2  AC1 4  HIS A 83  ? HIS A 84  . ? 1_555 ? 
3  AC1 4  HIS A 158 ? HIS A 159 . ? 1_555 ? 
4  AC1 4  HIS A 160 ? HIS A 161 . ? 1_555 ? 
5  AC2 4  GLU A 40  ? GLU A 41  . ? 1_555 ? 
6  AC2 4  HIS A 161 ? HIS A 162 . ? 8_555 ? 
7  AC2 4  HIS A 162 ? HIS A 163 . ? 8_555 ? 
8  AC2 4  HIS A 163 ? HIS A 164 . ? 1_555 ? 
9  AC3 7  HIS A 160 ? HIS A 161 . ? 8_555 ? 
10 AC3 7  HIS A 160 ? HIS A 161 . ? 1_555 ? 
11 AC3 7  HIS A 161 ? HIS A 162 . ? 8_555 ? 
12 AC3 7  HIS A 161 ? HIS A 162 . ? 1_555 ? 
13 AC3 7  HIS A 162 ? HIS A 163 . ? 1_555 ? 
14 AC3 7  HIS A 162 ? HIS A 163 . ? 8_555 ? 
15 AC3 7  HIS A 163 ? HIS A 164 . ? 8_555 ? 
16 AC4 5  GLU A 72  ? GLU A 73  . ? 1_555 ? 
17 AC4 5  VAL A 74  ? VAL A 75  . ? 1_555 ? 
18 AC4 5  GLY A 75  ? GLY A 76  . ? 2_655 ? 
19 AC4 5  LYS A 137 ? LYS A 138 . ? 1_555 ? 
20 AC4 5  ASP A 146 ? ASP A 147 . ? 1_555 ? 
21 AC5 10 TYR A 6   ? TYR A 7   . ? 1_555 ? 
22 AC5 10 LEU A 8   ? LEU A 9   . ? 1_555 ? 
23 AC5 10 PHE A 26  ? PHE A 27  . ? 1_555 ? 
24 AC5 10 PHE A 71  ? PHE A 72  . ? 1_555 ? 
25 AC5 10 PHE A 73  ? PHE A 74  . ? 1_555 ? 
26 AC5 10 MET A 80  ? MET A 81  . ? 1_555 ? 
27 AC5 10 VAL A 82  ? VAL A 83  . ? 1_555 ? 
28 AC5 10 TRP A 116 ? TRP A 117 . ? 1_555 ? 
29 AC5 10 ASP A 118 ? ASP A 119 . ? 1_555 ? 
30 AC5 10 GLN A 141 ? GLN A 142 . ? 1_555 ? 
31 AC6 3  HIS A 64  ? HIS A 65  . ? 1_555 ? 
32 AC6 3  CYS A 86  ? CYS A 87  . ? 1_555 ? 
33 AC6 3  HOH I .   ? HOH A 353 . ? 1_555 ? 
34 AC7 10 TYR A 121 ? TYR A 122 . ? 4_555 ? 
35 AC7 10 PRO A 124 ? PRO A 125 . ? 4_555 ? 
36 AC7 10 LEU A 125 ? LEU A 126 . ? 4_555 ? 
37 AC7 10 GLN A 128 ? GLN A 129 . ? 4_555 ? 
38 AC7 10 GLN A 128 ? GLN A 129 . ? 1_555 ? 
39 AC7 10 LYS A 129 ? LYS A 130 . ? 1_555 ? 
40 AC7 10 LYS A 130 ? LYS A 131 . ? 1_555 ? 
41 AC7 10 LEU A 149 ? LEU A 150 . ? 4_555 ? 
42 AC7 10 GLU A 151 ? GLU A 152 . ? 1_555 ? 
43 AC7 10 GLU A 151 ? GLU A 152 . ? 4_555 ? 
# 
loop_
_pdbx_validate_torsion.id 
_pdbx_validate_torsion.PDB_model_num 
_pdbx_validate_torsion.auth_comp_id 
_pdbx_validate_torsion.auth_asym_id 
_pdbx_validate_torsion.auth_seq_id 
_pdbx_validate_torsion.PDB_ins_code 
_pdbx_validate_torsion.label_alt_id 
_pdbx_validate_torsion.phi 
_pdbx_validate_torsion.psi 
1 1 SER A 90  ? ? -117.79 74.11 
2 1 ASP A 143 ? ? -157.99 26.37 
# 
_pdbx_struct_special_symmetry.id              1 
_pdbx_struct_special_symmetry.PDB_model_num   1 
_pdbx_struct_special_symmetry.auth_asym_id    A 
_pdbx_struct_special_symmetry.auth_comp_id    SO4 
_pdbx_struct_special_symmetry.auth_seq_id     203 
_pdbx_struct_special_symmetry.PDB_ins_code    ? 
_pdbx_struct_special_symmetry.label_asym_id   D 
_pdbx_struct_special_symmetry.label_comp_id   SO4 
_pdbx_struct_special_symmetry.label_seq_id    . 
# 
_pdbx_unobs_or_zero_occ_residues.id               1 
_pdbx_unobs_or_zero_occ_residues.PDB_model_num    1 
_pdbx_unobs_or_zero_occ_residues.polymer_flag     Y 
_pdbx_unobs_or_zero_occ_residues.occupancy_flag   1 
_pdbx_unobs_or_zero_occ_residues.auth_asym_id     A 
_pdbx_unobs_or_zero_occ_residues.auth_comp_id     MET 
_pdbx_unobs_or_zero_occ_residues.auth_seq_id      2 
_pdbx_unobs_or_zero_occ_residues.PDB_ins_code     ? 
_pdbx_unobs_or_zero_occ_residues.label_asym_id    A 
_pdbx_unobs_or_zero_occ_residues.label_comp_id    MET 
_pdbx_unobs_or_zero_occ_residues.label_seq_id     1 
# 
loop_
_chem_comp_atom.comp_id 
_chem_comp_atom.atom_id 
_chem_comp_atom.type_symbol 
_chem_comp_atom.pdbx_aromatic_flag 
_chem_comp_atom.pdbx_stereo_config 
_chem_comp_atom.pdbx_ordinal 
ALA N    N  N N 1   
ALA CA   C  N S 2   
ALA C    C  N N 3   
ALA O    O  N N 4   
ALA CB   C  N N 5   
ALA OXT  O  N N 6   
ALA H    H  N N 7   
ALA H2   H  N N 8   
ALA HA   H  N N 9   
ALA HB1  H  N N 10  
ALA HB2  H  N N 11  
ALA HB3  H  N N 12  
ALA HXT  H  N N 13  
ARG N    N  N N 14  
ARG CA   C  N S 15  
ARG C    C  N N 16  
ARG O    O  N N 17  
ARG CB   C  N N 18  
ARG CG   C  N N 19  
ARG CD   C  N N 20  
ARG NE   N  N N 21  
ARG CZ   C  N N 22  
ARG NH1  N  N N 23  
ARG NH2  N  N N 24  
ARG OXT  O  N N 25  
ARG H    H  N N 26  
ARG H2   H  N N 27  
ARG HA   H  N N 28  
ARG HB2  H  N N 29  
ARG HB3  H  N N 30  
ARG HG2  H  N N 31  
ARG HG3  H  N N 32  
ARG HD2  H  N N 33  
ARG HD3  H  N N 34  
ARG HE   H  N N 35  
ARG HH11 H  N N 36  
ARG HH12 H  N N 37  
ARG HH21 H  N N 38  
ARG HH22 H  N N 39  
ARG HXT  H  N N 40  
ASN N    N  N N 41  
ASN CA   C  N S 42  
ASN C    C  N N 43  
ASN O    O  N N 44  
ASN CB   C  N N 45  
ASN CG   C  N N 46  
ASN OD1  O  N N 47  
ASN ND2  N  N N 48  
ASN OXT  O  N N 49  
ASN H    H  N N 50  
ASN H2   H  N N 51  
ASN HA   H  N N 52  
ASN HB2  H  N N 53  
ASN HB3  H  N N 54  
ASN HD21 H  N N 55  
ASN HD22 H  N N 56  
ASN HXT  H  N N 57  
ASP N    N  N N 58  
ASP CA   C  N S 59  
ASP C    C  N N 60  
ASP O    O  N N 61  
ASP CB   C  N N 62  
ASP CG   C  N N 63  
ASP OD1  O  N N 64  
ASP OD2  O  N N 65  
ASP OXT  O  N N 66  
ASP H    H  N N 67  
ASP H2   H  N N 68  
ASP HA   H  N N 69  
ASP HB2  H  N N 70  
ASP HB3  H  N N 71  
ASP HD2  H  N N 72  
ASP HXT  H  N N 73  
CYS N    N  N N 74  
CYS CA   C  N R 75  
CYS C    C  N N 76  
CYS O    O  N N 77  
CYS CB   C  N N 78  
CYS SG   S  N N 79  
CYS OXT  O  N N 80  
CYS H    H  N N 81  
CYS H2   H  N N 82  
CYS HA   H  N N 83  
CYS HB2  H  N N 84  
CYS HB3  H  N N 85  
CYS HG   H  N N 86  
CYS HXT  H  N N 87  
GLN N    N  N N 88  
GLN CA   C  N S 89  
GLN C    C  N N 90  
GLN O    O  N N 91  
GLN CB   C  N N 92  
GLN CG   C  N N 93  
GLN CD   C  N N 94  
GLN OE1  O  N N 95  
GLN NE2  N  N N 96  
GLN OXT  O  N N 97  
GLN H    H  N N 98  
GLN H2   H  N N 99  
GLN HA   H  N N 100 
GLN HB2  H  N N 101 
GLN HB3  H  N N 102 
GLN HG2  H  N N 103 
GLN HG3  H  N N 104 
GLN HE21 H  N N 105 
GLN HE22 H  N N 106 
GLN HXT  H  N N 107 
GLU N    N  N N 108 
GLU CA   C  N S 109 
GLU C    C  N N 110 
GLU O    O  N N 111 
GLU CB   C  N N 112 
GLU CG   C  N N 113 
GLU CD   C  N N 114 
GLU OE1  O  N N 115 
GLU OE2  O  N N 116 
GLU OXT  O  N N 117 
GLU H    H  N N 118 
GLU H2   H  N N 119 
GLU HA   H  N N 120 
GLU HB2  H  N N 121 
GLU HB3  H  N N 122 
GLU HG2  H  N N 123 
GLU HG3  H  N N 124 
GLU HE2  H  N N 125 
GLU HXT  H  N N 126 
GLY N    N  N N 127 
GLY CA   C  N N 128 
GLY C    C  N N 129 
GLY O    O  N N 130 
GLY OXT  O  N N 131 
GLY H    H  N N 132 
GLY H2   H  N N 133 
GLY HA2  H  N N 134 
GLY HA3  H  N N 135 
GLY HXT  H  N N 136 
HIS N    N  N N 137 
HIS CA   C  N S 138 
HIS C    C  N N 139 
HIS O    O  N N 140 
HIS CB   C  N N 141 
HIS CG   C  Y N 142 
HIS ND1  N  Y N 143 
HIS CD2  C  Y N 144 
HIS CE1  C  Y N 145 
HIS NE2  N  Y N 146 
HIS OXT  O  N N 147 
HIS H    H  N N 148 
HIS H2   H  N N 149 
HIS HA   H  N N 150 
HIS HB2  H  N N 151 
HIS HB3  H  N N 152 
HIS HD1  H  N N 153 
HIS HD2  H  N N 154 
HIS HE1  H  N N 155 
HIS HE2  H  N N 156 
HIS HXT  H  N N 157 
HOH O    O  N N 158 
HOH H1   H  N N 159 
HOH H2   H  N N 160 
ILE N    N  N N 161 
ILE CA   C  N S 162 
ILE C    C  N N 163 
ILE O    O  N N 164 
ILE CB   C  N S 165 
ILE CG1  C  N N 166 
ILE CG2  C  N N 167 
ILE CD1  C  N N 168 
ILE OXT  O  N N 169 
ILE H    H  N N 170 
ILE H2   H  N N 171 
ILE HA   H  N N 172 
ILE HB   H  N N 173 
ILE HG12 H  N N 174 
ILE HG13 H  N N 175 
ILE HG21 H  N N 176 
ILE HG22 H  N N 177 
ILE HG23 H  N N 178 
ILE HD11 H  N N 179 
ILE HD12 H  N N 180 
ILE HD13 H  N N 181 
ILE HXT  H  N N 182 
LEU N    N  N N 183 
LEU CA   C  N S 184 
LEU C    C  N N 185 
LEU O    O  N N 186 
LEU CB   C  N N 187 
LEU CG   C  N N 188 
LEU CD1  C  N N 189 
LEU CD2  C  N N 190 
LEU OXT  O  N N 191 
LEU H    H  N N 192 
LEU H2   H  N N 193 
LEU HA   H  N N 194 
LEU HB2  H  N N 195 
LEU HB3  H  N N 196 
LEU HG   H  N N 197 
LEU HD11 H  N N 198 
LEU HD12 H  N N 199 
LEU HD13 H  N N 200 
LEU HD21 H  N N 201 
LEU HD22 H  N N 202 
LEU HD23 H  N N 203 
LEU HXT  H  N N 204 
LYS N    N  N N 205 
LYS CA   C  N S 206 
LYS C    C  N N 207 
LYS O    O  N N 208 
LYS CB   C  N N 209 
LYS CG   C  N N 210 
LYS CD   C  N N 211 
LYS CE   C  N N 212 
LYS NZ   N  N N 213 
LYS OXT  O  N N 214 
LYS H    H  N N 215 
LYS H2   H  N N 216 
LYS HA   H  N N 217 
LYS HB2  H  N N 218 
LYS HB3  H  N N 219 
LYS HG2  H  N N 220 
LYS HG3  H  N N 221 
LYS HD2  H  N N 222 
LYS HD3  H  N N 223 
LYS HE2  H  N N 224 
LYS HE3  H  N N 225 
LYS HZ1  H  N N 226 
LYS HZ2  H  N N 227 
LYS HZ3  H  N N 228 
LYS HXT  H  N N 229 
MET N    N  N N 230 
MET CA   C  N S 231 
MET C    C  N N 232 
MET O    O  N N 233 
MET CB   C  N N 234 
MET CG   C  N N 235 
MET SD   S  N N 236 
MET CE   C  N N 237 
MET OXT  O  N N 238 
MET H    H  N N 239 
MET H2   H  N N 240 
MET HA   H  N N 241 
MET HB2  H  N N 242 
MET HB3  H  N N 243 
MET HG2  H  N N 244 
MET HG3  H  N N 245 
MET HE1  H  N N 246 
MET HE2  H  N N 247 
MET HE3  H  N N 248 
MET HXT  H  N N 249 
O4B CAA  C  N N 250 
O4B OAM  O  N N 251 
O4B CAC  C  N N 252 
O4B CAD  C  N N 253 
O4B OAO  O  N N 254 
O4B CAG  C  N N 255 
O4B CAH  C  N N 256 
O4B OAQ  O  N N 257 
O4B CAK  C  N N 258 
O4B CAL  C  N N 259 
O4B OAR  O  N N 260 
O4B CAJ  C  N N 261 
O4B CAI  C  N N 262 
O4B OAP  O  N N 263 
O4B CAF  C  N N 264 
O4B CAE  C  N N 265 
O4B OAN  O  N N 266 
O4B CAB  C  N N 267 
O4B HAA1 H  N N 268 
O4B HAA2 H  N N 269 
O4B HAB1 H  N N 270 
O4B HAB2 H  N N 271 
O4B HAC1 H  N N 272 
O4B HAC2 H  N N 273 
O4B HAD1 H  N N 274 
O4B HAD2 H  N N 275 
O4B HAG1 H  N N 276 
O4B HAG2 H  N N 277 
O4B HAH1 H  N N 278 
O4B HAH2 H  N N 279 
O4B HAK1 H  N N 280 
O4B HAK2 H  N N 281 
O4B HAL1 H  N N 282 
O4B HAL2 H  N N 283 
O4B HAJ1 H  N N 284 
O4B HAJ2 H  N N 285 
O4B HAI1 H  N N 286 
O4B HAI2 H  N N 287 
O4B HAF1 H  N N 288 
O4B HAF2 H  N N 289 
O4B HAE1 H  N N 290 
O4B HAE2 H  N N 291 
PHE N    N  N N 292 
PHE CA   C  N S 293 
PHE C    C  N N 294 
PHE O    O  N N 295 
PHE CB   C  N N 296 
PHE CG   C  Y N 297 
PHE CD1  C  Y N 298 
PHE CD2  C  Y N 299 
PHE CE1  C  Y N 300 
PHE CE2  C  Y N 301 
PHE CZ   C  Y N 302 
PHE OXT  O  N N 303 
PHE H    H  N N 304 
PHE H2   H  N N 305 
PHE HA   H  N N 306 
PHE HB2  H  N N 307 
PHE HB3  H  N N 308 
PHE HD1  H  N N 309 
PHE HD2  H  N N 310 
PHE HE1  H  N N 311 
PHE HE2  H  N N 312 
PHE HZ   H  N N 313 
PHE HXT  H  N N 314 
PRO N    N  N N 315 
PRO CA   C  N S 316 
PRO C    C  N N 317 
PRO O    O  N N 318 
PRO CB   C  N N 319 
PRO CG   C  N N 320 
PRO CD   C  N N 321 
PRO OXT  O  N N 322 
PRO H    H  N N 323 
PRO HA   H  N N 324 
PRO HB2  H  N N 325 
PRO HB3  H  N N 326 
PRO HG2  H  N N 327 
PRO HG3  H  N N 328 
PRO HD2  H  N N 329 
PRO HD3  H  N N 330 
PRO HXT  H  N N 331 
SER N    N  N N 332 
SER CA   C  N S 333 
SER C    C  N N 334 
SER O    O  N N 335 
SER CB   C  N N 336 
SER OG   O  N N 337 
SER OXT  O  N N 338 
SER H    H  N N 339 
SER H2   H  N N 340 
SER HA   H  N N 341 
SER HB2  H  N N 342 
SER HB3  H  N N 343 
SER HG   H  N N 344 
SER HXT  H  N N 345 
SO4 S    S  N N 346 
SO4 O1   O  N N 347 
SO4 O2   O  N N 348 
SO4 O3   O  N N 349 
SO4 O4   O  N N 350 
THR N    N  N N 351 
THR CA   C  N S 352 
THR C    C  N N 353 
THR O    O  N N 354 
THR CB   C  N R 355 
THR OG1  O  N N 356 
THR CG2  C  N N 357 
THR OXT  O  N N 358 
THR H    H  N N 359 
THR H2   H  N N 360 
THR HA   H  N N 361 
THR HB   H  N N 362 
THR HG1  H  N N 363 
THR HG21 H  N N 364 
THR HG22 H  N N 365 
THR HG23 H  N N 366 
THR HXT  H  N N 367 
TRP N    N  N N 368 
TRP CA   C  N S 369 
TRP C    C  N N 370 
TRP O    O  N N 371 
TRP CB   C  N N 372 
TRP CG   C  Y N 373 
TRP CD1  C  Y N 374 
TRP CD2  C  Y N 375 
TRP NE1  N  Y N 376 
TRP CE2  C  Y N 377 
TRP CE3  C  Y N 378 
TRP CZ2  C  Y N 379 
TRP CZ3  C  Y N 380 
TRP CH2  C  Y N 381 
TRP OXT  O  N N 382 
TRP H    H  N N 383 
TRP H2   H  N N 384 
TRP HA   H  N N 385 
TRP HB2  H  N N 386 
TRP HB3  H  N N 387 
TRP HD1  H  N N 388 
TRP HE1  H  N N 389 
TRP HE3  H  N N 390 
TRP HZ2  H  N N 391 
TRP HZ3  H  N N 392 
TRP HH2  H  N N 393 
TRP HXT  H  N N 394 
TYR N    N  N N 395 
TYR CA   C  N S 396 
TYR C    C  N N 397 
TYR O    O  N N 398 
TYR CB   C  N N 399 
TYR CG   C  Y N 400 
TYR CD1  C  Y N 401 
TYR CD2  C  Y N 402 
TYR CE1  C  Y N 403 
TYR CE2  C  Y N 404 
TYR CZ   C  Y N 405 
TYR OH   O  N N 406 
TYR OXT  O  N N 407 
TYR H    H  N N 408 
TYR H2   H  N N 409 
TYR HA   H  N N 410 
TYR HB2  H  N N 411 
TYR HB3  H  N N 412 
TYR HD1  H  N N 413 
TYR HD2  H  N N 414 
TYR HE1  H  N N 415 
TYR HE2  H  N N 416 
TYR HH   H  N N 417 
TYR HXT  H  N N 418 
VAL N    N  N N 419 
VAL CA   C  N S 420 
VAL C    C  N N 421 
VAL O    O  N N 422 
VAL CB   C  N N 423 
VAL CG1  C  N N 424 
VAL CG2  C  N N 425 
VAL OXT  O  N N 426 
VAL H    H  N N 427 
VAL H2   H  N N 428 
VAL HA   H  N N 429 
VAL HB   H  N N 430 
VAL HG11 H  N N 431 
VAL HG12 H  N N 432 
VAL HG13 H  N N 433 
VAL HG21 H  N N 434 
VAL HG22 H  N N 435 
VAL HG23 H  N N 436 
VAL HXT  H  N N 437 
VGH CL   CL N N 438 
VGH C13  C  Y N 439 
VGH C3   C  Y N 440 
VGH C2   C  Y N 441 
VGH C12  C  Y N 442 
VGH F    F  N N 443 
VGH C17  C  Y N 444 
VGH C18  C  Y N 445 
VGH CL2  CL N N 446 
VGH C21  C  N R 447 
VGH C1   C  N N 448 
VGH O27  O  N N 449 
VGH C15  C  Y N 450 
VGH C4   C  Y N 451 
VGH C19  C  Y N 452 
VGH N22  N  N N 453 
VGH N23  N  Y N 454 
VGH C5   C  Y N 455 
VGH C14  C  Y N 456 
VGH C16  C  Y N 457 
VGH C6   C  Y N 458 
VGH C7   C  Y N 459 
VGH N26  N  Y N 460 
VGH N24  N  Y N 461 
VGH C20  C  N N 462 
VGH C8   C  N N 463 
VGH C10  C  N N 464 
VGH N25  N  N N 465 
VGH C11  C  N N 466 
VGH C9   C  N N 467 
VGH H3   H  N N 468 
VGH H2   H  N N 469 
VGH H21  H  N N 470 
VGH H11C H  N N 471 
VGH H12C H  N N 472 
VGH H13C H  N N 473 
VGH H4   H  N N 474 
VGH H221 H  N N 475 
VGH H222 H  N N 476 
VGH H5   H  N N 477 
VGH H6   H  N N 478 
VGH H7   H  N N 479 
VGH H20  H  N N 480 
VGH H81C H  N N 481 
VGH H82C H  N N 482 
VGH H91C H  N N 483 
VGH H92C H  N N 484 
VGH H101 H  N N 485 
VGH H102 H  N N 486 
VGH H25  H  N N 487 
VGH H111 H  N N 488 
VGH H112 H  N N 489 
ZN  ZN   ZN N N 490 
# 
loop_
_chem_comp_bond.comp_id 
_chem_comp_bond.atom_id_1 
_chem_comp_bond.atom_id_2 
_chem_comp_bond.value_order 
_chem_comp_bond.pdbx_aromatic_flag 
_chem_comp_bond.pdbx_stereo_config 
_chem_comp_bond.pdbx_ordinal 
ALA N   CA   sing N N 1   
ALA N   H    sing N N 2   
ALA N   H2   sing N N 3   
ALA CA  C    sing N N 4   
ALA CA  CB   sing N N 5   
ALA CA  HA   sing N N 6   
ALA C   O    doub N N 7   
ALA C   OXT  sing N N 8   
ALA CB  HB1  sing N N 9   
ALA CB  HB2  sing N N 10  
ALA CB  HB3  sing N N 11  
ALA OXT HXT  sing N N 12  
ARG N   CA   sing N N 13  
ARG N   H    sing N N 14  
ARG N   H2   sing N N 15  
ARG CA  C    sing N N 16  
ARG CA  CB   sing N N 17  
ARG CA  HA   sing N N 18  
ARG C   O    doub N N 19  
ARG C   OXT  sing N N 20  
ARG CB  CG   sing N N 21  
ARG CB  HB2  sing N N 22  
ARG CB  HB3  sing N N 23  
ARG CG  CD   sing N N 24  
ARG CG  HG2  sing N N 25  
ARG CG  HG3  sing N N 26  
ARG CD  NE   sing N N 27  
ARG CD  HD2  sing N N 28  
ARG CD  HD3  sing N N 29  
ARG NE  CZ   sing N N 30  
ARG NE  HE   sing N N 31  
ARG CZ  NH1  sing N N 32  
ARG CZ  NH2  doub N N 33  
ARG NH1 HH11 sing N N 34  
ARG NH1 HH12 sing N N 35  
ARG NH2 HH21 sing N N 36  
ARG NH2 HH22 sing N N 37  
ARG OXT HXT  sing N N 38  
ASN N   CA   sing N N 39  
ASN N   H    sing N N 40  
ASN N   H2   sing N N 41  
ASN CA  C    sing N N 42  
ASN CA  CB   sing N N 43  
ASN CA  HA   sing N N 44  
ASN C   O    doub N N 45  
ASN C   OXT  sing N N 46  
ASN CB  CG   sing N N 47  
ASN CB  HB2  sing N N 48  
ASN CB  HB3  sing N N 49  
ASN CG  OD1  doub N N 50  
ASN CG  ND2  sing N N 51  
ASN ND2 HD21 sing N N 52  
ASN ND2 HD22 sing N N 53  
ASN OXT HXT  sing N N 54  
ASP N   CA   sing N N 55  
ASP N   H    sing N N 56  
ASP N   H2   sing N N 57  
ASP CA  C    sing N N 58  
ASP CA  CB   sing N N 59  
ASP CA  HA   sing N N 60  
ASP C   O    doub N N 61  
ASP C   OXT  sing N N 62  
ASP CB  CG   sing N N 63  
ASP CB  HB2  sing N N 64  
ASP CB  HB3  sing N N 65  
ASP CG  OD1  doub N N 66  
ASP CG  OD2  sing N N 67  
ASP OD2 HD2  sing N N 68  
ASP OXT HXT  sing N N 69  
CYS N   CA   sing N N 70  
CYS N   H    sing N N 71  
CYS N   H2   sing N N 72  
CYS CA  C    sing N N 73  
CYS CA  CB   sing N N 74  
CYS CA  HA   sing N N 75  
CYS C   O    doub N N 76  
CYS C   OXT  sing N N 77  
CYS CB  SG   sing N N 78  
CYS CB  HB2  sing N N 79  
CYS CB  HB3  sing N N 80  
CYS SG  HG   sing N N 81  
CYS OXT HXT  sing N N 82  
GLN N   CA   sing N N 83  
GLN N   H    sing N N 84  
GLN N   H2   sing N N 85  
GLN CA  C    sing N N 86  
GLN CA  CB   sing N N 87  
GLN CA  HA   sing N N 88  
GLN C   O    doub N N 89  
GLN C   OXT  sing N N 90  
GLN CB  CG   sing N N 91  
GLN CB  HB2  sing N N 92  
GLN CB  HB3  sing N N 93  
GLN CG  CD   sing N N 94  
GLN CG  HG2  sing N N 95  
GLN CG  HG3  sing N N 96  
GLN CD  OE1  doub N N 97  
GLN CD  NE2  sing N N 98  
GLN NE2 HE21 sing N N 99  
GLN NE2 HE22 sing N N 100 
GLN OXT HXT  sing N N 101 
GLU N   CA   sing N N 102 
GLU N   H    sing N N 103 
GLU N   H2   sing N N 104 
GLU CA  C    sing N N 105 
GLU CA  CB   sing N N 106 
GLU CA  HA   sing N N 107 
GLU C   O    doub N N 108 
GLU C   OXT  sing N N 109 
GLU CB  CG   sing N N 110 
GLU CB  HB2  sing N N 111 
GLU CB  HB3  sing N N 112 
GLU CG  CD   sing N N 113 
GLU CG  HG2  sing N N 114 
GLU CG  HG3  sing N N 115 
GLU CD  OE1  doub N N 116 
GLU CD  OE2  sing N N 117 
GLU OE2 HE2  sing N N 118 
GLU OXT HXT  sing N N 119 
GLY N   CA   sing N N 120 
GLY N   H    sing N N 121 
GLY N   H2   sing N N 122 
GLY CA  C    sing N N 123 
GLY CA  HA2  sing N N 124 
GLY CA  HA3  sing N N 125 
GLY C   O    doub N N 126 
GLY C   OXT  sing N N 127 
GLY OXT HXT  sing N N 128 
HIS N   CA   sing N N 129 
HIS N   H    sing N N 130 
HIS N   H2   sing N N 131 
HIS CA  C    sing N N 132 
HIS CA  CB   sing N N 133 
HIS CA  HA   sing N N 134 
HIS C   O    doub N N 135 
HIS C   OXT  sing N N 136 
HIS CB  CG   sing N N 137 
HIS CB  HB2  sing N N 138 
HIS CB  HB3  sing N N 139 
HIS CG  ND1  sing Y N 140 
HIS CG  CD2  doub Y N 141 
HIS ND1 CE1  doub Y N 142 
HIS ND1 HD1  sing N N 143 
HIS CD2 NE2  sing Y N 144 
HIS CD2 HD2  sing N N 145 
HIS CE1 NE2  sing Y N 146 
HIS CE1 HE1  sing N N 147 
HIS NE2 HE2  sing N N 148 
HIS OXT HXT  sing N N 149 
HOH O   H1   sing N N 150 
HOH O   H2   sing N N 151 
ILE N   CA   sing N N 152 
ILE N   H    sing N N 153 
ILE N   H2   sing N N 154 
ILE CA  C    sing N N 155 
ILE CA  CB   sing N N 156 
ILE CA  HA   sing N N 157 
ILE C   O    doub N N 158 
ILE C   OXT  sing N N 159 
ILE CB  CG1  sing N N 160 
ILE CB  CG2  sing N N 161 
ILE CB  HB   sing N N 162 
ILE CG1 CD1  sing N N 163 
ILE CG1 HG12 sing N N 164 
ILE CG1 HG13 sing N N 165 
ILE CG2 HG21 sing N N 166 
ILE CG2 HG22 sing N N 167 
ILE CG2 HG23 sing N N 168 
ILE CD1 HD11 sing N N 169 
ILE CD1 HD12 sing N N 170 
ILE CD1 HD13 sing N N 171 
ILE OXT HXT  sing N N 172 
LEU N   CA   sing N N 173 
LEU N   H    sing N N 174 
LEU N   H2   sing N N 175 
LEU CA  C    sing N N 176 
LEU CA  CB   sing N N 177 
LEU CA  HA   sing N N 178 
LEU C   O    doub N N 179 
LEU C   OXT  sing N N 180 
LEU CB  CG   sing N N 181 
LEU CB  HB2  sing N N 182 
LEU CB  HB3  sing N N 183 
LEU CG  CD1  sing N N 184 
LEU CG  CD2  sing N N 185 
LEU CG  HG   sing N N 186 
LEU CD1 HD11 sing N N 187 
LEU CD1 HD12 sing N N 188 
LEU CD1 HD13 sing N N 189 
LEU CD2 HD21 sing N N 190 
LEU CD2 HD22 sing N N 191 
LEU CD2 HD23 sing N N 192 
LEU OXT HXT  sing N N 193 
LYS N   CA   sing N N 194 
LYS N   H    sing N N 195 
LYS N   H2   sing N N 196 
LYS CA  C    sing N N 197 
LYS CA  CB   sing N N 198 
LYS CA  HA   sing N N 199 
LYS C   O    doub N N 200 
LYS C   OXT  sing N N 201 
LYS CB  CG   sing N N 202 
LYS CB  HB2  sing N N 203 
LYS CB  HB3  sing N N 204 
LYS CG  CD   sing N N 205 
LYS CG  HG2  sing N N 206 
LYS CG  HG3  sing N N 207 
LYS CD  CE   sing N N 208 
LYS CD  HD2  sing N N 209 
LYS CD  HD3  sing N N 210 
LYS CE  NZ   sing N N 211 
LYS CE  HE2  sing N N 212 
LYS CE  HE3  sing N N 213 
LYS NZ  HZ1  sing N N 214 
LYS NZ  HZ2  sing N N 215 
LYS NZ  HZ3  sing N N 216 
LYS OXT HXT  sing N N 217 
MET N   CA   sing N N 218 
MET N   H    sing N N 219 
MET N   H2   sing N N 220 
MET CA  C    sing N N 221 
MET CA  CB   sing N N 222 
MET CA  HA   sing N N 223 
MET C   O    doub N N 224 
MET C   OXT  sing N N 225 
MET CB  CG   sing N N 226 
MET CB  HB2  sing N N 227 
MET CB  HB3  sing N N 228 
MET CG  SD   sing N N 229 
MET CG  HG2  sing N N 230 
MET CG  HG3  sing N N 231 
MET SD  CE   sing N N 232 
MET CE  HE1  sing N N 233 
MET CE  HE2  sing N N 234 
MET CE  HE3  sing N N 235 
MET OXT HXT  sing N N 236 
O4B CAA OAM  sing N N 237 
O4B CAA CAB  sing N N 238 
O4B OAM CAC  sing N N 239 
O4B CAC CAD  sing N N 240 
O4B CAD OAO  sing N N 241 
O4B OAO CAG  sing N N 242 
O4B CAG CAH  sing N N 243 
O4B CAH OAQ  sing N N 244 
O4B OAQ CAK  sing N N 245 
O4B CAK CAL  sing N N 246 
O4B CAL OAR  sing N N 247 
O4B OAR CAJ  sing N N 248 
O4B CAJ CAI  sing N N 249 
O4B CAI OAP  sing N N 250 
O4B OAP CAF  sing N N 251 
O4B CAF CAE  sing N N 252 
O4B CAE OAN  sing N N 253 
O4B OAN CAB  sing N N 254 
O4B CAA HAA1 sing N N 255 
O4B CAA HAA2 sing N N 256 
O4B CAB HAB1 sing N N 257 
O4B CAB HAB2 sing N N 258 
O4B CAC HAC1 sing N N 259 
O4B CAC HAC2 sing N N 260 
O4B CAD HAD1 sing N N 261 
O4B CAD HAD2 sing N N 262 
O4B CAG HAG1 sing N N 263 
O4B CAG HAG2 sing N N 264 
O4B CAH HAH1 sing N N 265 
O4B CAH HAH2 sing N N 266 
O4B CAK HAK1 sing N N 267 
O4B CAK HAK2 sing N N 268 
O4B CAL HAL1 sing N N 269 
O4B CAL HAL2 sing N N 270 
O4B CAJ HAJ1 sing N N 271 
O4B CAJ HAJ2 sing N N 272 
O4B CAI HAI1 sing N N 273 
O4B CAI HAI2 sing N N 274 
O4B CAF HAF1 sing N N 275 
O4B CAF HAF2 sing N N 276 
O4B CAE HAE1 sing N N 277 
O4B CAE HAE2 sing N N 278 
PHE N   CA   sing N N 279 
PHE N   H    sing N N 280 
PHE N   H2   sing N N 281 
PHE CA  C    sing N N 282 
PHE CA  CB   sing N N 283 
PHE CA  HA   sing N N 284 
PHE C   O    doub N N 285 
PHE C   OXT  sing N N 286 
PHE CB  CG   sing N N 287 
PHE CB  HB2  sing N N 288 
PHE CB  HB3  sing N N 289 
PHE CG  CD1  doub Y N 290 
PHE CG  CD2  sing Y N 291 
PHE CD1 CE1  sing Y N 292 
PHE CD1 HD1  sing N N 293 
PHE CD2 CE2  doub Y N 294 
PHE CD2 HD2  sing N N 295 
PHE CE1 CZ   doub Y N 296 
PHE CE1 HE1  sing N N 297 
PHE CE2 CZ   sing Y N 298 
PHE CE2 HE2  sing N N 299 
PHE CZ  HZ   sing N N 300 
PHE OXT HXT  sing N N 301 
PRO N   CA   sing N N 302 
PRO N   CD   sing N N 303 
PRO N   H    sing N N 304 
PRO CA  C    sing N N 305 
PRO CA  CB   sing N N 306 
PRO CA  HA   sing N N 307 
PRO C   O    doub N N 308 
PRO C   OXT  sing N N 309 
PRO CB  CG   sing N N 310 
PRO CB  HB2  sing N N 311 
PRO CB  HB3  sing N N 312 
PRO CG  CD   sing N N 313 
PRO CG  HG2  sing N N 314 
PRO CG  HG3  sing N N 315 
PRO CD  HD2  sing N N 316 
PRO CD  HD3  sing N N 317 
PRO OXT HXT  sing N N 318 
SER N   CA   sing N N 319 
SER N   H    sing N N 320 
SER N   H2   sing N N 321 
SER CA  C    sing N N 322 
SER CA  CB   sing N N 323 
SER CA  HA   sing N N 324 
SER C   O    doub N N 325 
SER C   OXT  sing N N 326 
SER CB  OG   sing N N 327 
SER CB  HB2  sing N N 328 
SER CB  HB3  sing N N 329 
SER OG  HG   sing N N 330 
SER OXT HXT  sing N N 331 
SO4 S   O1   doub N N 332 
SO4 S   O2   doub N N 333 
SO4 S   O3   sing N N 334 
SO4 S   O4   sing N N 335 
THR N   CA   sing N N 336 
THR N   H    sing N N 337 
THR N   H2   sing N N 338 
THR CA  C    sing N N 339 
THR CA  CB   sing N N 340 
THR CA  HA   sing N N 341 
THR C   O    doub N N 342 
THR C   OXT  sing N N 343 
THR CB  OG1  sing N N 344 
THR CB  CG2  sing N N 345 
THR CB  HB   sing N N 346 
THR OG1 HG1  sing N N 347 
THR CG2 HG21 sing N N 348 
THR CG2 HG22 sing N N 349 
THR CG2 HG23 sing N N 350 
THR OXT HXT  sing N N 351 
TRP N   CA   sing N N 352 
TRP N   H    sing N N 353 
TRP N   H2   sing N N 354 
TRP CA  C    sing N N 355 
TRP CA  CB   sing N N 356 
TRP CA  HA   sing N N 357 
TRP C   O    doub N N 358 
TRP C   OXT  sing N N 359 
TRP CB  CG   sing N N 360 
TRP CB  HB2  sing N N 361 
TRP CB  HB3  sing N N 362 
TRP CG  CD1  doub Y N 363 
TRP CG  CD2  sing Y N 364 
TRP CD1 NE1  sing Y N 365 
TRP CD1 HD1  sing N N 366 
TRP CD2 CE2  doub Y N 367 
TRP CD2 CE3  sing Y N 368 
TRP NE1 CE2  sing Y N 369 
TRP NE1 HE1  sing N N 370 
TRP CE2 CZ2  sing Y N 371 
TRP CE3 CZ3  doub Y N 372 
TRP CE3 HE3  sing N N 373 
TRP CZ2 CH2  doub Y N 374 
TRP CZ2 HZ2  sing N N 375 
TRP CZ3 CH2  sing Y N 376 
TRP CZ3 HZ3  sing N N 377 
TRP CH2 HH2  sing N N 378 
TRP OXT HXT  sing N N 379 
TYR N   CA   sing N N 380 
TYR N   H    sing N N 381 
TYR N   H2   sing N N 382 
TYR CA  C    sing N N 383 
TYR CA  CB   sing N N 384 
TYR CA  HA   sing N N 385 
TYR C   O    doub N N 386 
TYR C   OXT  sing N N 387 
TYR CB  CG   sing N N 388 
TYR CB  HB2  sing N N 389 
TYR CB  HB3  sing N N 390 
TYR CG  CD1  doub Y N 391 
TYR CG  CD2  sing Y N 392 
TYR CD1 CE1  sing Y N 393 
TYR CD1 HD1  sing N N 394 
TYR CD2 CE2  doub Y N 395 
TYR CD2 HD2  sing N N 396 
TYR CE1 CZ   doub Y N 397 
TYR CE1 HE1  sing N N 398 
TYR CE2 CZ   sing Y N 399 
TYR CE2 HE2  sing N N 400 
TYR CZ  OH   sing N N 401 
TYR OH  HH   sing N N 402 
TYR OXT HXT  sing N N 403 
VAL N   CA   sing N N 404 
VAL N   H    sing N N 405 
VAL N   H2   sing N N 406 
VAL CA  C    sing N N 407 
VAL CA  CB   sing N N 408 
VAL CA  HA   sing N N 409 
VAL C   O    doub N N 410 
VAL C   OXT  sing N N 411 
VAL CB  CG1  sing N N 412 
VAL CB  CG2  sing N N 413 
VAL CB  HB   sing N N 414 
VAL CG1 HG11 sing N N 415 
VAL CG1 HG12 sing N N 416 
VAL CG1 HG13 sing N N 417 
VAL CG2 HG21 sing N N 418 
VAL CG2 HG22 sing N N 419 
VAL CG2 HG23 sing N N 420 
VAL OXT HXT  sing N N 421 
VGH CL  C13  sing N N 422 
VGH C13 C3   sing Y N 423 
VGH C13 C17  doub Y N 424 
VGH C3  C2   doub Y N 425 
VGH C2  C12  sing Y N 426 
VGH C12 F    sing N N 427 
VGH C12 C18  doub Y N 428 
VGH C17 C18  sing Y N 429 
VGH C17 C21  sing N N 430 
VGH C18 CL2  sing N N 431 
VGH C21 C1   sing N N 432 
VGH C21 O27  sing N N 433 
VGH O27 C15  sing N N 434 
VGH C15 C4   doub Y N 435 
VGH C15 C19  sing Y N 436 
VGH C4  C14  sing Y N 437 
VGH C19 N22  sing N N 438 
VGH C19 N23  doub Y N 439 
VGH N23 C5   sing Y N 440 
VGH C5  C14  doub Y N 441 
VGH C14 C16  sing Y N 442 
VGH C16 C6   sing Y N 443 
VGH C16 C7   doub Y N 444 
VGH C6  N24  doub Y N 445 
VGH C7  N26  sing Y N 446 
VGH N26 N24  sing Y N 447 
VGH N26 C20  sing N N 448 
VGH C20 C8   sing N N 449 
VGH C20 C9   sing N N 450 
VGH C8  C10  sing N N 451 
VGH C10 N25  sing N N 452 
VGH N25 C11  sing N N 453 
VGH C11 C9   sing N N 454 
VGH C3  H3   sing N N 455 
VGH C2  H2   sing N N 456 
VGH C21 H21  sing N N 457 
VGH C1  H11C sing N N 458 
VGH C1  H12C sing N N 459 
VGH C1  H13C sing N N 460 
VGH C4  H4   sing N N 461 
VGH N22 H221 sing N N 462 
VGH N22 H222 sing N N 463 
VGH C5  H5   sing N N 464 
VGH C6  H6   sing N N 465 
VGH C7  H7   sing N N 466 
VGH C20 H20  sing N N 467 
VGH C8  H81C sing N N 468 
VGH C8  H82C sing N N 469 
VGH C9  H91C sing N N 470 
VGH C9  H92C sing N N 471 
VGH C10 H101 sing N N 472 
VGH C10 H102 sing N N 473 
VGH N25 H25  sing N N 474 
VGH C11 H111 sing N N 475 
VGH C11 H112 sing N N 476 
# 
_atom_sites.entry_id                    6IMZ 
_atom_sites.fract_transf_matrix[1][1]   0.00350357 
_atom_sites.fract_transf_matrix[1][2]   -0.00477197 
_atom_sites.fract_transf_matrix[1][3]   -0.01384002 
_atom_sites.fract_transf_matrix[2][1]   -0.01256859 
_atom_sites.fract_transf_matrix[2][2]   -0.00827743 
_atom_sites.fract_transf_matrix[2][3]   -0.00032769 
_atom_sites.fract_transf_matrix[3][1]   -0.00355754 
_atom_sites.fract_transf_matrix[3][2]   0.00551274 
_atom_sites.fract_transf_matrix[3][3]   -0.00280135 
_atom_sites.fract_transf_vector[1]      0.254945 
_atom_sites.fract_transf_vector[2]      -0.237633 
_atom_sites.fract_transf_vector[3]      0.124090 
# 
loop_
_atom_type.symbol 
C  
CL 
F  
N  
O  
S  
ZN 
# 
loop_
_atom_site.group_PDB 
_atom_site.id 
_atom_site.type_symbol 
_atom_site.label_atom_id 
_atom_site.label_alt_id 
_atom_site.label_comp_id 
_atom_site.label_asym_id 
_atom_site.label_entity_id 
_atom_site.label_seq_id 
_atom_site.pdbx_PDB_ins_code 
_atom_site.Cartn_x 
_atom_site.Cartn_y 
_atom_site.Cartn_z 
_atom_site.occupancy 
_atom_site.B_iso_or_equiv 
_atom_site.pdbx_formal_charge 
_atom_site.auth_seq_id 
_atom_site.auth_comp_id 
_atom_site.auth_asym_id 
_atom_site.auth_atom_id 
_atom_site.pdbx_PDB_model_num 
ATOM   1    N  N   . ALA A 1 2   ? 9.606   -17.754 -6.299  1.00 53.48 ? 3   ALA A N   1 
ATOM   2    C  CA  . ALA A 1 2   ? 10.036  -16.914 -5.190  1.00 57.66 ? 3   ALA A CA  1 
ATOM   3    C  C   . ALA A 1 2   ? 8.949   -15.898 -4.853  1.00 52.99 ? 3   ALA A C   1 
ATOM   4    O  O   . ALA A 1 2   ? 7.760   -16.224 -4.855  1.00 52.03 ? 3   ALA A O   1 
ATOM   5    C  CB  . ALA A 1 2   ? 11.346  -16.209 -5.530  1.00 49.24 ? 3   ALA A CB  1 
ATOM   6    N  N   . SER A 1 3   ? 9.359   -14.668 -4.556  1.00 43.06 ? 4   SER A N   1 
ATOM   7    C  CA  . SER A 1 3   ? 8.415   -13.585 -4.331  1.00 41.83 ? 4   SER A CA  1 
ATOM   8    C  C   . SER A 1 3   ? 9.105   -12.268 -4.654  1.00 43.27 ? 4   SER A C   1 
ATOM   9    O  O   . SER A 1 3   ? 10.326  -12.210 -4.820  1.00 37.23 ? 4   SER A O   1 
ATOM   10   C  CB  . SER A 1 3   ? 7.864   -13.593 -2.902  1.00 37.14 ? 4   SER A CB  1 
ATOM   11   O  OG  . SER A 1 3   ? 8.892   -13.345 -1.964  1.00 42.11 ? 4   SER A OG  1 
ATOM   12   N  N   . ARG A 1 4   ? 8.306   -11.209 -4.767  1.00 34.84 ? 5   ARG A N   1 
ATOM   13   C  CA  . ARG A 1 4   ? 8.818   -9.871  -5.012  1.00 33.70 ? 5   ARG A CA  1 
ATOM   14   C  C   . ARG A 1 4   ? 8.407   -8.970  -3.857  1.00 31.01 ? 5   ARG A C   1 
ATOM   15   O  O   . ARG A 1 4   ? 7.289   -9.069  -3.343  1.00 27.89 ? 5   ARG A O   1 
ATOM   16   C  CB  . ARG A 1 4   ? 8.305   -9.297  -6.340  1.00 41.38 ? 5   ARG A CB  1 
ATOM   17   C  CG  . ARG A 1 4   ? 9.258   -8.280  -6.966  1.00 51.67 ? 5   ARG A CG  1 
ATOM   18   C  CD  . ARG A 1 4   ? 8.685   -7.582  -8.206  1.00 55.10 ? 5   ARG A CD  1 
ATOM   19   N  NE  . ARG A 1 4   ? 8.269   -8.504  -9.264  1.00 68.92 ? 5   ARG A NE  1 
ATOM   20   C  CZ  . ARG A 1 4   ? 8.024   -8.142  -10.526 1.00 70.29 ? 5   ARG A CZ  1 
ATOM   21   N  NH1 . ARG A 1 4   ? 8.165   -6.876  -10.906 1.00 63.72 ? 5   ARG A NH1 1 
ATOM   22   N  NH2 . ARG A 1 4   ? 7.644   -9.054  -11.415 1.00 72.34 ? 5   ARG A NH2 1 
ATOM   23   N  N   . LEU A 1 5   ? 9.313   -8.088  -3.459  1.00 29.34 ? 6   LEU A N   1 
ATOM   24   C  CA  . LEU A 1 5   ? 9.151   -7.276  -2.262  1.00 31.30 ? 6   LEU A CA  1 
ATOM   25   C  C   . LEU A 1 5   ? 8.583   -5.911  -2.644  1.00 26.96 ? 6   LEU A C   1 
ATOM   26   O  O   . LEU A 1 5   ? 9.140   -5.226  -3.503  1.00 26.39 ? 6   LEU A O   1 
ATOM   27   C  CB  . LEU A 1 5   ? 10.510  -7.140  -1.572  1.00 26.36 ? 6   LEU A CB  1 
ATOM   28   C  CG  . LEU A 1 5   ? 10.619  -6.332  -0.281  1.00 25.84 ? 6   LEU A CG  1 
ATOM   29   C  CD1 . LEU A 1 5   ? 9.555   -6.754  0.717   1.00 32.43 ? 6   LEU A CD1 1 
ATOM   30   C  CD2 . LEU A 1 5   ? 12.003  -6.525  0.294   1.00 28.36 ? 6   LEU A CD2 1 
ATOM   31   N  N   . TYR A 1 6   ? 7.467   -5.531  -2.018  1.00 29.60 ? 7   TYR A N   1 
ATOM   32   C  CA  . TYR A 1 6   ? 6.769   -4.287  -2.325  1.00 29.43 ? 7   TYR A CA  1 
ATOM   33   C  C   . TYR A 1 6   ? 6.446   -3.535  -1.041  1.00 32.78 ? 7   TYR A C   1 
ATOM   34   O  O   . TYR A 1 6   ? 6.352   -4.123  0.041   1.00 24.91 ? 7   TYR A O   1 
ATOM   35   C  CB  . TYR A 1 6   ? 5.439   -4.546  -3.048  1.00 27.01 ? 7   TYR A CB  1 
ATOM   36   C  CG  . TYR A 1 6   ? 5.565   -5.008  -4.482  1.00 30.32 ? 7   TYR A CG  1 
ATOM   37   C  CD1 . TYR A 1 6   ? 5.733   -6.353  -4.788  1.00 32.47 ? 7   TYR A CD1 1 
ATOM   38   C  CD2 . TYR A 1 6   ? 5.502   -4.102  -5.529  1.00 32.40 ? 7   TYR A CD2 1 
ATOM   39   C  CE1 . TYR A 1 6   ? 5.835   -6.782  -6.101  1.00 31.12 ? 7   TYR A CE1 1 
ATOM   40   C  CE2 . TYR A 1 6   ? 5.608   -4.520  -6.848  1.00 34.33 ? 7   TYR A CE2 1 
ATOM   41   C  CZ  . TYR A 1 6   ? 5.774   -5.862  -7.125  1.00 39.91 ? 7   TYR A CZ  1 
ATOM   42   O  OH  . TYR A 1 6   ? 5.875   -6.288  -8.431  1.00 40.08 ? 7   TYR A OH  1 
ATOM   43   N  N   . THR A 1 7   ? 6.253   -2.220  -1.180  1.00 28.14 ? 8   THR A N   1 
ATOM   44   C  CA  . THR A 1 7   ? 5.763   -1.380  -0.097  1.00 29.41 ? 8   THR A CA  1 
ATOM   45   C  C   . THR A 1 7   ? 4.462   -0.704  -0.505  1.00 29.61 ? 8   THR A C   1 
ATOM   46   O  O   . THR A 1 7   ? 4.205   -0.473  -1.691  1.00 28.36 ? 8   THR A O   1 
ATOM   47   C  CB  . THR A 1 7   ? 6.773   -0.296  0.295   1.00 33.30 ? 8   THR A CB  1 
ATOM   48   O  OG1 . THR A 1 7   ? 7.027   0.555   -0.830  1.00 30.91 ? 8   THR A OG1 1 
ATOM   49   C  CG2 . THR A 1 7   ? 8.071   -0.926  0.756   1.00 32.33 ? 8   THR A CG2 1 
ATOM   50   N  N   . LEU A 1 8   ? 3.646   -0.394  0.499   1.00 27.51 ? 9   LEU A N   1 
ATOM   51   C  CA  . LEU A 1 8   ? 2.401   0.340   0.327   1.00 26.47 ? 9   LEU A CA  1 
ATOM   52   C  C   . LEU A 1 8   ? 2.257   1.281   1.512   1.00 30.02 ? 9   LEU A C   1 
ATOM   53   O  O   . LEU A 1 8   ? 2.350   0.843   2.664   1.00 28.97 ? 9   LEU A O   1 
ATOM   54   C  CB  . LEU A 1 8   ? 1.218   -0.632  0.285   1.00 27.50 ? 9   LEU A CB  1 
ATOM   55   C  CG  . LEU A 1 8   ? -0.149  -0.078  -0.107  1.00 35.40 ? 9   LEU A CG  1 
ATOM   56   C  CD1 . LEU A 1 8   ? -0.087  0.613   -1.467  1.00 34.38 ? 9   LEU A CD1 1 
ATOM   57   C  CD2 . LEU A 1 8   ? -1.156  -1.214  -0.120  1.00 30.51 ? 9   LEU A CD2 1 
ATOM   58   N  N   . VAL A 1 9   ? 2.030   2.567   1.235   1.00 27.47 ? 10  VAL A N   1 
ATOM   59   C  CA  . VAL A 1 9   ? 2.037   3.611   2.255   1.00 27.90 ? 10  VAL A CA  1 
ATOM   60   C  C   . VAL A 1 9   ? 0.725   4.381   2.195   1.00 30.80 ? 10  VAL A C   1 
ATOM   61   O  O   . VAL A 1 9   ? 0.355   4.907   1.140   1.00 29.65 ? 10  VAL A O   1 
ATOM   62   C  CB  . VAL A 1 9   ? 3.222   4.578   2.067   1.00 26.09 ? 10  VAL A CB  1 
ATOM   63   C  CG1 . VAL A 1 9   ? 3.169   5.673   3.109   1.00 24.19 ? 10  VAL A CG1 1 
ATOM   64   C  CG2 . VAL A 1 9   ? 4.547   3.829   2.140   1.00 27.98 ? 10  VAL A CG2 1 
ATOM   65   N  N   . LEU A 1 10  ? 0.038   4.471   3.331   1.00 29.92 ? 11  LEU A N   1 
ATOM   66   C  CA  . LEU A 1 10  ? -1.188  5.246   3.454   1.00 23.71 ? 11  LEU A CA  1 
ATOM   67   C  C   . LEU A 1 10  ? -0.914  6.436   4.360   1.00 27.66 ? 11  LEU A C   1 
ATOM   68   O  O   . LEU A 1 10  ? -0.530  6.259   5.521   1.00 28.39 ? 11  LEU A O   1 
ATOM   69   C  CB  . LEU A 1 10  ? -2.319  4.401   4.039   1.00 30.88 ? 11  LEU A CB  1 
ATOM   70   C  CG  . LEU A 1 10  ? -3.012  3.379   3.137   1.00 31.56 ? 11  LEU A CG  1 
ATOM   71   C  CD1 . LEU A 1 10  ? -3.482  4.048   1.863   1.00 34.37 ? 11  LEU A CD1 1 
ATOM   72   C  CD2 . LEU A 1 10  ? -2.102  2.184   2.835   1.00 31.23 ? 11  LEU A CD2 1 
ATOM   73   N  N   . VAL A 1 11  ? -1.106  7.639   3.830   1.00 27.62 ? 12  VAL A N   1 
ATOM   74   C  CA  . VAL A 1 11  ? -1.001  8.868   4.610   1.00 30.15 ? 12  VAL A CA  1 
ATOM   75   C  C   . VAL A 1 11  ? -2.370  9.117   5.238   1.00 29.38 ? 12  VAL A C   1 
ATOM   76   O  O   . VAL A 1 11  ? -3.324  9.482   4.550   1.00 31.77 ? 12  VAL A O   1 
ATOM   77   C  CB  . VAL A 1 11  ? -0.558  10.050  3.740   1.00 32.46 ? 12  VAL A CB  1 
ATOM   78   C  CG1 . VAL A 1 11  ? -0.576  11.341  4.550   1.00 30.18 ? 12  VAL A CG1 1 
ATOM   79   C  CG2 . VAL A 1 11  ? 0.825   9.798   3.157   1.00 32.25 ? 12  VAL A CG2 1 
ATOM   80   N  N   . LEU A 1 12  ? -2.469  8.918   6.546   1.00 31.53 ? 13  LEU A N   1 
ATOM   81   C  CA  . LEU A 1 12  ? -3.756  8.866   7.231   1.00 31.34 ? 13  LEU A CA  1 
ATOM   82   C  C   . LEU A 1 12  ? -3.744  9.881   8.366   1.00 39.31 ? 13  LEU A C   1 
ATOM   83   O  O   . LEU A 1 12  ? -3.045  9.687   9.367   1.00 40.37 ? 13  LEU A O   1 
ATOM   84   C  CB  . LEU A 1 12  ? -4.011  7.455   7.763   1.00 27.41 ? 13  LEU A CB  1 
ATOM   85   C  CG  . LEU A 1 12  ? -5.272  7.283   8.608   1.00 40.80 ? 13  LEU A CG  1 
ATOM   86   C  CD1 . LEU A 1 12  ? -6.491  7.709   7.811   1.00 37.41 ? 13  LEU A CD1 1 
ATOM   87   C  CD2 . LEU A 1 12  ? -5.412  5.843   9.091   1.00 45.03 ? 13  LEU A CD2 1 
ATOM   88   N  N   . GLN A 1 13  ? -4.496  10.959  8.206   1.00 40.22 ? 14  GLN A N   1 
ATOM   89   C  CA  . GLN A 1 13  ? -4.689  11.973  9.232   1.00 37.60 ? 14  GLN A CA  1 
ATOM   90   C  C   . GLN A 1 13  ? -6.015  11.741  9.947   1.00 42.40 ? 14  GLN A C   1 
ATOM   91   O  O   . GLN A 1 13  ? -6.813  10.897  9.530   1.00 38.43 ? 14  GLN A O   1 
ATOM   92   C  CB  . GLN A 1 13  ? -4.605  13.365  8.595   1.00 32.42 ? 14  GLN A CB  1 
ATOM   93   C  CG  . GLN A 1 13  ? -3.160  13.737  8.254   1.00 39.58 ? 14  GLN A CG  1 
ATOM   94   C  CD  . GLN A 1 13  ? -3.021  15.107  7.630   1.00 38.93 ? 14  GLN A CD  1 
ATOM   95   O  OE1 . GLN A 1 13  ? -4.012  15.762  7.322   1.00 42.99 ? 14  GLN A OE1 1 
ATOM   96   N  NE2 . GLN A 1 13  ? -1.782  15.545  7.437   1.00 44.30 ? 14  GLN A NE2 1 
ATOM   97   N  N   . PRO A 1 14  ? -6.271  12.443  11.069  1.00 39.58 ? 15  PRO A N   1 
ATOM   98   C  CA  . PRO A 1 14  ? -7.450  12.105  11.894  1.00 40.69 ? 15  PRO A CA  1 
ATOM   99   C  C   . PRO A 1 14  ? -8.772  11.969  11.150  1.00 43.69 ? 15  PRO A C   1 
ATOM   100  O  O   . PRO A 1 14  ? -9.573  11.092  11.499  1.00 44.20 ? 15  PRO A O   1 
ATOM   101  C  CB  . PRO A 1 14  ? -7.476  13.232  12.931  1.00 42.72 ? 15  PRO A CB  1 
ATOM   102  C  CG  . PRO A 1 14  ? -6.049  13.545  13.129  1.00 44.76 ? 15  PRO A CG  1 
ATOM   103  C  CD  . PRO A 1 14  ? -5.399  13.407  11.774  1.00 39.00 ? 15  PRO A CD  1 
ATOM   104  N  N   . GLN A 1 15  ? -9.031  12.794  10.138  1.00 39.02 ? 16  GLN A N   1 
ATOM   105  C  CA  . GLN A 1 15  ? -10.322 12.759  9.468   1.00 36.03 ? 16  GLN A CA  1 
ATOM   106  C  C   . GLN A 1 15  ? -10.238 12.540  7.962   1.00 38.28 ? 16  GLN A C   1 
ATOM   107  O  O   . GLN A 1 15  ? -11.283 12.480  7.303   1.00 39.50 ? 16  GLN A O   1 
ATOM   108  C  CB  . GLN A 1 15  ? -11.127 14.026  9.796   1.00 50.39 ? 16  GLN A CB  1 
ATOM   109  C  CG  . GLN A 1 15  ? -10.697 14.700  11.107  1.00 54.22 ? 16  GLN A CG  1 
ATOM   110  C  CD  . GLN A 1 15  ? -11.863 15.068  12.019  1.00 57.75 ? 16  GLN A CD  1 
ATOM   111  O  OE1 . GLN A 1 15  ? -13.027 14.825  11.696  1.00 57.47 ? 16  GLN A OE1 1 
ATOM   112  N  NE2 . GLN A 1 15  ? -11.547 15.661  13.169  1.00 44.26 ? 16  GLN A NE2 1 
ATOM   113  N  N   . ARG A 1 16  ? -9.041  12.385  7.400   1.00 35.16 ? 17  ARG A N   1 
ATOM   114  C  CA  . ARG A 1 16  ? -8.897  12.253  5.957   1.00 33.31 ? 17  ARG A CA  1 
ATOM   115  C  C   . ARG A 1 16  ? -7.701  11.367  5.639   1.00 31.54 ? 17  ARG A C   1 
ATOM   116  O  O   . ARG A 1 16  ? -6.806  11.174  6.465   1.00 35.29 ? 17  ARG A O   1 
ATOM   117  C  CB  . ARG A 1 16  ? -8.729  13.624  5.291   1.00 30.28 ? 17  ARG A CB  1 
ATOM   118  C  CG  . ARG A 1 16  ? -7.575  14.422  5.869   1.00 27.66 ? 17  ARG A CG  1 
ATOM   119  C  CD  . ARG A 1 16  ? -7.420  15.777  5.200   1.00 28.50 ? 17  ARG A CD  1 
ATOM   120  N  NE  . ARG A 1 16  ? -6.138  16.383  5.545   1.00 29.07 ? 17  ARG A NE  1 
ATOM   121  C  CZ  . ARG A 1 16  ? -5.671  17.502  5.003   1.00 34.61 ? 17  ARG A CZ  1 
ATOM   122  N  NH1 . ARG A 1 16  ? -6.386  18.143  4.089   1.00 31.68 ? 17  ARG A NH1 1 
ATOM   123  N  NH2 . ARG A 1 16  ? -4.489  17.976  5.371   1.00 35.26 ? 17  ARG A NH2 1 
ATOM   124  N  N   . VAL A 1 17  ? -7.693  10.832  4.423   1.00 26.33 ? 18  VAL A N   1 
ATOM   125  C  CA  . VAL A 1 17  ? -6.602  9.995   3.943   1.00 29.06 ? 18  VAL A CA  1 
ATOM   126  C  C   . VAL A 1 17  ? -6.173  10.509  2.576   1.00 29.07 ? 18  VAL A C   1 
ATOM   127  O  O   . VAL A 1 17  ? -7.007  10.955  1.779   1.00 25.57 ? 18  VAL A O   1 
ATOM   128  C  CB  . VAL A 1 17  ? -6.990  8.499   3.884   1.00 30.54 ? 18  VAL A CB  1 
ATOM   129  C  CG1 . VAL A 1 17  ? -8.169  8.277   2.951   1.00 29.05 ? 18  VAL A CG1 1 
ATOM   130  C  CG2 . VAL A 1 17  ? -5.798  7.648   3.441   1.00 32.77 ? 18  VAL A CG2 1 
ATOM   131  N  N   . LEU A 1 18  ? -4.872  10.483  2.320   1.00 26.48 ? 19  LEU A N   1 
ATOM   132  C  CA  . LEU A 1 18  ? -4.323  10.907  1.043   1.00 29.54 ? 19  LEU A CA  1 
ATOM   133  C  C   . LEU A 1 18  ? -4.109  9.676   0.172   1.00 28.37 ? 19  LEU A C   1 
ATOM   134  O  O   . LEU A 1 18  ? -3.327  8.789   0.526   1.00 33.20 ? 19  LEU A O   1 
ATOM   135  C  CB  . LEU A 1 18  ? -3.004  11.649  1.243   1.00 27.67 ? 19  LEU A CB  1 
ATOM   136  C  CG  . LEU A 1 18  ? -2.482  12.314  -0.027  1.00 29.04 ? 19  LEU A CG  1 
ATOM   137  C  CD1 . LEU A 1 18  ? -3.290  13.570  -0.337  1.00 29.44 ? 19  LEU A CD1 1 
ATOM   138  C  CD2 . LEU A 1 18  ? -1.002  12.629  0.102   1.00 31.50 ? 19  LEU A CD2 1 
ATOM   139  N  N   . LEU A 1 19  ? -4.810  9.618   -0.955  1.00 29.11 ? 20  LEU A N   1 
ATOM   140  C  CA  . LEU A 1 19  ? -4.652  8.543   -1.923  1.00 26.99 ? 20  LEU A CA  1 
ATOM   141  C  C   . LEU A 1 19  ? -4.129  9.124   -3.228  1.00 31.24 ? 20  LEU A C   1 
ATOM   142  O  O   . LEU A 1 19  ? -4.230  10.326  -3.481  1.00 29.76 ? 20  LEU A O   1 
ATOM   143  C  CB  . LEU A 1 19  ? -5.986  7.831   -2.171  1.00 28.14 ? 20  LEU A CB  1 
ATOM   144  C  CG  . LEU A 1 19  ? -6.635  7.210   -0.933  1.00 32.01 ? 20  LEU A CG  1 
ATOM   145  C  CD1 . LEU A 1 19  ? -8.082  6.866   -1.207  1.00 33.38 ? 20  LEU A CD1 1 
ATOM   146  C  CD2 . LEU A 1 19  ? -5.870  5.978   -0.488  1.00 32.03 ? 20  LEU A CD2 1 
ATOM   147  N  N   . GLY A 1 20  ? -3.555  8.260   -4.054  1.00 28.41 ? 21  GLY A N   1 
ATOM   148  C  CA  . GLY A 1 20  ? -3.065  8.691   -5.346  1.00 27.71 ? 21  GLY A CA  1 
ATOM   149  C  C   . GLY A 1 20  ? -3.783  7.989   -6.477  1.00 35.22 ? 21  GLY A C   1 
ATOM   150  O  O   . GLY A 1 20  ? -3.991  6.774   -6.423  1.00 35.49 ? 21  GLY A O   1 
ATOM   151  N  N   . MET A 1 21  ? -4.194  8.732   -7.500  1.00 32.81 ? 22  MET A N   1 
ATOM   152  C  CA  . MET A 1 21  ? -4.727  8.112   -8.702  1.00 39.14 ? 22  MET A CA  1 
ATOM   153  C  C   . MET A 1 21  ? -3.578  7.809   -9.649  1.00 39.66 ? 22  MET A C   1 
ATOM   154  O  O   . MET A 1 21  ? -2.774  8.695   -9.958  1.00 34.02 ? 22  MET A O   1 
ATOM   155  C  CB  . MET A 1 21  ? -5.737  9.017   -9.404  1.00 39.71 ? 22  MET A CB  1 
ATOM   156  C  CG  . MET A 1 21  ? -6.185  8.455   -10.747 1.00 43.91 ? 22  MET A CG  1 
ATOM   157  S  SD  . MET A 1 21  ? -7.433  9.459   -11.549 1.00 61.47 ? 22  MET A SD  1 
ATOM   158  C  CE  . MET A 1 21  ? -6.684  11.078  -11.441 1.00 49.53 ? 22  MET A CE  1 
ATOM   159  N  N   . LYS A 1 22  ? -3.491  6.556   -10.086 1.00 41.34 ? 23  LYS A N   1 
ATOM   160  C  CA  . LYS A 1 22  ? -2.544  6.210   -11.135 1.00 44.56 ? 23  LYS A CA  1 
ATOM   161  C  C   . LYS A 1 22  ? -2.951  6.931   -12.413 1.00 43.11 ? 23  LYS A C   1 
ATOM   162  O  O   . LYS A 1 22  ? -4.085  6.788   -12.884 1.00 42.99 ? 23  LYS A O   1 
ATOM   163  C  CB  . LYS A 1 22  ? -2.533  4.697   -11.353 1.00 44.87 ? 23  LYS A CB  1 
ATOM   164  C  CG  . LYS A 1 22  ? -1.375  4.204   -12.212 1.00 48.18 ? 23  LYS A CG  1 
ATOM   165  C  CD  . LYS A 1 22  ? -0.035  4.380   -11.504 1.00 43.37 ? 23  LYS A CD  1 
ATOM   166  C  CE  . LYS A 1 22  ? 1.125   3.881   -12.358 1.00 46.59 ? 23  LYS A CE  1 
ATOM   167  N  NZ  . LYS A 1 22  ? 1.481   4.858   -13.427 1.00 52.31 ? 23  LYS A NZ  1 
ATOM   168  N  N   . LYS A 1 23  ? -2.030  7.724   -12.959 1.00 43.96 ? 24  LYS A N   1 
ATOM   169  C  CA  . LYS A 1 23  ? -2.338  8.604   -14.079 1.00 39.67 ? 24  LYS A CA  1 
ATOM   170  C  C   . LYS A 1 23  ? -2.231  7.902   -15.425 1.00 49.11 ? 24  LYS A C   1 
ATOM   171  O  O   . LYS A 1 23  ? -3.073  8.124   -16.303 1.00 48.11 ? 24  LYS A O   1 
ATOM   172  C  CB  . LYS A 1 23  ? -1.417  9.827   -14.057 1.00 38.89 ? 24  LYS A CB  1 
ATOM   173  C  CG  . LYS A 1 23  ? -1.719  10.809  -12.932 1.00 42.95 ? 24  LYS A CG  1 
ATOM   174  C  CD  . LYS A 1 23  ? -0.591  11.807  -12.748 1.00 37.62 ? 24  LYS A CD  1 
ATOM   175  C  CE  . LYS A 1 23  ? -0.371  12.648  -13.993 1.00 39.07 ? 24  LYS A CE  1 
ATOM   176  N  NZ  . LYS A 1 23  ? 0.774   13.579  -13.800 1.00 38.18 ? 24  LYS A NZ  1 
ATOM   177  N  N   . ARG A 1 24  ? -1.204  7.074   -15.608 1.00 50.82 ? 25  ARG A N   1 
ATOM   178  C  CA  . ARG A 1 24  ? -0.972  6.379   -16.866 1.00 55.09 ? 25  ARG A CA  1 
ATOM   179  C  C   . ARG A 1 24  ? -0.519  4.957   -16.569 1.00 54.81 ? 25  ARG A C   1 
ATOM   180  O  O   . ARG A 1 24  ? -0.065  4.647   -15.465 1.00 52.29 ? 25  ARG A O   1 
ATOM   181  C  CB  . ARG A 1 24  ? 0.098   7.090   -17.716 1.00 52.96 ? 25  ARG A CB  1 
ATOM   182  C  CG  . ARG A 1 24  ? 1.469   6.418   -17.702 1.00 53.03 ? 25  ARG A CG  1 
ATOM   183  C  CD  . ARG A 1 24  ? 2.613   7.416   -17.609 1.00 54.22 ? 25  ARG A CD  1 
ATOM   184  N  NE  . ARG A 1 24  ? 3.397   7.212   -16.390 1.00 61.32 ? 25  ARG A NE  1 
ATOM   185  C  CZ  . ARG A 1 24  ? 4.593   7.748   -16.167 1.00 56.07 ? 25  ARG A CZ  1 
ATOM   186  N  NH1 . ARG A 1 24  ? 5.158   8.520   -17.089 1.00 53.83 ? 25  ARG A NH1 1 
ATOM   187  N  NH2 . ARG A 1 24  ? 5.229   7.508   -15.026 1.00 48.67 ? 25  ARG A NH2 1 
ATOM   188  N  N   . GLY A 1 25  ? -0.661  4.086   -17.568 1.00 55.79 ? 26  GLY A N   1 
ATOM   189  C  CA  . GLY A 1 25  ? -0.077  2.761   -17.500 1.00 55.00 ? 26  GLY A CA  1 
ATOM   190  C  C   . GLY A 1 25  ? -0.845  1.737   -16.686 1.00 50.47 ? 26  GLY A C   1 
ATOM   191  O  O   . GLY A 1 25  ? -2.080  1.700   -16.716 1.00 49.37 ? 26  GLY A O   1 
ATOM   192  N  N   . PHE A 1 26  ? -0.111  0.887   -15.969 1.00 49.59 ? 27  PHE A N   1 
ATOM   193  C  CA  . PHE A 1 26  ? -0.732  -0.191  -15.212 1.00 47.98 ? 27  PHE A CA  1 
ATOM   194  C  C   . PHE A 1 26  ? -1.633  0.370   -14.121 1.00 50.28 ? 27  PHE A C   1 
ATOM   195  O  O   . PHE A 1 26  ? -1.226  1.242   -13.347 1.00 51.37 ? 27  PHE A O   1 
ATOM   196  C  CB  . PHE A 1 26  ? 0.341   -1.080  -14.588 1.00 48.77 ? 27  PHE A CB  1 
ATOM   197  C  CG  . PHE A 1 26  ? -0.217  -2.224  -13.787 1.00 52.10 ? 27  PHE A CG  1 
ATOM   198  C  CD1 . PHE A 1 26  ? -0.672  -3.370  -14.418 1.00 51.37 ? 27  PHE A CD1 1 
ATOM   199  C  CD2 . PHE A 1 26  ? -0.295  -2.152  -12.404 1.00 48.56 ? 27  PHE A CD2 1 
ATOM   200  C  CE1 . PHE A 1 26  ? -1.190  -4.427  -13.687 1.00 49.85 ? 27  PHE A CE1 1 
ATOM   201  C  CE2 . PHE A 1 26  ? -0.812  -3.206  -11.669 1.00 49.59 ? 27  PHE A CE2 1 
ATOM   202  C  CZ  . PHE A 1 26  ? -1.259  -4.344  -12.313 1.00 50.70 ? 27  PHE A CZ  1 
ATOM   203  N  N   . GLY A 1 27  ? -2.861  -0.144  -14.055 1.00 49.30 ? 28  GLY A N   1 
ATOM   204  C  CA  . GLY A 1 27  ? -3.803  0.287   -13.041 1.00 50.20 ? 28  GLY A CA  1 
ATOM   205  C  C   . GLY A 1 27  ? -4.245  1.726   -13.152 1.00 49.49 ? 28  GLY A C   1 
ATOM   206  O  O   . GLY A 1 27  ? -4.694  2.303   -12.159 1.00 46.51 ? 28  GLY A O   1 
ATOM   207  N  N   . ALA A 1 28  ? -4.134  2.321   -14.340 1.00 49.74 ? 29  ALA A N   1 
ATOM   208  C  CA  . ALA A 1 28  ? -4.506  3.716   -14.529 1.00 44.53 ? 29  ALA A CA  1 
ATOM   209  C  C   . ALA A 1 28  ? -5.970  3.940   -14.164 1.00 43.69 ? 29  ALA A C   1 
ATOM   210  O  O   . ALA A 1 28  ? -6.817  3.056   -14.318 1.00 44.76 ? 29  ALA A O   1 
ATOM   211  C  CB  . ALA A 1 28  ? -4.270  4.119   -15.986 1.00 44.62 ? 29  ALA A CB  1 
ATOM   212  N  N   . GLY A 1 29  ? -6.264  5.136   -13.660 1.00 41.52 ? 30  GLY A N   1 
ATOM   213  C  CA  . GLY A 1 29  ? -7.621  5.490   -13.307 1.00 40.89 ? 30  GLY A CA  1 
ATOM   214  C  C   . GLY A 1 29  ? -8.116  4.953   -11.980 1.00 47.66 ? 30  GLY A C   1 
ATOM   215  O  O   . GLY A 1 29  ? -9.260  5.239   -11.608 1.00 48.07 ? 30  GLY A O   1 
ATOM   216  N  N   . ARG A 1 30  ? -7.308  4.190   -11.251 1.00 46.80 ? 31  ARG A N   1 
ATOM   217  C  CA  . ARG A 1 30  ? -7.681  3.735   -9.919  1.00 39.94 ? 31  ARG A CA  1 
ATOM   218  C  C   . ARG A 1 30  ? -6.965  4.553   -8.849  1.00 37.80 ? 31  ARG A C   1 
ATOM   219  O  O   . ARG A 1 30  ? -5.889  5.108   -9.083  1.00 40.76 ? 31  ARG A O   1 
ATOM   220  C  CB  . ARG A 1 30  ? -7.354  2.253   -9.737  1.00 45.25 ? 31  ARG A CB  1 
ATOM   221  C  CG  . ARG A 1 30  ? -8.452  1.327   -10.218 1.00 41.59 ? 31  ARG A CG  1 
ATOM   222  C  CD  . ARG A 1 30  ? -8.044  -0.127  -10.080 1.00 44.43 ? 31  ARG A CD  1 
ATOM   223  N  NE  . ARG A 1 30  ? -9.207  -1.006  -10.158 1.00 49.72 ? 31  ARG A NE  1 
ATOM   224  C  CZ  . ARG A 1 30  ? -9.144  -2.325  -10.304 1.00 44.58 ? 31  ARG A CZ  1 
ATOM   225  N  NH1 . ARG A 1 30  ? -7.970  -2.929  -10.400 1.00 47.21 ? 31  ARG A NH1 1 
ATOM   226  N  NH2 . ARG A 1 30  ? -10.261 -3.036  -10.362 1.00 45.76 ? 31  ARG A NH2 1 
ATOM   227  N  N   . TRP A 1 31  ? -7.575  4.625   -7.666  1.00 39.92 ? 32  TRP A N   1 
ATOM   228  C  CA  . TRP A 1 31  ? -6.971  5.275   -6.510  1.00 36.22 ? 32  TRP A CA  1 
ATOM   229  C  C   . TRP A 1 31  ? -6.357  4.216   -5.605  1.00 38.74 ? 32  TRP A C   1 
ATOM   230  O  O   . TRP A 1 31  ? -6.932  3.140   -5.415  1.00 35.72 ? 32  TRP A O   1 
ATOM   231  C  CB  . TRP A 1 31  ? -8.015  6.057   -5.710  1.00 32.08 ? 32  TRP A CB  1 
ATOM   232  C  CG  . TRP A 1 31  ? -8.658  7.203   -6.452  1.00 35.91 ? 32  TRP A CG  1 
ATOM   233  C  CD1 . TRP A 1 31  ? -9.833  7.171   -7.155  1.00 37.26 ? 32  TRP A CD1 1 
ATOM   234  C  CD2 . TRP A 1 31  ? -8.177  8.551   -6.541  1.00 31.04 ? 32  TRP A CD2 1 
ATOM   235  N  NE1 . TRP A 1 31  ? -10.101 8.411   -7.682  1.00 37.79 ? 32  TRP A NE1 1 
ATOM   236  C  CE2 . TRP A 1 31  ? -9.099  9.274   -7.323  1.00 33.29 ? 32  TRP A CE2 1 
ATOM   237  C  CE3 . TRP A 1 31  ? -7.053  9.213   -6.042  1.00 29.34 ? 32  TRP A CE3 1 
ATOM   238  C  CZ2 . TRP A 1 31  ? -8.931  10.623  -7.618  1.00 36.44 ? 32  TRP A CZ2 1 
ATOM   239  C  CZ3 . TRP A 1 31  ? -6.887  10.552  -6.335  1.00 33.32 ? 32  TRP A CZ3 1 
ATOM   240  C  CH2 . TRP A 1 31  ? -7.821  11.243  -7.115  1.00 34.88 ? 32  TRP A CH2 1 
ATOM   241  N  N   . ASN A 1 32  ? -5.192  4.526   -5.043  1.00 35.72 ? 33  ASN A N   1 
ATOM   242  C  CA  . ASN A 1 32  ? -4.526  3.592   -4.144  1.00 39.63 ? 33  ASN A CA  1 
ATOM   243  C  C   . ASN A 1 32  ? -3.569  4.356   -3.241  1.00 34.71 ? 33  ASN A C   1 
ATOM   244  O  O   . ASN A 1 32  ? -3.389  5.571   -3.372  1.00 28.86 ? 33  ASN A O   1 
ATOM   245  C  CB  . ASN A 1 32  ? -3.788  2.493   -4.919  1.00 35.68 ? 33  ASN A CB  1 
ATOM   246  C  CG  . ASN A 1 32  ? -3.163  3.007   -6.201  1.00 40.63 ? 33  ASN A CG  1 
ATOM   247  O  OD1 . ASN A 1 32  ? -3.711  2.822   -7.290  1.00 40.36 ? 33  ASN A OD1 1 
ATOM   248  N  ND2 . ASN A 1 32  ? -2.020  3.672   -6.076  1.00 33.52 ? 33  ASN A ND2 1 
ATOM   249  N  N   . GLY A 1 33  ? -2.970  3.618   -2.312  1.00 28.11 ? 34  GLY A N   1 
ATOM   250  C  CA  . GLY A 1 33  ? -1.879  4.131   -1.523  1.00 28.82 ? 34  GLY A CA  1 
ATOM   251  C  C   . GLY A 1 33  ? -0.624  4.272   -2.364  1.00 32.30 ? 34  GLY A C   1 
ATOM   252  O  O   . GLY A 1 33  ? -0.552  3.878   -3.529  1.00 33.76 ? 34  GLY A O   1 
ATOM   253  N  N   . PHE A 1 34  ? 0.391   4.856   -1.746  1.00 26.77 ? 35  PHE A N   1 
ATOM   254  C  CA  . PHE A 1 34  ? 1.661   5.090   -2.409  1.00 33.42 ? 35  PHE A CA  1 
ATOM   255  C  C   . PHE A 1 34  ? 2.615   3.949   -2.086  1.00 34.64 ? 35  PHE A C   1 
ATOM   256  O  O   . PHE A 1 34  ? 2.505   3.306   -1.040  1.00 35.64 ? 35  PHE A O   1 
ATOM   257  C  CB  . PHE A 1 34  ? 2.242   6.442   -1.979  1.00 30.08 ? 35  PHE A CB  1 
ATOM   258  C  CG  . PHE A 1 34  ? 1.293   7.593   -2.203  1.00 34.60 ? 35  PHE A CG  1 
ATOM   259  C  CD1 . PHE A 1 34  ? 1.189   8.192   -3.453  1.00 33.82 ? 35  PHE A CD1 1 
ATOM   260  C  CD2 . PHE A 1 34  ? 0.481   8.056   -1.176  1.00 30.44 ? 35  PHE A CD2 1 
ATOM   261  C  CE1 . PHE A 1 34  ? 0.299   9.240   -3.674  1.00 32.97 ? 35  PHE A CE1 1 
ATOM   262  C  CE2 . PHE A 1 34  ? -0.414  9.103   -1.390  1.00 29.80 ? 35  PHE A CE2 1 
ATOM   263  C  CZ  . PHE A 1 34  ? -0.504  9.695   -2.641  1.00 30.26 ? 35  PHE A CZ  1 
ATOM   264  N  N   . GLY A 1 35  ? 3.528   3.681   -3.006  1.00 34.24 ? 36  GLY A N   1 
ATOM   265  C  CA  . GLY A 1 35  ? 4.473   2.598   -2.836  1.00 36.34 ? 36  GLY A CA  1 
ATOM   266  C  C   . GLY A 1 35  ? 4.831   1.980   -4.172  1.00 36.72 ? 36  GLY A C   1 
ATOM   267  O  O   . GLY A 1 35  ? 4.482   2.489   -5.232  1.00 32.44 ? 36  GLY A O   1 
ATOM   268  N  N   . GLY A 1 36  ? 5.540   0.858   -4.093  1.00 33.82 ? 37  GLY A N   1 
ATOM   269  C  CA  . GLY A 1 36  ? 5.957   0.162   -5.294  1.00 33.75 ? 37  GLY A CA  1 
ATOM   270  C  C   . GLY A 1 36  ? 6.961   -0.924  -4.961  1.00 32.98 ? 37  GLY A C   1 
ATOM   271  O  O   . GLY A 1 36  ? 7.058   -1.373  -3.818  1.00 28.86 ? 37  GLY A O   1 
ATOM   272  N  N   . LYS A 1 37  ? 7.709   -1.327  -5.985  1.00 31.32 ? 38  LYS A N   1 
ATOM   273  C  CA  . LYS A 1 37  ? 8.687   -2.397  -5.842  1.00 30.77 ? 38  LYS A CA  1 
ATOM   274  C  C   . LYS A 1 37  ? 9.895   -1.909  -5.048  1.00 31.13 ? 38  LYS A C   1 
ATOM   275  O  O   . LYS A 1 37  ? 10.415  -0.819  -5.296  1.00 31.04 ? 38  LYS A O   1 
ATOM   276  C  CB  . LYS A 1 37  ? 9.116   -2.857  -7.236  1.00 32.60 ? 38  LYS A CB  1 
ATOM   277  C  CG  . LYS A 1 37  ? 10.108  -4.004  -7.284  1.00 41.13 ? 38  LYS A CG  1 
ATOM   278  C  CD  . LYS A 1 37  ? 10.400  -4.382  -8.739  1.00 49.80 ? 38  LYS A CD  1 
ATOM   279  C  CE  . LYS A 1 37  ? 11.731  -5.122  -8.898  1.00 59.90 ? 38  LYS A CE  1 
ATOM   280  N  NZ  . LYS A 1 37  ? 11.697  -6.546  -8.451  1.00 50.62 ? 38  LYS A NZ  1 
ATOM   281  N  N   . VAL A 1 38  ? 10.336  -2.713  -4.085  1.00 31.17 ? 39  VAL A N   1 
ATOM   282  C  CA  . VAL A 1 38  ? 11.567  -2.428  -3.352  1.00 27.61 ? 39  VAL A CA  1 
ATOM   283  C  C   . VAL A 1 38  ? 12.738  -2.870  -4.218  1.00 30.11 ? 39  VAL A C   1 
ATOM   284  O  O   . VAL A 1 38  ? 12.803  -4.025  -4.643  1.00 34.53 ? 39  VAL A O   1 
ATOM   285  C  CB  . VAL A 1 38  ? 11.585  -3.151  -1.998  1.00 32.54 ? 39  VAL A CB  1 
ATOM   286  C  CG1 . VAL A 1 38  ? 12.895  -2.885  -1.270  1.00 24.91 ? 39  VAL A CG1 1 
ATOM   287  C  CG2 . VAL A 1 38  ? 10.398  -2.718  -1.142  1.00 30.22 ? 39  VAL A CG2 1 
ATOM   288  N  N   . GLN A 1 39  ? 13.661  -1.955  -4.485  1.00 30.01 ? 40  GLN A N   1 
ATOM   289  C  CA  . GLN A 1 39  ? 14.760  -2.225  -5.398  1.00 34.84 ? 40  GLN A CA  1 
ATOM   290  C  C   . GLN A 1 39  ? 15.944  -2.800  -4.631  1.00 32.18 ? 40  GLN A C   1 
ATOM   291  O  O   . GLN A 1 39  ? 16.091  -2.581  -3.429  1.00 33.32 ? 40  GLN A O   1 
ATOM   292  C  CB  . GLN A 1 39  ? 15.171  -0.932  -6.111  1.00 37.02 ? 40  GLN A CB  1 
ATOM   293  C  CG  . GLN A 1 39  ? 14.032  -0.306  -6.907  1.00 37.64 ? 40  GLN A CG  1 
ATOM   294  C  CD  . GLN A 1 39  ? 14.300  1.130   -7.329  1.00 45.01 ? 40  GLN A CD  1 
ATOM   295  O  OE1 . GLN A 1 39  ? 15.388  1.669   -7.112  1.00 47.79 ? 40  GLN A OE1 1 
ATOM   296  N  NE2 . GLN A 1 39  ? 13.294  1.762   -7.931  1.00 44.02 ? 40  GLN A NE2 1 
ATOM   297  N  N   . GLU A 1 40  ? 16.777  -3.565  -5.329  1.00 38.18 ? 41  GLU A N   1 
ATOM   298  C  CA  . GLU A 1 40  ? 18.013  -4.022  -4.712  1.00 37.36 ? 41  GLU A CA  1 
ATOM   299  C  C   . GLU A 1 40  ? 18.901  -2.818  -4.425  1.00 33.12 ? 41  GLU A C   1 
ATOM   300  O  O   . GLU A 1 40  ? 18.979  -1.880  -5.223  1.00 37.71 ? 41  GLU A O   1 
ATOM   301  C  CB  . GLU A 1 40  ? 18.728  -5.016  -5.630  1.00 36.28 ? 41  GLU A CB  1 
ATOM   302  C  CG  . GLU A 1 40  ? 17.893  -6.234  -6.032  1.00 34.64 ? 41  GLU A CG  1 
ATOM   303  C  CD  . GLU A 1 40  ? 17.358  -7.039  -4.849  1.00 28.53 ? 41  GLU A CD  1 
ATOM   304  O  OE1 . GLU A 1 40  ? 18.111  -7.342  -3.901  1.00 34.92 ? 41  GLU A OE1 1 
ATOM   305  O  OE2 . GLU A 1 40  ? 16.165  -7.388  -4.860  1.00 30.42 ? 41  GLU A OE2 1 
ATOM   306  N  N   . GLY A 1 41  ? 19.543  -2.825  -3.263  1.00 33.16 ? 42  GLY A N   1 
ATOM   307  C  CA  . GLY A 1 41  ? 20.357  -1.710  -2.828  1.00 26.96 ? 42  GLY A CA  1 
ATOM   308  C  C   . GLY A 1 41  ? 19.698  -0.781  -1.827  1.00 32.57 ? 42  GLY A C   1 
ATOM   309  O  O   . GLY A 1 41  ? 20.382  0.104   -1.299  1.00 32.64 ? 42  GLY A O   1 
ATOM   310  N  N   . GLU A 1 42  ? 18.397  -0.946  -1.552  1.00 33.16 ? 43  GLU A N   1 
ATOM   311  C  CA  . GLU A 1 42  ? 17.685  -0.123  -0.578  1.00 27.73 ? 43  GLU A CA  1 
ATOM   312  C  C   . GLU A 1 42  ? 16.898  -1.013  0.376   1.00 28.33 ? 43  GLU A C   1 
ATOM   313  O  O   . GLU A 1 42  ? 16.481  -2.117  0.015   1.00 30.28 ? 43  GLU A O   1 
ATOM   314  C  CB  . GLU A 1 42  ? 16.708  0.863   -1.261  1.00 28.14 ? 43  GLU A CB  1 
ATOM   315  C  CG  . GLU A 1 42  ? 15.485  0.192   -1.899  1.00 30.44 ? 43  GLU A CG  1 
ATOM   316  C  CD  . GLU A 1 42  ? 14.520  1.171   -2.575  1.00 31.28 ? 43  GLU A CD  1 
ATOM   317  O  OE1 . GLU A 1 42  ? 14.716  2.402   -2.476  1.00 31.66 ? 43  GLU A OE1 1 
ATOM   318  O  OE2 . GLU A 1 42  ? 13.548  0.703   -3.206  1.00 32.06 ? 43  GLU A OE2 1 
ATOM   319  N  N   . THR A 1 43  ? 16.691  -0.525  1.599   1.00 27.59 ? 44  THR A N   1 
ATOM   320  C  CA  . THR A 1 43  ? 15.870  -1.259  2.552   1.00 31.89 ? 44  THR A CA  1 
ATOM   321  C  C   . THR A 1 43  ? 14.393  -1.080  2.210   1.00 31.84 ? 44  THR A C   1 
ATOM   322  O  O   . THR A 1 43  ? 14.018  -0.271  1.359   1.00 31.39 ? 44  THR A O   1 
ATOM   323  C  CB  . THR A 1 43  ? 16.110  -0.766  3.979   1.00 35.92 ? 44  THR A CB  1 
ATOM   324  O  OG1 . THR A 1 43  ? 15.588  0.562   4.118   1.00 34.26 ? 44  THR A OG1 1 
ATOM   325  C  CG2 . THR A 1 43  ? 17.589  -0.749  4.297   1.00 30.55 ? 44  THR A CG2 1 
ATOM   326  N  N   . ILE A 1 44  ? 13.545  -1.857  2.889   1.00 28.48 ? 45  ILE A N   1 
ATOM   327  C  CA  . ILE A 1 44  ? 12.104  -1.715  2.707   1.00 25.66 ? 45  ILE A CA  1 
ATOM   328  C  C   . ILE A 1 44  ? 11.668  -0.297  3.052   1.00 30.31 ? 45  ILE A C   1 
ATOM   329  O  O   . ILE A 1 44  ? 10.919  0.343   2.306   1.00 30.96 ? 45  ILE A O   1 
ATOM   330  C  CB  . ILE A 1 44  ? 11.350  -2.766  3.542   1.00 32.92 ? 45  ILE A CB  1 
ATOM   331  C  CG1 . ILE A 1 44  ? 11.655  -4.175  3.035   1.00 31.13 ? 45  ILE A CG1 1 
ATOM   332  C  CG2 . ILE A 1 44  ? 9.847   -2.500  3.522   1.00 31.53 ? 45  ILE A CG2 1 
ATOM   333  C  CD1 . ILE A 1 44  ? 11.139  -5.255  3.938   1.00 32.61 ? 45  ILE A CD1 1 
ATOM   334  N  N   . GLU A 1 45  ? 12.150  0.222   4.184   1.00 29.59 ? 46  GLU A N   1 
ATOM   335  C  CA  . GLU A 1 45  ? 11.759  1.562   4.612   1.00 34.69 ? 46  GLU A CA  1 
ATOM   336  C  C   . GLU A 1 45  ? 12.270  2.627   3.648   1.00 32.40 ? 46  GLU A C   1 
ATOM   337  O  O   . GLU A 1 45  ? 11.579  3.621   3.395   1.00 30.13 ? 46  GLU A O   1 
ATOM   338  C  CB  . GLU A 1 45  ? 12.257  1.822   6.033   1.00 45.80 ? 46  GLU A CB  1 
ATOM   339  C  CG  . GLU A 1 45  ? 11.423  2.829   6.800   1.00 50.38 ? 46  GLU A CG  1 
ATOM   340  C  CD  . GLU A 1 45  ? 12.119  3.340   8.050   1.00 58.38 ? 46  GLU A CD  1 
ATOM   341  O  OE1 . GLU A 1 45  ? 13.166  4.012   7.916   1.00 58.39 ? 46  GLU A OE1 1 
ATOM   342  O  OE2 . GLU A 1 45  ? 11.618  3.069   9.164   1.00 61.62 ? 46  GLU A OE2 1 
ATOM   343  N  N   . ASP A 1 46  ? 13.478  2.441   3.100   1.00 30.21 ? 47  ASP A N   1 
ATOM   344  C  CA  . ASP A 1 46  ? 13.964  3.338   2.054   1.00 33.21 ? 47  ASP A CA  1 
ATOM   345  C  C   . ASP A 1 46  ? 13.016  3.345   0.862   1.00 31.45 ? 47  ASP A C   1 
ATOM   346  O  O   . ASP A 1 46  ? 12.669  4.407   0.336   1.00 30.17 ? 47  ASP A O   1 
ATOM   347  C  CB  . ASP A 1 46  ? 15.359  2.919   1.583   1.00 29.25 ? 47  ASP A CB  1 
ATOM   348  C  CG  . ASP A 1 46  ? 16.405  3.018   2.670   1.00 40.59 ? 47  ASP A CG  1 
ATOM   349  O  OD1 . ASP A 1 46  ? 16.316  3.934   3.514   1.00 41.78 ? 47  ASP A OD1 1 
ATOM   350  O  OD2 . ASP A 1 46  ? 17.322  2.168   2.669   1.00 46.88 ? 47  ASP A OD2 1 
ATOM   351  N  N   . GLY A 1 47  ? 12.606  2.159   0.405   1.00 30.62 ? 48  GLY A N   1 
ATOM   352  C  CA  . GLY A 1 47  ? 11.720  2.088   -0.745  1.00 26.52 ? 48  GLY A CA  1 
ATOM   353  C  C   . GLY A 1 47  ? 10.389  2.769   -0.494  1.00 28.47 ? 48  GLY A C   1 
ATOM   354  O  O   . GLY A 1 47  ? 9.873   3.477   -1.359  1.00 32.01 ? 48  GLY A O   1 
ATOM   355  N  N   . ALA A 1 48  ? 9.821   2.572   0.698   1.00 25.50 ? 49  ALA A N   1 
ATOM   356  C  CA  . ALA A 1 48  ? 8.554   3.215   1.030   1.00 27.49 ? 49  ALA A CA  1 
ATOM   357  C  C   . ALA A 1 48  ? 8.707   4.729   1.058   1.00 30.81 ? 49  ALA A C   1 
ATOM   358  O  O   . ALA A 1 48  ? 7.880   5.461   0.501   1.00 28.67 ? 49  ALA A O   1 
ATOM   359  C  CB  . ALA A 1 48  ? 8.040   2.698   2.374   1.00 24.27 ? 49  ALA A CB  1 
ATOM   360  N  N   . ARG A 1 49  ? 9.768   5.219   1.703   1.00 24.45 ? 50  ARG A N   1 
ATOM   361  C  CA  . ARG A 1 49  ? 10.029  6.654   1.686   1.00 34.03 ? 50  ARG A CA  1 
ATOM   362  C  C   . ARG A 1 49  ? 10.301  7.147   0.271   1.00 29.03 ? 50  ARG A C   1 
ATOM   363  O  O   . ARG A 1 49  ? 9.825   8.218   -0.123  1.00 30.89 ? 50  ARG A O   1 
ATOM   364  C  CB  . ARG A 1 49  ? 11.202  6.982   2.610   1.00 30.02 ? 50  ARG A CB  1 
ATOM   365  C  CG  . ARG A 1 49  ? 10.898  6.792   4.083   1.00 33.81 ? 50  ARG A CG  1 
ATOM   366  C  CD  . ARG A 1 49  ? 12.116  7.091   4.959   1.00 36.02 ? 50  ARG A CD  1 
ATOM   367  N  NE  . ARG A 1 49  ? 11.823  6.889   6.378   1.00 40.27 ? 50  ARG A NE  1 
ATOM   368  C  CZ  . ARG A 1 49  ? 11.517  7.867   7.225   1.00 50.51 ? 50  ARG A CZ  1 
ATOM   369  N  NH1 . ARG A 1 49  ? 11.468  9.126   6.804   1.00 48.16 ? 50  ARG A NH1 1 
ATOM   370  N  NH2 . ARG A 1 49  ? 11.261  7.591   8.498   1.00 47.01 ? 50  ARG A NH2 1 
ATOM   371  N  N   . ARG A 1 50  ? 11.052  6.371   -0.514  1.00 29.37 ? 51  ARG A N   1 
ATOM   372  C  CA  . ARG A 1 50  ? 11.399  6.802   -1.868  1.00 33.29 ? 51  ARG A CA  1 
ATOM   373  C  C   . ARG A 1 50  ? 10.166  6.889   -2.756  1.00 34.18 ? 51  ARG A C   1 
ATOM   374  O  O   . ARG A 1 50  ? 10.003  7.854   -3.514  1.00 34.99 ? 51  ARG A O   1 
ATOM   375  C  CB  . ARG A 1 50  ? 12.427  5.849   -2.482  1.00 35.54 ? 51  ARG A CB  1 
ATOM   376  C  CG  . ARG A 1 50  ? 12.822  6.215   -3.905  1.00 37.12 ? 51  ARG A CG  1 
ATOM   377  C  CD  . ARG A 1 50  ? 13.768  5.188   -4.519  1.00 37.74 ? 51  ARG A CD  1 
ATOM   378  N  NE  . ARG A 1 50  ? 13.227  3.833   -4.460  1.00 37.40 ? 51  ARG A NE  1 
ATOM   379  C  CZ  . ARG A 1 50  ? 12.235  3.384   -5.225  1.00 41.35 ? 51  ARG A CZ  1 
ATOM   380  N  NH1 . ARG A 1 50  ? 11.656  4.183   -6.113  1.00 38.08 ? 51  ARG A NH1 1 
ATOM   381  N  NH2 . ARG A 1 50  ? 11.808  2.133   -5.094  1.00 37.96 ? 51  ARG A NH2 1 
ATOM   382  N  N   . GLU A 1 51  ? 9.287   5.889   -2.683  1.00 30.55 ? 52  GLU A N   1 
ATOM   383  C  CA  . GLU A 1 51  ? 8.095   5.910   -3.524  1.00 36.08 ? 52  GLU A CA  1 
ATOM   384  C  C   . GLU A 1 51  ? 7.166   7.061   -3.149  1.00 36.07 ? 52  GLU A C   1 
ATOM   385  O  O   . GLU A 1 51  ? 6.662   7.771   -4.027  1.00 36.27 ? 52  GLU A O   1 
ATOM   386  C  CB  . GLU A 1 51  ? 7.373   4.562   -3.455  1.00 32.94 ? 52  GLU A CB  1 
ATOM   387  C  CG  . GLU A 1 51  ? 8.133   3.400   -4.108  1.00 39.38 ? 52  GLU A CG  1 
ATOM   388  C  CD  . GLU A 1 51  ? 8.168   3.488   -5.629  1.00 40.14 ? 52  GLU A CD  1 
ATOM   389  O  OE1 . GLU A 1 51  ? 7.428   4.313   -6.202  1.00 42.80 ? 52  GLU A OE1 1 
ATOM   390  O  OE2 . GLU A 1 51  ? 8.936   2.728   -6.257  1.00 47.58 ? 52  GLU A OE2 1 
ATOM   391  N  N   . LEU A 1 52  ? 6.939   7.271   -1.850  1.00 31.96 ? 53  LEU A N   1 
ATOM   392  C  CA  . LEU A 1 52  ? 6.067   8.361   -1.419  1.00 30.36 ? 53  LEU A CA  1 
ATOM   393  C  C   . LEU A 1 52  ? 6.605   9.707   -1.885  1.00 31.07 ? 53  LEU A C   1 
ATOM   394  O  O   . LEU A 1 52  ? 5.839   10.578  -2.316  1.00 34.32 ? 53  LEU A O   1 
ATOM   395  C  CB  . LEU A 1 52  ? 5.936   8.345   0.101   1.00 28.12 ? 53  LEU A CB  1 
ATOM   396  C  CG  . LEU A 1 52  ? 5.048   9.434   0.698   1.00 30.89 ? 53  LEU A CG  1 
ATOM   397  C  CD1 . LEU A 1 52  ? 3.583   9.186   0.366   1.00 27.84 ? 53  LEU A CD1 1 
ATOM   398  C  CD2 . LEU A 1 52  ? 5.249   9.497   2.188   1.00 23.74 ? 53  LEU A CD2 1 
ATOM   399  N  N   . GLN A 1 53  ? 7.922   9.894   -1.795  1.00 28.10 ? 54  GLN A N   1 
ATOM   400  C  CA  . GLN A 1 53  ? 8.544   11.127  -2.262  1.00 34.45 ? 54  GLN A CA  1 
ATOM   401  C  C   . GLN A 1 53  ? 8.332   11.325  -3.757  1.00 37.46 ? 54  GLN A C   1 
ATOM   402  O  O   . GLN A 1 53  ? 7.972   12.419  -4.205  1.00 37.63 ? 54  GLN A O   1 
ATOM   403  C  CB  . GLN A 1 53  ? 10.037  11.099  -1.933  1.00 36.17 ? 54  GLN A CB  1 
ATOM   404  C  CG  . GLN A 1 53  ? 10.853  12.134  -2.687  1.00 43.98 ? 54  GLN A CG  1 
ATOM   405  C  CD  . GLN A 1 53  ? 10.379  13.546  -2.428  1.00 50.32 ? 54  GLN A CD  1 
ATOM   406  O  OE1 . GLN A 1 53  ? 9.972   14.254  -3.352  1.00 61.62 ? 54  GLN A OE1 1 
ATOM   407  N  NE2 . GLN A 1 53  ? 10.425  13.965  -1.165  1.00 52.80 ? 54  GLN A NE2 1 
ATOM   408  N  N   . GLU A 1 54  ? 8.556   10.274  -4.550  1.00 35.70 ? 55  GLU A N   1 
ATOM   409  C  CA  . GLU A 1 54  ? 8.444   10.401  -5.999  1.00 39.54 ? 55  GLU A CA  1 
ATOM   410  C  C   . GLU A 1 54  ? 6.995   10.597  -6.432  1.00 38.13 ? 55  GLU A C   1 
ATOM   411  O  O   . GLU A 1 54  ? 6.709   11.408  -7.321  1.00 40.42 ? 55  GLU A O   1 
ATOM   412  C  CB  . GLU A 1 54  ? 9.047   9.169   -6.678  1.00 32.54 ? 55  GLU A CB  1 
ATOM   413  C  CG  . GLU A 1 54  ? 10.547  8.976   -6.441  1.00 42.93 ? 55  GLU A CG  1 
ATOM   414  C  CD  . GLU A 1 54  ? 11.080  7.661   -7.013  1.00 47.98 ? 55  GLU A CD  1 
ATOM   415  O  OE1 . GLU A 1 54  ? 12.316  7.467   -7.016  1.00 46.00 ? 55  GLU A OE1 1 
ATOM   416  O  OE2 . GLU A 1 54  ? 10.271  6.821   -7.461  1.00 51.86 ? 55  GLU A OE2 1 
ATOM   417  N  N   . GLU A 1 55  ? 6.068   9.871   -5.814  1.00 36.24 ? 56  GLU A N   1 
ATOM   418  C  CA  . GLU A 1 55  ? 4.682   9.856   -6.262  1.00 35.30 ? 56  GLU A CA  1 
ATOM   419  C  C   . GLU A 1 55  ? 3.834   10.978  -5.680  1.00 37.28 ? 56  GLU A C   1 
ATOM   420  O  O   . GLU A 1 55  ? 2.813   11.334  -6.281  1.00 32.57 ? 56  GLU A O   1 
ATOM   421  C  CB  . GLU A 1 55  ? 4.041   8.510   -5.922  1.00 37.09 ? 56  GLU A CB  1 
ATOM   422  C  CG  . GLU A 1 55  ? 4.770   7.332   -6.527  1.00 35.69 ? 56  GLU A CG  1 
ATOM   423  C  CD  . GLU A 1 55  ? 4.352   6.011   -5.916  1.00 44.31 ? 56  GLU A CD  1 
ATOM   424  O  OE1 . GLU A 1 55  ? 3.574   6.015   -4.932  1.00 41.91 ? 56  GLU A OE1 1 
ATOM   425  O  OE2 . GLU A 1 55  ? 4.806   4.968   -6.423  1.00 48.11 ? 56  GLU A OE2 1 
ATOM   426  N  N   . SER A 1 56  ? 4.220   11.538  -4.530  1.00 32.85 ? 57  SER A N   1 
ATOM   427  C  CA  . SER A 1 56  ? 3.446   12.600  -3.899  1.00 31.39 ? 57  SER A CA  1 
ATOM   428  C  C   . SER A 1 56  ? 4.252   13.844  -3.552  1.00 36.86 ? 57  SER A C   1 
ATOM   429  O  O   . SER A 1 56  ? 3.645   14.875  -3.236  1.00 39.61 ? 57  SER A O   1 
ATOM   430  C  CB  . SER A 1 56  ? 2.758   12.086  -2.624  1.00 31.15 ? 57  SER A CB  1 
ATOM   431  O  OG  . SER A 1 56  ? 3.699   11.867  -1.587  1.00 34.17 ? 57  SER A OG  1 
ATOM   432  N  N   . GLY A 1 57  ? 5.581   13.789  -3.592  1.00 34.06 ? 58  GLY A N   1 
ATOM   433  C  CA  . GLY A 1 57  ? 6.388   14.920  -3.176  1.00 33.52 ? 58  GLY A CA  1 
ATOM   434  C  C   . GLY A 1 57  ? 6.482   15.122  -1.682  1.00 38.57 ? 58  GLY A C   1 
ATOM   435  O  O   . GLY A 1 57  ? 6.931   16.189  -1.244  1.00 37.73 ? 58  GLY A O   1 
ATOM   436  N  N   . LEU A 1 58  ? 6.081   14.134  -0.884  1.00 32.94 ? 59  LEU A N   1 
ATOM   437  C  CA  . LEU A 1 58  ? 6.003   14.277  0.561   1.00 35.40 ? 59  LEU A CA  1 
ATOM   438  C  C   . LEU A 1 58  ? 7.147   13.538  1.240   1.00 35.61 ? 59  LEU A C   1 
ATOM   439  O  O   . LEU A 1 58  ? 7.580   12.476  0.785   1.00 33.68 ? 59  LEU A O   1 
ATOM   440  C  CB  . LEU A 1 58  ? 4.687   13.709  1.095   1.00 33.04 ? 59  LEU A CB  1 
ATOM   441  C  CG  . LEU A 1 58  ? 3.371   14.328  0.639   1.00 35.29 ? 59  LEU A CG  1 
ATOM   442  C  CD1 . LEU A 1 58  ? 2.231   13.616  1.335   1.00 26.31 ? 59  LEU A CD1 1 
ATOM   443  C  CD2 . LEU A 1 58  ? 3.353   15.818  0.936   1.00 34.30 ? 59  LEU A CD2 1 
ATOM   444  N  N   . THR A 1 59  ? 7.611   14.108  2.349   1.00 36.59 ? 60  THR A N   1 
ATOM   445  C  CA  . THR A 1 59  ? 8.570   13.484  3.250   1.00 34.62 ? 60  THR A CA  1 
ATOM   446  C  C   . THR A 1 59  ? 7.859   13.143  4.554   1.00 36.18 ? 60  THR A C   1 
ATOM   447  O  O   . THR A 1 59  ? 6.928   13.840  4.967   1.00 37.35 ? 60  THR A O   1 
ATOM   448  C  CB  . THR A 1 59  ? 9.725   14.450  3.525   1.00 38.36 ? 60  THR A CB  1 
ATOM   449  O  OG1 . THR A 1 59  ? 10.365  14.786  2.288   1.00 46.29 ? 60  THR A OG1 1 
ATOM   450  C  CG2 . THR A 1 59  ? 10.746  13.836  4.461   1.00 42.64 ? 60  THR A CG2 1 
ATOM   451  N  N   . VAL A 1 60  ? 8.284   12.057  5.200   1.00 34.62 ? 61  VAL A N   1 
ATOM   452  C  CA  . VAL A 1 60  ? 7.647   11.583  6.424   1.00 38.01 ? 61  VAL A CA  1 
ATOM   453  C  C   . VAL A 1 60  ? 8.658   11.557  7.558   1.00 42.50 ? 61  VAL A C   1 
ATOM   454  O  O   . VAL A 1 60  ? 9.840   11.255  7.349   1.00 43.81 ? 61  VAL A O   1 
ATOM   455  C  CB  . VAL A 1 60  ? 6.994   10.196  6.251   1.00 38.81 ? 61  VAL A CB  1 
ATOM   456  C  CG1 . VAL A 1 60  ? 5.701   10.322  5.491   1.00 36.97 ? 61  VAL A CG1 1 
ATOM   457  C  CG2 . VAL A 1 60  ? 7.953   9.237   5.556   1.00 39.29 ? 61  VAL A CG2 1 
ATOM   458  N  N   . ASP A 1 61  ? 8.180   11.862  8.767   1.00 42.47 ? 62  ASP A N   1 
ATOM   459  C  CA  . ASP A 1 61  ? 9.002   11.705  9.960   1.00 39.61 ? 62  ASP A CA  1 
ATOM   460  C  C   . ASP A 1 61  ? 9.133   10.239  10.354  1.00 42.37 ? 62  ASP A C   1 
ATOM   461  O  O   . ASP A 1 61  ? 10.196  9.814   10.824  1.00 42.06 ? 62  ASP A O   1 
ATOM   462  C  CB  . ASP A 1 61  ? 8.410   12.512  11.116  1.00 42.89 ? 62  ASP A CB  1 
ATOM   463  C  CG  . ASP A 1 61  ? 8.422   14.009  10.849  1.00 55.67 ? 62  ASP A CG  1 
ATOM   464  O  OD1 . ASP A 1 61  ? 9.232   14.453  10.007  1.00 49.43 ? 62  ASP A OD1 1 
ATOM   465  O  OD2 . ASP A 1 61  ? 7.624   14.742  11.475  1.00 57.92 ? 62  ASP A OD2 1 
ATOM   466  N  N   . ALA A 1 62  ? 8.074   9.455   10.163  1.00 30.12 ? 63  ALA A N   1 
ATOM   467  C  CA  . ALA A 1 62  ? 8.050   8.081   10.639  1.00 33.67 ? 63  ALA A CA  1 
ATOM   468  C  C   . ALA A 1 62  ? 7.008   7.290   9.865   1.00 30.68 ? 63  ALA A C   1 
ATOM   469  O  O   . ALA A 1 62  ? 6.019   7.846   9.382   1.00 35.76 ? 63  ALA A O   1 
ATOM   470  C  CB  . ALA A 1 62  ? 7.719   8.029   12.133  1.00 36.94 ? 63  ALA A CB  1 
ATOM   471  N  N   . LEU A 1 63  ? 7.232   5.980   9.781   1.00 32.74 ? 64  LEU A N   1 
ATOM   472  C  CA  . LEU A 1 63  ? 6.311   5.038   9.163   1.00 28.79 ? 64  LEU A CA  1 
ATOM   473  C  C   . LEU A 1 63  ? 5.966   3.962   10.180  1.00 36.84 ? 64  LEU A C   1 
ATOM   474  O  O   . LEU A 1 63  ? 6.868   3.371   10.783  1.00 36.24 ? 64  LEU A O   1 
ATOM   475  C  CB  . LEU A 1 63  ? 6.986   4.360   7.977   1.00 29.32 ? 64  LEU A CB  1 
ATOM   476  C  CG  . LEU A 1 63  ? 7.262   5.197   6.738   1.00 32.21 ? 64  LEU A CG  1 
ATOM   477  C  CD1 . LEU A 1 63  ? 8.142   4.412   5.808   1.00 32.81 ? 64  LEU A CD1 1 
ATOM   478  C  CD2 . LEU A 1 63  ? 5.947   5.545   6.064   1.00 34.67 ? 64  LEU A CD2 1 
ATOM   479  N  N   . HIS A 1 64  ? 4.674   3.687   10.352  1.00 30.11 ? 65  HIS A N   1 
ATOM   480  C  CA  . HIS A 1 64  ? 4.218   2.657   11.279  1.00 30.03 ? 65  HIS A CA  1 
ATOM   481  C  C   . HIS A 1 64  ? 3.949   1.384   10.497  1.00 33.64 ? 65  HIS A C   1 
ATOM   482  O  O   . HIS A 1 64  ? 3.254   1.419   9.477   1.00 32.63 ? 65  HIS A O   1 
ATOM   483  C  CB  . HIS A 1 64  ? 2.923   3.066   11.984  1.00 31.28 ? 65  HIS A CB  1 
ATOM   484  C  CG  . HIS A 1 64  ? 2.818   4.528   12.279  1.00 37.32 ? 65  HIS A CG  1 
ATOM   485  N  ND1 . HIS A 1 64  ? 1.672   5.256   12.028  1.00 39.78 ? 65  HIS A ND1 1 
ATOM   486  C  CD2 . HIS A 1 64  ? 3.706   5.396   12.820  1.00 37.11 ? 65  HIS A CD2 1 
ATOM   487  C  CE1 . HIS A 1 64  ? 1.864   6.512   12.394  1.00 40.23 ? 65  HIS A CE1 1 
ATOM   488  N  NE2 . HIS A 1 64  ? 3.090   6.624   12.876  1.00 41.19 ? 65  HIS A NE2 1 
ATOM   489  N  N   . LYS A 1 65  ? 4.483   0.263   10.984  1.00 27.09 ? 66  LYS A N   1 
ATOM   490  C  CA  . LYS A 1 65  ? 4.210   -1.043  10.395  1.00 31.66 ? 66  LYS A CA  1 
ATOM   491  C  C   . LYS A 1 65  ? 2.816   -1.471  10.829  1.00 31.72 ? 66  LYS A C   1 
ATOM   492  O  O   . LYS A 1 65  ? 2.613   -1.855  11.982  1.00 34.75 ? 66  LYS A O   1 
ATOM   493  C  CB  . LYS A 1 65  ? 5.237   -2.060  10.887  1.00 32.61 ? 66  LYS A CB  1 
ATOM   494  C  CG  . LYS A 1 65  ? 6.682   -1.637  10.684  1.00 39.77 ? 66  LYS A CG  1 
ATOM   495  C  CD  . LYS A 1 65  ? 7.653   -2.699  11.185  1.00 41.21 ? 66  LYS A CD  1 
ATOM   496  C  CE  . LYS A 1 65  ? 9.090   -2.237  10.999  1.00 46.62 ? 66  LYS A CE  1 
ATOM   497  N  NZ  . LYS A 1 65  ? 10.067  -3.234  11.504  1.00 53.28 ? 66  LYS A NZ  1 
ATOM   498  N  N   . VAL A 1 66  ? 1.845   -1.415  9.921   1.00 29.22 ? 67  VAL A N   1 
ATOM   499  C  CA  . VAL A 1 66  ? 0.470   -1.753  10.278  1.00 27.14 ? 67  VAL A CA  1 
ATOM   500  C  C   . VAL A 1 66  ? -0.072  -2.992  9.588   1.00 31.70 ? 67  VAL A C   1 
ATOM   501  O  O   . VAL A 1 66  ? -1.132  -3.488  10.001  1.00 31.33 ? 67  VAL A O   1 
ATOM   502  C  CB  . VAL A 1 66  ? -0.494  -0.559  10.127  1.00 27.82 ? 67  VAL A CB  1 
ATOM   503  C  CG1 . VAL A 1 66  ? -0.122  0.506   11.135  1.00 39.65 ? 67  VAL A CG1 1 
ATOM   504  C  CG2 . VAL A 1 66  ? -0.474  -0.018  8.700   1.00 30.51 ? 67  VAL A CG2 1 
ATOM   505  N  N   . GLY A 1 67  ? 0.599   -3.522  8.577   1.00 29.66 ? 68  GLY A N   1 
ATOM   506  C  CA  . GLY A 1 67  ? 0.050   -4.691  7.922   1.00 28.27 ? 68  GLY A CA  1 
ATOM   507  C  C   . GLY A 1 67  ? 1.048   -5.371  7.020   1.00 28.99 ? 68  GLY A C   1 
ATOM   508  O  O   . GLY A 1 67  ? 2.081   -4.800  6.655   1.00 26.34 ? 68  GLY A O   1 
ATOM   509  N  N   . GLN A 1 68  ? 0.718   -6.614  6.672   1.00 28.97 ? 69  GLN A N   1 
ATOM   510  C  CA  . GLN A 1 68  ? 1.426   -7.394  5.667   1.00 31.61 ? 69  GLN A CA  1 
ATOM   511  C  C   . GLN A 1 68  ? 0.372   -8.063  4.804   1.00 29.07 ? 69  GLN A C   1 
ATOM   512  O  O   . GLN A 1 68  ? -0.592  -8.622  5.329   1.00 28.37 ? 69  GLN A O   1 
ATOM   513  C  CB  . GLN A 1 68  ? 2.272   -8.491  6.320   1.00 31.35 ? 69  GLN A CB  1 
ATOM   514  C  CG  . GLN A 1 68  ? 3.346   -7.997  7.243   1.00 33.44 ? 69  GLN A CG  1 
ATOM   515  C  CD  . GLN A 1 68  ? 4.526   -7.423  6.493   1.00 41.24 ? 69  GLN A CD  1 
ATOM   516  O  OE1 . GLN A 1 68  ? 4.785   -7.791  5.340   1.00 38.39 ? 69  GLN A OE1 1 
ATOM   517  N  NE2 . GLN A 1 68  ? 5.253   -6.514  7.139   1.00 37.39 ? 69  GLN A NE2 1 
ATOM   518  N  N   . ILE A 1 69  ? 0.548   -8.002  3.491   1.00 27.09 ? 70  ILE A N   1 
ATOM   519  C  CA  . ILE A 1 69  ? -0.356  -8.653  2.555   1.00 26.92 ? 70  ILE A CA  1 
ATOM   520  C  C   . ILE A 1 69  ? 0.467   -9.519  1.615   1.00 28.72 ? 70  ILE A C   1 
ATOM   521  O  O   . ILE A 1 69  ? 1.545   -9.113  1.169   1.00 27.77 ? 70  ILE A O   1 
ATOM   522  C  CB  . ILE A 1 69  ? -1.170  -7.627  1.744   1.00 27.25 ? 70  ILE A CB  1 
ATOM   523  C  CG1 . ILE A 1 69  ? -1.809  -6.585  2.652   1.00 30.03 ? 70  ILE A CG1 1 
ATOM   524  C  CG2 . ILE A 1 69  ? -2.259  -8.324  0.976   1.00 28.57 ? 70  ILE A CG2 1 
ATOM   525  C  CD1 . ILE A 1 69  ? -2.522  -5.485  1.861   1.00 34.94 ? 70  ILE A CD1 1 
ATOM   526  N  N   . VAL A 1 70  ? -0.042  -10.711 1.314   1.00 28.31 ? 71  VAL A N   1 
ATOM   527  C  CA  . VAL A 1 70  ? 0.530   -11.583 0.294   1.00 27.73 ? 71  VAL A CA  1 
ATOM   528  C  C   . VAL A 1 70  ? -0.464  -11.678 -0.855  1.00 30.05 ? 71  VAL A C   1 
ATOM   529  O  O   . VAL A 1 70  ? -1.620  -12.070 -0.655  1.00 29.42 ? 71  VAL A O   1 
ATOM   530  C  CB  . VAL A 1 70  ? 0.842   -12.979 0.850   1.00 30.94 ? 71  VAL A CB  1 
ATOM   531  C  CG1 . VAL A 1 70  ? 1.313   -13.898 -0.280  1.00 24.55 ? 71  VAL A CG1 1 
ATOM   532  C  CG2 . VAL A 1 70  ? 1.879   -12.894 1.962   1.00 25.08 ? 71  VAL A CG2 1 
ATOM   533  N  N   . PHE A 1 71  ? -0.021  -11.317 -2.053  1.00 27.45 ? 72  PHE A N   1 
ATOM   534  C  CA  . PHE A 1 71  ? -0.811  -11.501 -3.264  1.00 27.91 ? 72  PHE A CA  1 
ATOM   535  C  C   . PHE A 1 71  ? -0.247  -12.698 -4.015  1.00 31.24 ? 72  PHE A C   1 
ATOM   536  O  O   . PHE A 1 71  ? 0.962   -12.770 -4.253  1.00 32.01 ? 72  PHE A O   1 
ATOM   537  C  CB  . PHE A 1 71  ? -0.724  -10.266 -4.164  1.00 30.01 ? 72  PHE A CB  1 
ATOM   538  C  CG  . PHE A 1 71  ? -1.377  -9.031  -3.590  1.00 36.52 ? 72  PHE A CG  1 
ATOM   539  C  CD1 . PHE A 1 71  ? -2.473  -9.127  -2.751  1.00 30.38 ? 72  PHE A CD1 1 
ATOM   540  C  CD2 . PHE A 1 71  ? -0.896  -7.768  -3.906  1.00 43.33 ? 72  PHE A CD2 1 
ATOM   541  C  CE1 . PHE A 1 71  ? -3.069  -7.994  -2.242  1.00 31.88 ? 72  PHE A CE1 1 
ATOM   542  C  CE2 . PHE A 1 71  ? -1.488  -6.631  -3.393  1.00 37.77 ? 72  PHE A CE2 1 
ATOM   543  C  CZ  . PHE A 1 71  ? -2.576  -6.747  -2.554  1.00 34.07 ? 72  PHE A CZ  1 
ATOM   544  N  N   . GLU A 1 72  ? -1.116  -13.636 -4.379  1.00 32.10 ? 73  GLU A N   1 
ATOM   545  C  CA  . GLU A 1 72  ? -0.721  -14.798 -5.164  1.00 29.85 ? 73  GLU A CA  1 
ATOM   546  C  C   . GLU A 1 72  ? -1.621  -14.897 -6.384  1.00 36.72 ? 73  GLU A C   1 
ATOM   547  O  O   . GLU A 1 72  ? -2.846  -14.784 -6.270  1.00 33.42 ? 73  GLU A O   1 
ATOM   548  C  CB  . GLU A 1 72  ? -0.807  -16.087 -4.345  1.00 35.00 ? 73  GLU A CB  1 
ATOM   549  C  CG  . GLU A 1 72  ? -0.567  -17.348 -5.162  1.00 39.96 ? 73  GLU A CG  1 
ATOM   550  C  CD  . GLU A 1 72  ? -0.180  -18.540 -4.303  1.00 47.02 ? 73  GLU A CD  1 
ATOM   551  O  OE1 . GLU A 1 72  ? 0.729   -19.294 -4.714  1.00 52.16 ? 73  GLU A OE1 1 
ATOM   552  O  OE2 . GLU A 1 72  ? -0.778  -18.722 -3.218  1.00 42.48 ? 73  GLU A OE2 1 
ATOM   553  N  N   . PHE A 1 73  ? -1.014  -15.106 -7.546  1.00 33.20 ? 74  PHE A N   1 
ATOM   554  C  CA  . PHE A 1 73  ? -1.730  -15.155 -8.810  1.00 37.36 ? 74  PHE A CA  1 
ATOM   555  C  C   . PHE A 1 73  ? -1.562  -16.543 -9.407  1.00 38.35 ? 74  PHE A C   1 
ATOM   556  O  O   . PHE A 1 73  ? -0.444  -17.066 -9.463  1.00 41.89 ? 74  PHE A O   1 
ATOM   557  C  CB  . PHE A 1 73  ? -1.196  -14.080 -9.757  1.00 37.09 ? 74  PHE A CB  1 
ATOM   558  C  CG  . PHE A 1 73  ? -1.233  -12.698 -9.166  1.00 34.84 ? 74  PHE A CG  1 
ATOM   559  C  CD1 . PHE A 1 73  ? -0.178  -12.230 -8.393  1.00 38.33 ? 74  PHE A CD1 1 
ATOM   560  C  CD2 . PHE A 1 73  ? -2.327  -11.876 -9.364  1.00 37.51 ? 74  PHE A CD2 1 
ATOM   561  C  CE1 . PHE A 1 73  ? -0.212  -10.962 -7.836  1.00 33.15 ? 74  PHE A CE1 1 
ATOM   562  C  CE2 . PHE A 1 73  ? -2.372  -10.610 -8.808  1.00 41.59 ? 74  PHE A CE2 1 
ATOM   563  C  CZ  . PHE A 1 73  ? -1.309  -10.153 -8.042  1.00 40.15 ? 74  PHE A CZ  1 
ATOM   564  N  N   . VAL A 1 74  ? -2.675  -17.143 -9.827  1.00 38.93 ? 75  VAL A N   1 
ATOM   565  C  CA  . VAL A 1 74  ? -2.630  -18.500 -10.360 1.00 45.00 ? 75  VAL A CA  1 
ATOM   566  C  C   . VAL A 1 74  ? -1.801  -18.514 -11.636 1.00 48.63 ? 75  VAL A C   1 
ATOM   567  O  O   . VAL A 1 74  ? -2.080  -17.779 -12.591 1.00 49.71 ? 75  VAL A O   1 
ATOM   568  C  CB  . VAL A 1 74  ? -4.044  -19.048 -10.570 1.00 49.08 ? 75  VAL A CB  1 
ATOM   569  C  CG1 . VAL A 1 74  ? -4.730  -19.230 -9.237  1.00 48.03 ? 75  VAL A CG1 1 
ATOM   570  C  CG2 . VAL A 1 74  ? -4.855  -18.126 -11.460 1.00 50.36 ? 75  VAL A CG2 1 
ATOM   571  N  N   . GLY A 1 75  ? -0.755  -19.334 -11.647 1.00 52.19 ? 76  GLY A N   1 
ATOM   572  C  CA  . GLY A 1 75  ? 0.136   -19.393 -12.787 1.00 53.91 ? 76  GLY A CA  1 
ATOM   573  C  C   . GLY A 1 75  ? 1.494   -18.765 -12.544 1.00 60.28 ? 76  GLY A C   1 
ATOM   574  O  O   . GLY A 1 75  ? 2.511   -19.315 -12.973 1.00 66.80 ? 76  GLY A O   1 
ATOM   575  N  N   . GLU A 1 76  ? 1.531   -17.619 -11.863 1.00 55.14 ? 77  GLU A N   1 
ATOM   576  C  CA  . GLU A 1 76  ? 2.787   -16.927 -11.598 1.00 55.86 ? 77  GLU A CA  1 
ATOM   577  C  C   . GLU A 1 76  ? 3.425   -17.495 -10.337 1.00 61.01 ? 77  GLU A C   1 
ATOM   578  O  O   . GLU A 1 76  ? 2.809   -17.433 -9.263  1.00 59.30 ? 77  GLU A O   1 
ATOM   579  C  CB  . GLU A 1 76  ? 2.544   -15.437 -11.417 1.00 59.97 ? 77  GLU A CB  1 
ATOM   580  C  CG  . GLU A 1 76  ? 3.815   -14.599 -11.273 1.00 62.67 ? 77  GLU A CG  1 
ATOM   581  C  CD  . GLU A 1 76  ? 3.524   -13.158 -10.867 1.00 68.66 ? 77  GLU A CD  1 
ATOM   582  O  OE1 . GLU A 1 76  ? 2.662   -12.952 -9.985  1.00 61.01 ? 77  GLU A OE1 1 
ATOM   583  O  OE2 . GLU A 1 76  ? 4.147   -12.230 -11.433 1.00 69.47 ? 77  GLU A OE2 1 
ATOM   584  N  N   . PRO A 1 77  ? 4.643   -18.041 -10.408 1.00 59.64 ? 78  PRO A N   1 
ATOM   585  C  CA  . PRO A 1 77  ? 5.289   -18.593 -9.209  1.00 61.16 ? 78  PRO A CA  1 
ATOM   586  C  C   . PRO A 1 77  ? 5.945   -17.553 -8.311  1.00 63.05 ? 78  PRO A C   1 
ATOM   587  O  O   . PRO A 1 77  ? 6.549   -17.929 -7.297  1.00 58.17 ? 78  PRO A O   1 
ATOM   588  C  CB  . PRO A 1 77  ? 6.341   -19.543 -9.801  1.00 62.04 ? 78  PRO A CB  1 
ATOM   589  C  CG  . PRO A 1 77  ? 6.709   -18.910 -11.095 1.00 64.49 ? 78  PRO A CG  1 
ATOM   590  C  CD  . PRO A 1 77  ? 5.452   -18.250 -11.623 1.00 61.68 ? 78  PRO A CD  1 
ATOM   591  N  N   . GLU A 1 78  ? 5.847   -16.269 -8.646  1.00 58.20 ? 79  GLU A N   1 
ATOM   592  C  CA  . GLU A 1 78  ? 6.391   -15.191 -7.827  1.00 56.19 ? 79  GLU A CA  1 
ATOM   593  C  C   . GLU A 1 78  ? 5.240   -14.520 -7.084  1.00 50.01 ? 79  GLU A C   1 
ATOM   594  O  O   . GLU A 1 78  ? 4.402   -13.851 -7.698  1.00 49.99 ? 79  GLU A O   1 
ATOM   595  C  CB  . GLU A 1 78  ? 7.137   -14.191 -8.709  1.00 55.62 ? 79  GLU A CB  1 
ATOM   596  C  CG  . GLU A 1 78  ? 7.500   -12.882 -8.027  1.00 58.57 ? 79  GLU A CG  1 
ATOM   597  C  CD  . GLU A 1 78  ? 8.520   -12.079 -8.820  1.00 59.64 ? 79  GLU A CD  1 
ATOM   598  O  OE1 . GLU A 1 78  ? 9.589   -12.636 -9.153  1.00 62.80 ? 79  GLU A OE1 1 
ATOM   599  O  OE2 . GLU A 1 78  ? 8.250   -10.898 -9.118  1.00 54.74 ? 79  GLU A OE2 1 
ATOM   600  N  N   . LEU A 1 79  ? 5.183   -14.714 -5.767  1.00 45.81 ? 80  LEU A N   1 
ATOM   601  C  CA  . LEU A 1 79  ? 4.186   -14.007 -4.980  1.00 45.83 ? 80  LEU A CA  1 
ATOM   602  C  C   . LEU A 1 79  ? 4.600   -12.547 -4.813  1.00 38.72 ? 80  LEU A C   1 
ATOM   603  O  O   . LEU A 1 79  ? 5.711   -12.141 -5.163  1.00 34.70 ? 80  LEU A O   1 
ATOM   604  C  CB  . LEU A 1 79  ? 4.012   -14.655 -3.606  1.00 35.08 ? 80  LEU A CB  1 
ATOM   605  C  CG  . LEU A 1 79  ? 3.729   -16.156 -3.546  1.00 44.09 ? 80  LEU A CG  1 
ATOM   606  C  CD1 . LEU A 1 79  ? 3.123   -16.527 -2.205  1.00 41.21 ? 80  LEU A CD1 1 
ATOM   607  C  CD2 . LEU A 1 79  ? 2.827   -16.593 -4.679  1.00 49.21 ? 80  LEU A CD2 1 
ATOM   608  N  N   . MET A 1 80  ? 3.682   -11.745 -4.282  1.00 30.36 ? 81  MET A N   1 
ATOM   609  C  CA  . MET A 1 80  ? 3.974   -10.364 -3.923  1.00 26.96 ? 81  MET A CA  1 
ATOM   610  C  C   . MET A 1 80  ? 3.941   -10.241 -2.406  1.00 29.22 ? 81  MET A C   1 
ATOM   611  O  O   . MET A 1 80  ? 2.914   -10.516 -1.776  1.00 26.67 ? 81  MET A O   1 
ATOM   612  C  CB  . MET A 1 80  ? 2.977   -9.407  -4.565  1.00 27.96 ? 81  MET A CB  1 
ATOM   613  C  CG  . MET A 1 80  ? 3.130   -9.285  -6.066  1.00 33.20 ? 81  MET A CG  1 
ATOM   614  S  SD  . MET A 1 80  ? 2.004   -8.040  -6.701  1.00 36.46 ? 81  MET A SD  1 
ATOM   615  C  CE  . MET A 1 80  ? 2.066   -6.894  -5.345  1.00 45.72 ? 81  MET A CE  1 
ATOM   616  N  N   . ASP A 1 81  ? 5.063   -9.838  -1.830  1.00 24.82 ? 82  ASP A N   1 
ATOM   617  C  CA  . ASP A 1 81  ? 5.199   -9.641  -0.391  1.00 23.38 ? 82  ASP A CA  1 
ATOM   618  C  C   . ASP A 1 81  ? 5.066   -8.141  -0.150  1.00 27.74 ? 82  ASP A C   1 
ATOM   619  O  O   . ASP A 1 81  ? 6.014   -7.379  -0.362  1.00 24.70 ? 82  ASP A O   1 
ATOM   620  C  CB  . ASP A 1 81  ? 6.552   -10.191 0.053   1.00 26.89 ? 82  ASP A CB  1 
ATOM   621  C  CG  . ASP A 1 81  ? 6.869   -9.889  1.496   1.00 25.71 ? 82  ASP A CG  1 
ATOM   622  O  OD1 . ASP A 1 81  ? 5.932   -9.640  2.286   1.00 26.15 ? 82  ASP A OD1 1 
ATOM   623  O  OD2 . ASP A 1 81  ? 8.070   -9.904  1.838   1.00 23.81 ? 82  ASP A OD2 1 
ATOM   624  N  N   . VAL A 1 82  ? 3.879   -7.711  0.275   1.00 21.16 ? 83  VAL A N   1 
ATOM   625  C  CA  . VAL A 1 82  ? 3.550   -6.293  0.380   1.00 24.12 ? 83  VAL A CA  1 
ATOM   626  C  C   . VAL A 1 82  ? 3.636   -5.878  1.845   1.00 28.35 ? 83  VAL A C   1 
ATOM   627  O  O   . VAL A 1 82  ? 2.838   -6.321  2.681   1.00 25.27 ? 83  VAL A O   1 
ATOM   628  C  CB  . VAL A 1 82  ? 2.169   -5.979  -0.214  1.00 23.15 ? 83  VAL A CB  1 
ATOM   629  C  CG1 . VAL A 1 82  ? 1.928   -4.479  -0.208  1.00 27.84 ? 83  VAL A CG1 1 
ATOM   630  C  CG2 . VAL A 1 82  ? 2.064   -6.518  -1.629  1.00 24.36 ? 83  VAL A CG2 1 
ATOM   631  N  N   . HIS A 1 83  ? 4.606   -5.023  2.157   1.00 24.05 ? 84  HIS A N   1 
ATOM   632  C  CA  . HIS A 1 83  ? 4.728   -4.443  3.486   1.00 27.23 ? 84  HIS A CA  1 
ATOM   633  C  C   . HIS A 1 83  ? 3.924   -3.149  3.521   1.00 28.28 ? 84  HIS A C   1 
ATOM   634  O  O   . HIS A 1 83  ? 4.177   -2.235  2.730   1.00 26.01 ? 84  HIS A O   1 
ATOM   635  C  CB  . HIS A 1 83  ? 6.197   -4.192  3.827   1.00 25.05 ? 84  HIS A CB  1 
ATOM   636  C  CG  . HIS A 1 83  ? 6.978   -5.444  4.084   1.00 29.77 ? 84  HIS A CG  1 
ATOM   637  N  ND1 . HIS A 1 83  ? 7.574   -5.716  5.295   1.00 28.36 ? 84  HIS A ND1 1 
ATOM   638  C  CD2 . HIS A 1 83  ? 7.246   -6.507  3.287   1.00 26.74 ? 84  HIS A CD2 1 
ATOM   639  C  CE1 . HIS A 1 83  ? 8.184   -6.888  5.232   1.00 28.84 ? 84  HIS A CE1 1 
ATOM   640  N  NE2 . HIS A 1 83  ? 7.999   -7.388  4.024   1.00 28.95 ? 84  HIS A NE2 1 
ATOM   641  N  N   . VAL A 1 84  ? 2.954   -3.079  4.427   1.00 27.27 ? 85  VAL A N   1 
ATOM   642  C  CA  . VAL A 1 84  ? 2.013   -1.967  4.496   1.00 22.56 ? 85  VAL A CA  1 
ATOM   643  C  C   . VAL A 1 84  ? 2.394   -1.070  5.663   1.00 29.57 ? 85  VAL A C   1 
ATOM   644  O  O   . VAL A 1 84  ? 2.588   -1.545  6.791   1.00 26.45 ? 85  VAL A O   1 
ATOM   645  C  CB  . VAL A 1 84  ? 0.570   -2.477  4.650   1.00 22.83 ? 85  VAL A CB  1 
ATOM   646  C  CG1 . VAL A 1 84  ? -0.411  -1.319  4.571   1.00 22.38 ? 85  VAL A CG1 1 
ATOM   647  C  CG2 . VAL A 1 84  ? 0.269   -3.523  3.592   1.00 23.89 ? 85  VAL A CG2 1 
ATOM   648  N  N   . PHE A 1 85  ? 2.488   0.229   5.392   1.00 28.55 ? 86  PHE A N   1 
ATOM   649  C  CA  . PHE A 1 85  ? 2.786   1.235   6.393   1.00 26.21 ? 86  PHE A CA  1 
ATOM   650  C  C   . PHE A 1 85  ? 1.713   2.308   6.345   1.00 25.35 ? 86  PHE A C   1 
ATOM   651  O  O   . PHE A 1 85  ? 1.082   2.529   5.310   1.00 25.39 ? 86  PHE A O   1 
ATOM   652  C  CB  . PHE A 1 85  ? 4.135   1.928   6.114   1.00 29.82 ? 86  PHE A CB  1 
ATOM   653  C  CG  . PHE A 1 85  ? 5.306   0.995   6.112   1.00 27.91 ? 86  PHE A CG  1 
ATOM   654  C  CD1 . PHE A 1 85  ? 5.985   0.716   7.281   1.00 27.43 ? 86  PHE A CD1 1 
ATOM   655  C  CD2 . PHE A 1 85  ? 5.726   0.393   4.937   1.00 30.76 ? 86  PHE A CD2 1 
ATOM   656  C  CE1 . PHE A 1 85  ? 7.060   -0.145  7.283   1.00 29.42 ? 86  PHE A CE1 1 
ATOM   657  C  CE2 . PHE A 1 85  ? 6.803   -0.467  4.935   1.00 28.31 ? 86  PHE A CE2 1 
ATOM   658  C  CZ  . PHE A 1 85  ? 7.469   -0.737  6.110   1.00 27.32 ? 86  PHE A CZ  1 
ATOM   659  N  N   . CYS A 1 86  ? 1.517   2.980   7.470   1.00 29.78 ? 87  CYS A N   1 
ATOM   660  C  CA  . CYS A 1 86  ? 0.781   4.230   7.478   1.00 28.72 ? 87  CYS A CA  1 
ATOM   661  C  C   . CYS A 1 86  ? 1.596   5.287   8.216   1.00 30.58 ? 87  CYS A C   1 
ATOM   662  O  O   . CYS A 1 86  ? 2.606   4.989   8.866   1.00 29.16 ? 87  CYS A O   1 
ATOM   663  C  CB  . CYS A 1 86  ? -0.636  4.072   8.050   1.00 28.85 ? 87  CYS A CB  1 
ATOM   664  S  SG  . CYS A 1 86  ? -0.680  3.464   9.728   1.00 39.77 ? 87  CYS A SG  1 
ATOM   665  N  N   . THR A 1 87  ? 1.159   6.539   8.086   1.00 28.11 ? 88  THR A N   1 
ATOM   666  C  CA  . THR A 1 87  ? 1.837   7.659   8.722   1.00 34.44 ? 88  THR A CA  1 
ATOM   667  C  C   . THR A 1 87  ? 0.905   8.859   8.755   1.00 35.19 ? 88  THR A C   1 
ATOM   668  O  O   . THR A 1 87  ? 0.037   9.014   7.893   1.00 33.53 ? 88  THR A O   1 
ATOM   669  C  CB  . THR A 1 87  ? 3.122   8.027   7.975   1.00 36.69 ? 88  THR A CB  1 
ATOM   670  O  OG1 . THR A 1 87  ? 3.700   9.200   8.565   1.00 37.04 ? 88  THR A OG1 1 
ATOM   671  C  CG2 . THR A 1 87  ? 2.829   8.281   6.506   1.00 29.41 ? 88  THR A CG2 1 
ATOM   672  N  N   . ASP A 1 88  ? 1.100   9.710   9.766   1.00 36.78 ? 89  ASP A N   1 
ATOM   673  C  CA  . ASP A 1 88  ? 0.374   10.969  9.873   1.00 38.54 ? 89  ASP A CA  1 
ATOM   674  C  C   . ASP A 1 88  ? 1.293   12.172  10.053  1.00 43.51 ? 89  ASP A C   1 
ATOM   675  O  O   . ASP A 1 88  ? 0.804   13.263  10.362  1.00 48.39 ? 89  ASP A O   1 
ATOM   676  C  CB  . ASP A 1 88  ? -0.650  10.917  11.013  1.00 43.81 ? 89  ASP A CB  1 
ATOM   677  C  CG  . ASP A 1 88  ? 0.002   10.760  12.372  1.00 47.67 ? 89  ASP A CG  1 
ATOM   678  O  OD1 . ASP A 1 88  ? 1.156   10.283  12.432  1.00 48.03 ? 89  ASP A OD1 1 
ATOM   679  O  OD2 . ASP A 1 88  ? -0.647  11.111  13.380  1.00 53.71 ? 89  ASP A OD2 1 
ATOM   680  N  N   . SER A 1 89  ? 2.600   12.011  9.866   1.00 36.17 ? 90  SER A N   1 
ATOM   681  C  CA  . SER A 1 89  ? 3.573   13.084  10.074  1.00 41.79 ? 90  SER A CA  1 
ATOM   682  C  C   . SER A 1 89  ? 4.269   13.382  8.747   1.00 39.00 ? 90  SER A C   1 
ATOM   683  O  O   . SER A 1 89  ? 5.436   13.038  8.547   1.00 40.29 ? 90  SER A O   1 
ATOM   684  C  CB  . SER A 1 89  ? 4.580   12.679  11.159  1.00 43.17 ? 90  SER A CB  1 
ATOM   685  O  OG  . SER A 1 89  ? 5.279   11.504  10.781  1.00 42.22 ? 90  SER A OG  1 
ATOM   686  N  N   . ILE A 1 90  ? 3.554   14.044  7.844   1.00 35.58 ? 91  ILE A N   1 
ATOM   687  C  CA  . ILE A 1 90  ? 4.097   14.397  6.543   1.00 36.92 ? 91  ILE A CA  1 
ATOM   688  C  C   . ILE A 1 90  ? 4.644   15.820  6.581   1.00 36.77 ? 91  ILE A C   1 
ATOM   689  O  O   . ILE A 1 90  ? 4.230   16.656  7.388   1.00 37.37 ? 91  ILE A O   1 
ATOM   690  C  CB  . ILE A 1 90  ? 3.065   14.218  5.408   1.00 35.37 ? 91  ILE A CB  1 
ATOM   691  C  CG1 . ILE A 1 90  ? 1.774   14.968  5.742   1.00 37.75 ? 91  ILE A CG1 1 
ATOM   692  C  CG2 . ILE A 1 90  ? 2.787   12.742  5.171   1.00 39.34 ? 91  ILE A CG2 1 
ATOM   693  C  CD1 . ILE A 1 90  ? 0.778   15.027  4.595   1.00 40.74 ? 91  ILE A CD1 1 
ATOM   694  N  N   . GLN A 1 91  ? 5.603   16.089  5.694   1.00 37.22 ? 92  GLN A N   1 
ATOM   695  C  CA  . GLN A 1 91  ? 6.148   17.422  5.470   1.00 40.84 ? 92  GLN A CA  1 
ATOM   696  C  C   . GLN A 1 91  ? 6.158   17.703  3.975   1.00 38.10 ? 92  GLN A C   1 
ATOM   697  O  O   . GLN A 1 91  ? 6.500   16.829  3.174   1.00 38.03 ? 92  GLN A O   1 
ATOM   698  C  CB  . GLN A 1 91  ? 7.582   17.559  6.008   1.00 43.60 ? 92  GLN A CB  1 
ATOM   699  C  CG  . GLN A 1 91  ? 7.691   18.340  7.314   1.00 53.75 ? 92  GLN A CG  1 
ATOM   700  C  CD  . GLN A 1 91  ? 7.314   17.505  8.516   1.00 57.41 ? 92  GLN A CD  1 
ATOM   701  O  OE1 . GLN A 1 91  ? 7.638   16.321  8.581   1.00 62.25 ? 92  GLN A OE1 1 
ATOM   702  N  NE2 . GLN A 1 91  ? 6.616   18.111  9.471   1.00 56.79 ? 92  GLN A NE2 1 
ATOM   703  N  N   . GLY A 1 92  ? 5.783   18.921  3.608   1.00 39.83 ? 93  GLY A N   1 
ATOM   704  C  CA  . GLY A 1 92  ? 5.700   19.331  2.221   1.00 36.54 ? 93  GLY A CA  1 
ATOM   705  C  C   . GLY A 1 92  ? 4.256   19.472  1.766   1.00 35.31 ? 93  GLY A C   1 
ATOM   706  O  O   . GLY A 1 92  ? 3.305   19.257  2.517   1.00 39.50 ? 93  GLY A O   1 
ATOM   707  N  N   . THR A 1 93  ? 4.112   19.851  0.502   1.00 36.42 ? 94  THR A N   1 
ATOM   708  C  CA  . THR A 1 93  ? 2.792   19.927  -0.102  1.00 40.05 ? 94  THR A CA  1 
ATOM   709  C  C   . THR A 1 93  ? 2.639   18.819  -1.132  1.00 34.18 ? 94  THR A C   1 
ATOM   710  O  O   . THR A 1 93  ? 3.542   18.619  -1.956  1.00 34.15 ? 94  THR A O   1 
ATOM   711  C  CB  . THR A 1 93  ? 2.588   21.298  -0.763  1.00 39.17 ? 94  THR A CB  1 
ATOM   712  O  OG1 . THR A 1 93  ? 1.514   21.223  -1.713  1.00 46.14 ? 94  THR A OG1 1 
ATOM   713  C  CG2 . THR A 1 93  ? 3.849   21.743  -1.463  1.00 45.93 ? 94  THR A CG2 1 
ATOM   714  N  N   . PRO A 1 94  ? 1.544   18.059  -1.101  1.00 36.39 ? 95  PRO A N   1 
ATOM   715  C  CA  . PRO A 1 94  ? 1.369   16.976  -2.078  1.00 30.80 ? 95  PRO A CA  1 
ATOM   716  C  C   . PRO A 1 94  ? 1.315   17.522  -3.496  1.00 35.85 ? 95  PRO A C   1 
ATOM   717  O  O   . PRO A 1 94  ? 0.541   18.433  -3.804  1.00 31.75 ? 95  PRO A O   1 
ATOM   718  C  CB  . PRO A 1 94  ? 0.033   16.346  -1.669  1.00 30.16 ? 95  PRO A CB  1 
ATOM   719  C  CG  . PRO A 1 94  ? -0.134  16.711  -0.233  1.00 34.80 ? 95  PRO A CG  1 
ATOM   720  C  CD  . PRO A 1 94  ? 0.456   18.084  -0.108  1.00 37.57 ? 95  PRO A CD  1 
ATOM   721  N  N   . VAL A 1 95  ? 2.151   16.959  -4.364  1.00 32.11 ? 96  VAL A N   1 
ATOM   722  C  CA  . VAL A 1 95  ? 2.199   17.363  -5.763  1.00 32.83 ? 96  VAL A CA  1 
ATOM   723  C  C   . VAL A 1 95  ? 2.378   16.120  -6.626  1.00 36.99 ? 96  VAL A C   1 
ATOM   724  O  O   . VAL A 1 95  ? 3.128   15.202  -6.272  1.00 35.26 ? 96  VAL A O   1 
ATOM   725  C  CB  . VAL A 1 95  ? 3.286   18.431  -6.022  1.00 31.19 ? 96  VAL A CB  1 
ATOM   726  C  CG1 . VAL A 1 95  ? 4.679   17.845  -5.881  1.00 35.44 ? 96  VAL A CG1 1 
ATOM   727  C  CG2 . VAL A 1 95  ? 3.103   19.056  -7.384  1.00 31.94 ? 96  VAL A CG2 1 
ATOM   728  N  N   . GLU A 1 96  ? 1.677   16.085  -7.755  1.00 29.09 ? 97  GLU A N   1 
ATOM   729  C  CA  . GLU A 1 96  ? 1.668   14.886  -8.573  1.00 29.83 ? 97  GLU A CA  1 
ATOM   730  C  C   . GLU A 1 96  ? 3.018   14.657  -9.240  1.00 33.57 ? 97  GLU A C   1 
ATOM   731  O  O   . GLU A 1 96  ? 3.818   15.575  -9.442  1.00 28.50 ? 97  GLU A O   1 
ATOM   732  C  CB  . GLU A 1 96  ? 0.584   14.971  -9.645  1.00 28.22 ? 97  GLU A CB  1 
ATOM   733  C  CG  . GLU A 1 96  ? 0.731   16.150  -10.577 1.00 37.26 ? 97  GLU A CG  1 
ATOM   734  C  CD  . GLU A 1 96  ? -0.531  16.400  -11.366 1.00 36.94 ? 97  GLU A CD  1 
ATOM   735  O  OE1 . GLU A 1 96  ? -0.706  15.762  -12.427 1.00 40.28 ? 97  GLU A OE1 1 
ATOM   736  O  OE2 . GLU A 1 96  ? -1.355  17.220  -10.911 1.00 31.17 ? 97  GLU A OE2 1 
ATOM   737  N  N   . SER A 1 97  ? 3.267   13.392  -9.559  1.00 31.80 ? 98  SER A N   1 
ATOM   738  C  CA  . SER A 1 97  ? 4.307   12.980  -10.479 1.00 40.07 ? 98  SER A CA  1 
ATOM   739  C  C   . SER A 1 97  ? 3.660   12.693  -11.829 1.00 36.33 ? 98  SER A C   1 
ATOM   740  O  O   . SER A 1 97  ? 2.447   12.821  -12.002 1.00 34.65 ? 98  SER A O   1 
ATOM   741  C  CB  . SER A 1 97  ? 4.982   11.710  -9.963  1.00 38.79 ? 98  SER A CB  1 
ATOM   742  O  OG  . SER A 1 97  ? 4.079   10.615  -10.031 1.00 34.83 ? 98  SER A OG  1 
ATOM   743  N  N   . ASP A 1 98  ? 4.479   12.271  -12.792 1.00 43.59 ? 99  ASP A N   1 
ATOM   744  C  CA  . ASP A 1 98  ? 3.926   11.807  -14.058 1.00 40.41 ? 99  ASP A CA  1 
ATOM   745  C  C   . ASP A 1 98  ? 3.126   10.521  -13.905 1.00 41.64 ? 99  ASP A C   1 
ATOM   746  O  O   . ASP A 1 98  ? 2.386   10.154  -14.822 1.00 45.43 ? 99  ASP A O   1 
ATOM   747  C  CB  . ASP A 1 98  ? 5.039   11.606  -15.090 1.00 48.19 ? 99  ASP A CB  1 
ATOM   748  C  CG  . ASP A 1 98  ? 5.618   12.915  -15.586 1.00 51.44 ? 99  ASP A CG  1 
ATOM   749  O  OD1 . ASP A 1 98  ? 5.012   13.526  -16.492 1.00 56.18 ? 99  ASP A OD1 1 
ATOM   750  O  OD2 . ASP A 1 98  ? 6.682   13.332  -15.075 1.00 58.04 ? 99  ASP A OD2 1 
ATOM   751  N  N   . GLU A 1 99  ? 3.247   9.832   -12.771 1.00 37.61 ? 100 GLU A N   1 
ATOM   752  C  CA  . GLU A 1 99  ? 2.603   8.539   -12.590 1.00 35.27 ? 100 GLU A CA  1 
ATOM   753  C  C   . GLU A 1 99  ? 1.391   8.582   -11.666 1.00 38.67 ? 100 GLU A C   1 
ATOM   754  O  O   . GLU A 1 99  ? 0.436   7.829   -11.886 1.00 36.73 ? 100 GLU A O   1 
ATOM   755  C  CB  . GLU A 1 99  ? 3.615   7.517   -12.058 1.00 42.34 ? 100 GLU A CB  1 
ATOM   756  N  N   . MET A 1 100 ? 1.398   9.451   -10.652 1.00 33.17 ? 101 MET A N   1 
ATOM   757  C  CA  . MET A 1 100 ? 0.373   9.455   -9.617  1.00 35.49 ? 101 MET A CA  1 
ATOM   758  C  C   . MET A 1 100 ? 0.011   10.888  -9.251  1.00 30.96 ? 101 MET A C   1 
ATOM   759  O  O   . MET A 1 100 ? 0.863   11.780  -9.261  1.00 32.83 ? 101 MET A O   1 
ATOM   760  C  CB  . MET A 1 100 ? 0.882   8.744   -8.355  1.00 34.77 ? 101 MET A CB  1 
ATOM   761  C  CG  . MET A 1 100 ? 1.144   7.259   -8.545  1.00 41.93 ? 101 MET A CG  1 
ATOM   762  S  SD  . MET A 1 100 ? -0.235  6.261   -7.963  1.00 50.92 ? 101 MET A SD  1 
ATOM   763  C  CE  . MET A 1 100 ? -0.071  6.504   -6.198  1.00 41.07 ? 101 MET A CE  1 
ATOM   764  N  N   . ARG A 1 101 ? -1.261  11.097  -8.909  1.00 30.77 ? 102 ARG A N   1 
ATOM   765  C  CA  . ARG A 1 101 ? -1.748  12.402  -8.464  1.00 32.06 ? 102 ARG A CA  1 
ATOM   766  C  C   . ARG A 1 101 ? -2.395  12.271  -7.090  1.00 26.13 ? 102 ARG A C   1 
ATOM   767  O  O   . ARG A 1 101 ? -3.429  11.593  -6.963  1.00 26.52 ? 102 ARG A O   1 
ATOM   768  C  CB  . ARG A 1 101 ? -2.753  12.983  -9.461  1.00 30.12 ? 102 ARG A CB  1 
ATOM   769  C  CG  . ARG A 1 101 ? -3.242  14.373  -9.068  1.00 36.84 ? 102 ARG A CG  1 
ATOM   770  C  CD  . ARG A 1 101 ? -4.183  14.983  -10.095 1.00 38.45 ? 102 ARG A CD  1 
ATOM   771  N  NE  . ARG A 1 101 ? -3.559  15.124  -11.409 1.00 42.21 ? 102 ARG A NE  1 
ATOM   772  C  CZ  . ARG A 1 101 ? -3.932  14.446  -12.490 1.00 44.08 ? 102 ARG A CZ  1 
ATOM   773  N  NH1 . ARG A 1 101 ? -4.939  13.585  -12.417 1.00 39.28 ? 102 ARG A NH1 1 
ATOM   774  N  NH2 . ARG A 1 101 ? -3.303  14.640  -13.646 1.00 39.85 ? 102 ARG A NH2 1 
ATOM   775  N  N   . PRO A 1 102 ? -1.857  12.900  -6.050  1.00 27.55 ? 103 PRO A N   1 
ATOM   776  C  CA  . PRO A 1 102 ? -2.438  12.740  -4.714  1.00 26.11 ? 103 PRO A CA  1 
ATOM   777  C  C   . PRO A 1 102 ? -3.682  13.589  -4.523  1.00 30.90 ? 103 PRO A C   1 
ATOM   778  O  O   . PRO A 1 102 ? -3.819  14.683  -5.077  1.00 25.83 ? 103 PRO A O   1 
ATOM   779  C  CB  . PRO A 1 102 ? -1.318  13.227  -3.789  1.00 26.59 ? 103 PRO A CB  1 
ATOM   780  C  CG  . PRO A 1 102 ? -0.577  14.226  -4.611  1.00 28.77 ? 103 PRO A CG  1 
ATOM   781  C  CD  . PRO A 1 102 ? -0.621  13.703  -6.022  1.00 28.29 ? 103 PRO A CD  1 
ATOM   782  N  N   . CYS A 1 103 ? -4.587  13.077  -3.692  1.00 26.94 ? 104 CYS A N   1 
ATOM   783  C  CA  . CYS A 1 103 ? -5.808  13.793  -3.360  1.00 27.69 ? 104 CYS A CA  1 
ATOM   784  C  C   . CYS A 1 103 ? -6.286  13.330  -1.991  1.00 29.62 ? 104 CYS A C   1 
ATOM   785  O  O   . CYS A 1 103 ? -6.165  12.150  -1.658  1.00 27.82 ? 104 CYS A O   1 
ATOM   786  C  CB  . CYS A 1 103 ? -6.882  13.518  -4.416  1.00 32.40 ? 104 CYS A CB  1 
ATOM   787  S  SG  . CYS A 1 103 ? -8.390  14.480  -4.208  1.00 44.85 ? 104 CYS A SG  1 
ATOM   788  N  N   . TRP A 1 104 ? -6.814  14.262  -1.197  1.00 25.91 ? 105 TRP A N   1 
ATOM   789  C  CA  . TRP A 1 104 ? -7.330  13.927  0.126   1.00 29.90 ? 105 TRP A CA  1 
ATOM   790  C  C   . TRP A 1 104 ? -8.761  13.411  0.028   1.00 31.87 ? 105 TRP A C   1 
ATOM   791  O  O   . TRP A 1 104 ? -9.546  13.868  -0.807  1.00 33.60 ? 105 TRP A O   1 
ATOM   792  C  CB  . TRP A 1 104 ? -7.317  15.157  1.031   1.00 27.22 ? 105 TRP A CB  1 
ATOM   793  C  CG  . TRP A 1 104 ? -5.963  15.583  1.494   1.00 32.56 ? 105 TRP A CG  1 
ATOM   794  C  CD1 . TRP A 1 104 ? -5.261  16.676  1.076   1.00 31.91 ? 105 TRP A CD1 1 
ATOM   795  C  CD2 . TRP A 1 104 ? -5.147  14.936  2.481   1.00 28.64 ? 105 TRP A CD2 1 
ATOM   796  N  NE1 . TRP A 1 104 ? -4.061  16.746  1.736   1.00 30.97 ? 105 TRP A NE1 1 
ATOM   797  C  CE2 . TRP A 1 104 ? -3.964  15.688  2.601   1.00 28.80 ? 105 TRP A CE2 1 
ATOM   798  C  CE3 . TRP A 1 104 ? -5.301  13.787  3.268   1.00 28.24 ? 105 TRP A CE3 1 
ATOM   799  C  CZ2 . TRP A 1 104 ? -2.938  15.334  3.479   1.00 33.34 ? 105 TRP A CZ2 1 
ATOM   800  C  CZ3 . TRP A 1 104 ? -4.284  13.437  4.140   1.00 26.20 ? 105 TRP A CZ3 1 
ATOM   801  C  CH2 . TRP A 1 104 ? -3.116  14.205  4.237   1.00 27.92 ? 105 TRP A CH2 1 
ATOM   802  N  N   . PHE A 1 105 ? -9.104  12.462  0.902   1.00 31.69 ? 106 PHE A N   1 
ATOM   803  C  CA  . PHE A 1 105 ? -10.430 11.853  0.925   1.00 29.92 ? 106 PHE A CA  1 
ATOM   804  C  C   . PHE A 1 105 ? -10.923 11.803  2.361   1.00 34.52 ? 106 PHE A C   1 
ATOM   805  O  O   . PHE A 1 105 ? -10.195 11.364  3.253   1.00 33.65 ? 106 PHE A O   1 
ATOM   806  C  CB  . PHE A 1 105 ? -10.389 10.422  0.372   1.00 28.16 ? 106 PHE A CB  1 
ATOM   807  C  CG  . PHE A 1 105 ? -10.167 10.341  -1.110  1.00 30.31 ? 106 PHE A CG  1 
ATOM   808  C  CD1 . PHE A 1 105 ? -8.890  10.459  -1.645  1.00 32.14 ? 106 PHE A CD1 1 
ATOM   809  C  CD2 . PHE A 1 105 ? -11.227 10.116  -1.970  1.00 29.98 ? 106 PHE A CD2 1 
ATOM   810  C  CE1 . PHE A 1 105 ? -8.682  10.374  -3.015  1.00 27.30 ? 106 PHE A CE1 1 
ATOM   811  C  CE2 . PHE A 1 105 ? -11.024 10.033  -3.340  1.00 36.74 ? 106 PHE A CE2 1 
ATOM   812  C  CZ  . PHE A 1 105 ? -9.749  10.166  -3.862  1.00 30.74 ? 106 PHE A CZ  1 
ATOM   813  N  N   . GLN A 1 106 ? -12.155 12.248  2.585   1.00 38.36 ? 107 GLN A N   1 
ATOM   814  C  CA  . GLN A 1 106 ? -12.751 12.071  3.900   1.00 37.02 ? 107 GLN A CA  1 
ATOM   815  C  C   . GLN A 1 106 ? -12.884 10.580  4.191   1.00 38.03 ? 107 GLN A C   1 
ATOM   816  O  O   . GLN A 1 106 ? -13.159 9.780   3.291   1.00 37.61 ? 107 GLN A O   1 
ATOM   817  C  CB  . GLN A 1 106 ? -14.115 12.763  3.961   1.00 37.93 ? 107 GLN A CB  1 
ATOM   818  C  CG  . GLN A 1 106 ? -14.028 14.290  3.962   1.00 31.93 ? 107 GLN A CG  1 
ATOM   819  C  CD  . GLN A 1 106 ? -13.343 14.844  5.204   1.00 38.78 ? 107 GLN A CD  1 
ATOM   820  O  OE1 . GLN A 1 106 ? -12.162 15.199  5.175   1.00 35.13 ? 107 GLN A OE1 1 
ATOM   821  N  NE2 . GLN A 1 106 ? -14.087 14.920  6.305   1.00 43.39 ? 107 GLN A NE2 1 
ATOM   822  N  N   . LEU A 1 107 ? -12.658 10.205  5.451   1.00 37.53 ? 108 LEU A N   1 
ATOM   823  C  CA  . LEU A 1 107 ? -12.590 8.789   5.801   1.00 40.61 ? 108 LEU A CA  1 
ATOM   824  C  C   . LEU A 1 107 ? -13.906 8.065   5.535   1.00 40.84 ? 108 LEU A C   1 
ATOM   825  O  O   . LEU A 1 107 ? -13.900 6.862   5.253   1.00 45.02 ? 108 LEU A O   1 
ATOM   826  C  CB  . LEU A 1 107 ? -12.150 8.620   7.259   1.00 39.77 ? 108 LEU A CB  1 
ATOM   827  C  CG  . LEU A 1 107 ? -10.703 9.039   7.533   1.00 43.88 ? 108 LEU A CG  1 
ATOM   828  C  CD1 . LEU A 1 107 ? -10.318 8.813   8.989   1.00 40.87 ? 108 LEU A CD1 1 
ATOM   829  C  CD2 . LEU A 1 107 ? -9.766  8.287   6.600   1.00 35.86 ? 108 LEU A CD2 1 
ATOM   830  N  N   . ASP A 1 108 ? -15.034 8.768   5.610   1.00 41.92 ? 109 ASP A N   1 
ATOM   831  C  CA  . ASP A 1 108 ? -16.338 8.160   5.375   1.00 49.13 ? 109 ASP A CA  1 
ATOM   832  C  C   . ASP A 1 108 ? -16.790 8.260   3.922   1.00 48.34 ? 109 ASP A C   1 
ATOM   833  O  O   . ASP A 1 108 ? -17.957 7.981   3.630   1.00 50.93 ? 109 ASP A O   1 
ATOM   834  C  CB  . ASP A 1 108 ? -17.393 8.778   6.297   1.00 48.21 ? 109 ASP A CB  1 
ATOM   835  C  CG  . ASP A 1 108 ? -17.611 10.258  6.032   1.00 47.77 ? 109 ASP A CG  1 
ATOM   836  O  OD1 . ASP A 1 108 ? -16.734 10.899  5.417   1.00 43.68 ? 109 ASP A OD1 1 
ATOM   837  O  OD2 . ASP A 1 108 ? -18.663 10.786  6.450   1.00 47.70 ? 109 ASP A OD2 1 
ATOM   838  N  N   . GLN A 1 109 ? -15.899 8.654   3.013   1.00 42.91 ? 110 GLN A N   1 
ATOM   839  C  CA  . GLN A 1 109 ? -16.225 8.801   1.599   1.00 39.89 ? 110 GLN A CA  1 
ATOM   840  C  C   . GLN A 1 109 ? -15.203 8.092   0.724   1.00 38.67 ? 110 GLN A C   1 
ATOM   841  O  O   . GLN A 1 109 ? -14.932 8.531   -0.396  1.00 43.59 ? 110 GLN A O   1 
ATOM   842  C  CB  . GLN A 1 109 ? -16.322 10.274  1.207   1.00 45.61 ? 110 GLN A CB  1 
ATOM   843  C  CG  . GLN A 1 109 ? -17.416 11.038  1.915   1.00 41.84 ? 110 GLN A CG  1 
ATOM   844  C  CD  . GLN A 1 109 ? -18.793 10.602  1.475   1.00 46.91 ? 110 GLN A CD  1 
ATOM   845  O  OE1 . GLN A 1 109 ? -19.074 10.502  0.278   1.00 52.99 ? 110 GLN A OE1 1 
ATOM   846  N  NE2 . GLN A 1 109 ? -19.663 10.332  2.442   1.00 46.94 ? 110 GLN A NE2 1 
ATOM   847  N  N   . ILE A 1 110 ? -14.618 7.010   1.218   1.00 35.81 ? 111 ILE A N   1 
ATOM   848  C  CA  . ILE A 1 110 ? -13.588 6.307   0.445   1.00 36.82 ? 111 ILE A CA  1 
ATOM   849  C  C   . ILE A 1 110 ? -14.228 5.683   -0.792  1.00 37.70 ? 111 ILE A C   1 
ATOM   850  O  O   . ILE A 1 110 ? -15.239 4.968   -0.671  1.00 37.18 ? 111 ILE A O   1 
ATOM   851  C  CB  . ILE A 1 110 ? -12.909 5.246   1.309   1.00 39.99 ? 111 ILE A CB  1 
ATOM   852  C  CG1 . ILE A 1 110 ? -12.308 5.886   2.560   1.00 39.20 ? 111 ILE A CG1 1 
ATOM   853  C  CG2 . ILE A 1 110 ? -11.837 4.524   0.516   1.00 37.43 ? 111 ILE A CG2 1 
ATOM   854  C  CD1 . ILE A 1 110 ? -11.452 7.080   2.265   1.00 39.27 ? 111 ILE A CD1 1 
ATOM   855  N  N   . PRO A 1 111 ? -13.649 5.928   -2.061  1.00 35.79 ? 112 PRO A N   1 
ATOM   856  C  CA  . PRO A 1 111 ? -14.250 5.432   -3.322  1.00 41.60 ? 112 PRO A CA  1 
ATOM   857  C  C   . PRO A 1 111 ? -13.844 3.999   -3.644  1.00 38.65 ? 112 PRO A C   1 
ATOM   858  O  O   . PRO A 1 111 ? -13.112 3.716   -4.603  1.00 36.76 ? 112 PRO A O   1 
ATOM   859  C  CB  . PRO A 1 111 ? -13.716 6.437   -4.347  1.00 42.58 ? 112 PRO A CB  1 
ATOM   860  C  CG  . PRO A 1 111 ? -12.343 6.774   -3.821  1.00 35.32 ? 112 PRO A CG  1 
ATOM   861  C  CD  . PRO A 1 111 ? -12.462 6.768   -2.309  1.00 39.18 ? 112 PRO A CD  1 
ATOM   862  N  N   . PHE A 1 112 ? -14.352 3.062   -2.837  1.00 41.43 ? 113 PHE A N   1 
ATOM   863  C  CA  . PHE A 1 112 ? -13.929 1.670   -2.951  1.00 40.88 ? 113 PHE A CA  1 
ATOM   864  C  C   . PHE A 1 112 ? -14.162 1.107   -4.348  1.00 40.14 ? 113 PHE A C   1 
ATOM   865  O  O   . PHE A 1 112 ? -13.356 0.305   -4.831  1.00 37.14 ? 113 PHE A O   1 
ATOM   866  C  CB  . PHE A 1 112 ? -14.624 0.816   -1.891  1.00 31.40 ? 113 PHE A CB  1 
ATOM   867  C  CG  . PHE A 1 112 ? -14.134 1.075   -0.496  1.00 35.42 ? 113 PHE A CG  1 
ATOM   868  C  CD1 . PHE A 1 112 ? -12.899 0.594   -0.084  1.00 38.65 ? 113 PHE A CD1 1 
ATOM   869  C  CD2 . PHE A 1 112 ? -14.901 1.802   0.401   1.00 36.21 ? 113 PHE A CD2 1 
ATOM   870  C  CE1 . PHE A 1 112 ? -12.437 0.829   1.199   1.00 38.46 ? 113 PHE A CE1 1 
ATOM   871  C  CE2 . PHE A 1 112 ? -14.450 2.043   1.688   1.00 39.44 ? 113 PHE A CE2 1 
ATOM   872  C  CZ  . PHE A 1 112 ? -13.215 1.555   2.088   1.00 42.86 ? 113 PHE A CZ  1 
ATOM   873  N  N   . LYS A 1 113 ? -15.238 1.522   -5.020  1.00 42.26 ? 114 LYS A N   1 
ATOM   874  C  CA  . LYS A 1 113 ? -15.483 1.020   -6.369  1.00 45.24 ? 114 LYS A CA  1 
ATOM   875  C  C   . LYS A 1 113 ? -14.421 1.476   -7.359  1.00 41.77 ? 114 LYS A C   1 
ATOM   876  O  O   . LYS A 1 113 ? -14.238 0.832   -8.399  1.00 43.64 ? 114 LYS A O   1 
ATOM   877  C  CB  . LYS A 1 113 ? -16.888 1.393   -6.847  1.00 48.05 ? 114 LYS A CB  1 
ATOM   878  C  CG  . LYS A 1 113 ? -17.174 2.880   -6.901  1.00 44.61 ? 114 LYS A CG  1 
ATOM   879  C  CD  . LYS A 1 113 ? -18.583 3.129   -7.436  1.00 51.68 ? 114 LYS A CD  1 
ATOM   880  C  CE  . LYS A 1 113 ? -18.892 4.614   -7.558  1.00 54.48 ? 114 LYS A CE  1 
ATOM   881  N  NZ  . LYS A 1 113 ? -20.247 4.857   -8.139  1.00 54.96 ? 114 LYS A NZ  1 
ATOM   882  N  N   . ASP A 1 114 ? -13.705 2.555   -7.052  1.00 40.92 ? 115 ASP A N   1 
ATOM   883  C  CA  . ASP A 1 114 ? -12.630 3.053   -7.897  1.00 38.49 ? 115 ASP A CA  1 
ATOM   884  C  C   . ASP A 1 114 ? -11.251 2.696   -7.349  1.00 38.07 ? 115 ASP A C   1 
ATOM   885  O  O   . ASP A 1 114 ? -10.269 3.390   -7.631  1.00 36.26 ? 115 ASP A O   1 
ATOM   886  C  CB  . ASP A 1 114 ? -12.773 4.558   -8.113  1.00 39.28 ? 115 ASP A CB  1 
ATOM   887  C  CG  . ASP A 1 114 ? -14.087 4.921   -8.782  1.00 46.87 ? 115 ASP A CG  1 
ATOM   888  O  OD1 . ASP A 1 114 ? -14.431 4.277   -9.794  1.00 52.93 ? 115 ASP A OD1 1 
ATOM   889  O  OD2 . ASP A 1 114 ? -14.786 5.833   -8.288  1.00 49.50 ? 115 ASP A OD2 1 
ATOM   890  N  N   . MET A 1 115 ? -11.163 1.622   -6.569  1.00 36.69 ? 116 MET A N   1 
ATOM   891  C  CA  . MET A 1 115 ? -9.905  1.136   -6.024  1.00 38.07 ? 116 MET A CA  1 
ATOM   892  C  C   . MET A 1 115 ? -9.793  -0.358  -6.298  1.00 39.46 ? 116 MET A C   1 
ATOM   893  O  O   . MET A 1 115 ? -10.729 -0.994  -6.789  1.00 38.32 ? 116 MET A O   1 
ATOM   894  C  CB  . MET A 1 115 ? -9.809  1.435   -4.522  1.00 41.33 ? 116 MET A CB  1 
ATOM   895  C  CG  . MET A 1 115 ? -9.966  2.914   -4.196  1.00 38.79 ? 116 MET A CG  1 
ATOM   896  S  SD  . MET A 1 115 ? -10.325 3.235   -2.465  1.00 34.99 ? 116 MET A SD  1 
ATOM   897  C  CE  . MET A 1 115 ? -8.768  2.787   -1.706  1.00 36.01 ? 116 MET A CE  1 
ATOM   898  N  N   . TRP A 1 116 ? -8.631  -0.921  -5.987  1.00 37.09 ? 117 TRP A N   1 
ATOM   899  C  CA  . TRP A 1 116 ? -8.434  -2.343  -6.190  1.00 34.98 ? 117 TRP A CA  1 
ATOM   900  C  C   . TRP A 1 116 ? -9.335  -3.135  -5.245  1.00 35.09 ? 117 TRP A C   1 
ATOM   901  O  O   . TRP A 1 116 ? -9.639  -2.681  -4.138  1.00 30.01 ? 117 TRP A O   1 
ATOM   902  C  CB  . TRP A 1 116 ? -6.973  -2.712  -5.965  1.00 39.39 ? 117 TRP A CB  1 
ATOM   903  C  CG  . TRP A 1 116 ? -6.094  -2.218  -7.063  1.00 44.51 ? 117 TRP A CG  1 
ATOM   904  C  CD1 . TRP A 1 116 ? -5.602  -0.951  -7.216  1.00 44.60 ? 117 TRP A CD1 1 
ATOM   905  C  CD2 . TRP A 1 116 ? -5.616  -2.973  -8.184  1.00 43.49 ? 117 TRP A CD2 1 
ATOM   906  N  NE1 . TRP A 1 116 ? -4.835  -0.877  -8.354  1.00 44.46 ? 117 TRP A NE1 1 
ATOM   907  C  CE2 . TRP A 1 116 ? -4.829  -2.104  -8.967  1.00 45.32 ? 117 TRP A CE2 1 
ATOM   908  C  CE3 . TRP A 1 116 ? -5.767  -4.302  -8.593  1.00 45.91 ? 117 TRP A CE3 1 
ATOM   909  C  CZ2 . TRP A 1 116 ? -4.200  -2.520  -10.139 1.00 45.76 ? 117 TRP A CZ2 1 
ATOM   910  C  CZ3 . TRP A 1 116 ? -5.142  -4.712  -9.758  1.00 41.38 ? 117 TRP A CZ3 1 
ATOM   911  C  CH2 . TRP A 1 116 ? -4.371  -3.825  -10.517 1.00 41.87 ? 117 TRP A CH2 1 
ATOM   912  N  N   . PRO A 1 117 ? -9.795  -4.316  -5.670  1.00 30.44 ? 118 PRO A N   1 
ATOM   913  C  CA  . PRO A 1 117 ? -10.814 -5.027  -4.878  1.00 35.01 ? 118 PRO A CA  1 
ATOM   914  C  C   . PRO A 1 117 ? -10.354 -5.435  -3.493  1.00 32.70 ? 118 PRO A C   1 
ATOM   915  O  O   . PRO A 1 117 ? -11.162 -5.408  -2.557  1.00 35.43 ? 118 PRO A O   1 
ATOM   916  C  CB  . PRO A 1 117 ? -11.179 -6.231  -5.760  1.00 34.81 ? 118 PRO A CB  1 
ATOM   917  C  CG  . PRO A 1 117 ? -10.020 -6.394  -6.678  1.00 39.51 ? 118 PRO A CG  1 
ATOM   918  C  CD  . PRO A 1 117 ? -9.508  -5.005  -6.939  1.00 39.24 ? 118 PRO A CD  1 
ATOM   919  N  N   . ASP A 1 118 ? -9.080  -5.802  -3.322  1.00 29.03 ? 119 ASP A N   1 
ATOM   920  C  CA  . ASP A 1 118 ? -8.616  -6.202  -1.996  1.00 34.03 ? 119 ASP A CA  1 
ATOM   921  C  C   . ASP A 1 118 ? -8.709  -5.059  -0.995  1.00 29.71 ? 119 ASP A C   1 
ATOM   922  O  O   . ASP A 1 118 ? -8.830  -5.302  0.210   1.00 30.58 ? 119 ASP A O   1 
ATOM   923  C  CB  . ASP A 1 118 ? -7.192  -6.747  -2.061  1.00 29.59 ? 119 ASP A CB  1 
ATOM   924  C  CG  . ASP A 1 118 ? -6.264  -5.847  -2.838  1.00 31.09 ? 119 ASP A CG  1 
ATOM   925  O  OD1 . ASP A 1 118 ? -6.266  -5.946  -4.083  1.00 35.23 ? 119 ASP A OD1 1 
ATOM   926  O  OD2 . ASP A 1 118 ? -5.536  -5.050  -2.208  1.00 28.15 ? 119 ASP A OD2 1 
ATOM   927  N  N   . ASP A 1 119 ? -8.678  -3.813  -1.474  1.00 31.24 ? 120 ASP A N   1 
ATOM   928  C  CA  . ASP A 1 119 ? -8.806  -2.666  -0.581  1.00 29.56 ? 120 ASP A CA  1 
ATOM   929  C  C   . ASP A 1 119 ? -10.089 -2.724  0.239   1.00 32.91 ? 120 ASP A C   1 
ATOM   930  O  O   . ASP A 1 119 ? -10.095 -2.312  1.405   1.00 29.40 ? 120 ASP A O   1 
ATOM   931  C  CB  . ASP A 1 119 ? -8.749  -1.371  -1.389  1.00 29.18 ? 120 ASP A CB  1 
ATOM   932  C  CG  . ASP A 1 119 ? -7.390  -1.139  -2.015  1.00 31.88 ? 120 ASP A CG  1 
ATOM   933  O  OD1 . ASP A 1 119 ? -6.753  -2.118  -2.451  1.00 36.76 ? 120 ASP A OD1 1 
ATOM   934  O  OD2 . ASP A 1 119 ? -6.952  0.022   -2.060  1.00 35.95 ? 120 ASP A OD2 1 
ATOM   935  N  N   . SER A 1 120 ? -11.181 -3.230  -0.343  1.00 31.83 ? 121 SER A N   1 
ATOM   936  C  CA  . SER A 1 120 ? -12.431 -3.351  0.403   1.00 29.87 ? 121 SER A CA  1 
ATOM   937  C  C   . SER A 1 120 ? -12.285 -4.231  1.636   1.00 31.06 ? 121 SER A C   1 
ATOM   938  O  O   . SER A 1 120 ? -13.118 -4.143  2.547   1.00 33.47 ? 121 SER A O   1 
ATOM   939  C  CB  . SER A 1 120 ? -13.548 -3.897  -0.492  1.00 30.96 ? 121 SER A CB  1 
ATOM   940  O  OG  . SER A 1 120 ? -14.029 -2.893  -1.370  1.00 32.88 ? 121 SER A OG  1 
ATOM   941  N  N   . TYR A 1 121 ? -11.240 -5.058  1.692   1.00 28.73 ? 122 TYR A N   1 
ATOM   942  C  CA  . TYR A 1 121 ? -11.025 -5.987  2.800   1.00 33.62 ? 122 TYR A CA  1 
ATOM   943  C  C   . TYR A 1 121 ? -10.128 -5.395  3.886   1.00 32.16 ? 122 TYR A C   1 
ATOM   944  O  O   . TYR A 1 121 ? -10.540 -5.278  5.042   1.00 30.80 ? 122 TYR A O   1 
ATOM   945  C  CB  . TYR A 1 121 ? -10.424 -7.296  2.275   1.00 33.12 ? 122 TYR A CB  1 
ATOM   946  C  CG  . TYR A 1 121 ? -11.312 -8.029  1.295   1.00 32.00 ? 122 TYR A CG  1 
ATOM   947  C  CD1 . TYR A 1 121 ? -11.422 -7.603  -0.021  1.00 34.58 ? 122 TYR A CD1 1 
ATOM   948  C  CD2 . TYR A 1 121 ? -12.025 -9.152  1.684   1.00 32.39 ? 122 TYR A CD2 1 
ATOM   949  C  CE1 . TYR A 1 121 ? -12.228 -8.269  -0.921  1.00 33.35 ? 122 TYR A CE1 1 
ATOM   950  C  CE2 . TYR A 1 121 ? -12.832 -9.828  0.789   1.00 37.34 ? 122 TYR A CE2 1 
ATOM   951  C  CZ  . TYR A 1 121 ? -12.928 -9.378  -0.515  1.00 37.33 ? 122 TYR A CZ  1 
ATOM   952  O  OH  . TYR A 1 121 ? -13.730 -10.038 -1.420  1.00 44.75 ? 122 TYR A OH  1 
ATOM   953  N  N   . TRP A 1 122 ? -8.894  -5.025  3.532   1.00 34.14 ? 123 TRP A N   1 
ATOM   954  C  CA  . TRP A 1 122 ? -7.914  -4.617  4.533   1.00 31.56 ? 123 TRP A CA  1 
ATOM   955  C  C   . TRP A 1 122 ? -7.931  -3.125  4.828   1.00 31.71 ? 123 TRP A C   1 
ATOM   956  O  O   . TRP A 1 122 ? -7.525  -2.716  5.924   1.00 29.74 ? 123 TRP A O   1 
ATOM   957  C  CB  . TRP A 1 122 ? -6.500  -5.034  4.109   1.00 27.06 ? 123 TRP A CB  1 
ATOM   958  C  CG  . TRP A 1 122 ? -6.070  -4.478  2.799   1.00 27.31 ? 123 TRP A CG  1 
ATOM   959  C  CD1 . TRP A 1 122 ? -6.144  -5.092  1.584   1.00 32.32 ? 123 TRP A CD1 1 
ATOM   960  C  CD2 . TRP A 1 122 ? -5.492  -3.187  2.561   1.00 31.40 ? 123 TRP A CD2 1 
ATOM   961  N  NE1 . TRP A 1 122 ? -5.647  -4.268  0.601   1.00 27.51 ? 123 TRP A NE1 1 
ATOM   962  C  CE2 . TRP A 1 122 ? -5.239  -3.093  1.176   1.00 29.85 ? 123 TRP A CE2 1 
ATOM   963  C  CE3 . TRP A 1 122 ? -5.157  -2.104  3.384   1.00 31.58 ? 123 TRP A CE3 1 
ATOM   964  C  CZ2 . TRP A 1 122 ? -4.678  -1.956  0.598   1.00 31.86 ? 123 TRP A CZ2 1 
ATOM   965  C  CZ3 . TRP A 1 122 ? -4.593  -0.979  2.808   1.00 29.77 ? 123 TRP A CZ3 1 
ATOM   966  C  CH2 . TRP A 1 122 ? -4.362  -0.911  1.429   1.00 35.30 ? 123 TRP A CH2 1 
ATOM   967  N  N   . PHE A 1 123 ? -8.367  -2.301  3.875   1.00 30.75 ? 124 PHE A N   1 
ATOM   968  C  CA  . PHE A 1 123 ? -8.402  -0.861  4.120   1.00 29.90 ? 124 PHE A CA  1 
ATOM   969  C  C   . PHE A 1 123 ? -9.319  -0.469  5.274   1.00 32.46 ? 124 PHE A C   1 
ATOM   970  O  O   . PHE A 1 123 ? -8.918  0.401   6.068   1.00 35.28 ? 124 PHE A O   1 
ATOM   971  C  CB  . PHE A 1 123 ? -8.690  -0.088  2.824   1.00 35.13 ? 124 PHE A CB  1 
ATOM   972  C  CG  . PHE A 1 123 ? -8.310  1.368   2.882   1.00 41.13 ? 124 PHE A CG  1 
ATOM   973  C  CD1 . PHE A 1 123 ? -7.160  1.775   3.543   1.00 38.48 ? 124 PHE A CD1 1 
ATOM   974  C  CD2 . PHE A 1 123 ? -9.092  2.330   2.260   1.00 43.96 ? 124 PHE A CD2 1 
ATOM   975  C  CE1 . PHE A 1 123 ? -6.809  3.114   3.596   1.00 40.92 ? 124 PHE A CE1 1 
ATOM   976  C  CE2 . PHE A 1 123 ? -8.743  3.675   2.307   1.00 40.02 ? 124 PHE A CE2 1 
ATOM   977  C  CZ  . PHE A 1 123 ? -7.602  4.067   2.976   1.00 40.20 ? 124 PHE A CZ  1 
ATOM   978  N  N   . PRO A 1 124 ? -10.523 -1.041  5.438   1.00 32.81 ? 125 PRO A N   1 
ATOM   979  C  CA  . PRO A 1 124 ? -11.303 -0.733  6.652   1.00 33.43 ? 125 PRO A CA  1 
ATOM   980  C  C   . PRO A 1 124 ? -10.593 -1.085  7.951   1.00 33.55 ? 125 PRO A C   1 
ATOM   981  O  O   . PRO A 1 124 ? -10.758 -0.371  8.949   1.00 33.94 ? 125 PRO A O   1 
ATOM   982  C  CB  . PRO A 1 124 ? -12.587 -1.550  6.459   1.00 31.84 ? 125 PRO A CB  1 
ATOM   983  C  CG  . PRO A 1 124 ? -12.744 -1.633  4.990   1.00 29.92 ? 125 PRO A CG  1 
ATOM   984  C  CD  . PRO A 1 124 ? -11.341 -1.764  4.448   1.00 33.41 ? 125 PRO A CD  1 
ATOM   985  N  N   . LEU A 1 125 ? -9.818  -2.174  7.975   1.00 29.49 ? 126 LEU A N   1 
ATOM   986  C  CA  . LEU A 1 125 ? -9.059  -2.505  9.179   1.00 32.45 ? 126 LEU A CA  1 
ATOM   987  C  C   . LEU A 1 125 ? -7.997  -1.449  9.462   1.00 36.74 ? 126 LEU A C   1 
ATOM   988  O  O   . LEU A 1 125 ? -7.835  -1.017  10.610  1.00 35.65 ? 126 LEU A O   1 
ATOM   989  C  CB  . LEU A 1 125 ? -8.418  -3.888  9.050   1.00 32.47 ? 126 LEU A CB  1 
ATOM   990  C  CG  . LEU A 1 125 ? -9.346  -5.067  8.749   1.00 35.37 ? 126 LEU A CG  1 
ATOM   991  C  CD1 . LEU A 1 125 ? -8.582  -6.376  8.804   1.00 34.55 ? 126 LEU A CD1 1 
ATOM   992  C  CD2 . LEU A 1 125 ? -10.527 -5.089  9.706   1.00 38.99 ? 126 LEU A CD2 1 
ATOM   993  N  N   . LEU A 1 126 ? -7.268  -1.023  8.428   1.00 31.61 ? 127 LEU A N   1 
ATOM   994  C  CA  . LEU A 1 126 ? -6.285  0.041   8.597   1.00 34.22 ? 127 LEU A CA  1 
ATOM   995  C  C   . LEU A 1 126 ? -6.951  1.326   9.074   1.00 35.13 ? 127 LEU A C   1 
ATOM   996  O  O   . LEU A 1 126 ? -6.390  2.057   9.897   1.00 35.73 ? 127 LEU A O   1 
ATOM   997  C  CB  . LEU A 1 126 ? -5.535  0.268   7.282   1.00 33.98 ? 127 LEU A CB  1 
ATOM   998  C  CG  . LEU A 1 126 ? -4.357  1.255   7.252   1.00 39.53 ? 127 LEU A CG  1 
ATOM   999  C  CD1 . LEU A 1 126 ? -3.349  0.863   6.181   1.00 30.95 ? 127 LEU A CD1 1 
ATOM   1000 C  CD2 . LEU A 1 126 ? -4.826  2.690   7.020   1.00 37.03 ? 127 LEU A CD2 1 
ATOM   1001 N  N   . LEU A 1 127 ? -8.150  1.618   8.565   1.00 37.89 ? 128 LEU A N   1 
ATOM   1002 C  CA  . LEU A 1 127 ? -8.849  2.831   8.978   1.00 36.48 ? 128 LEU A CA  1 
ATOM   1003 C  C   . LEU A 1 127 ? -9.229  2.789   10.451  1.00 39.25 ? 128 LEU A C   1 
ATOM   1004 O  O   . LEU A 1 127 ? -9.242  3.831   11.115  1.00 41.09 ? 128 LEU A O   1 
ATOM   1005 C  CB  . LEU A 1 127 ? -10.089 3.049   8.115   1.00 35.33 ? 128 LEU A CB  1 
ATOM   1006 C  CG  . LEU A 1 127 ? -9.826  3.433   6.660   1.00 39.35 ? 128 LEU A CG  1 
ATOM   1007 C  CD1 . LEU A 1 127 ? -11.120 3.842   5.987   1.00 37.86 ? 128 LEU A CD1 1 
ATOM   1008 C  CD2 . LEU A 1 127 ? -8.798  4.555   6.583   1.00 43.74 ? 128 LEU A CD2 1 
ATOM   1009 N  N   . GLN A 1 128 ? -9.536  1.607   10.983  1.00 36.13 ? 129 GLN A N   1 
ATOM   1010 C  CA  . GLN A 1 128 ? -9.867  1.462   12.392  1.00 36.71 ? 129 GLN A CA  1 
ATOM   1011 C  C   . GLN A 1 128 ? -8.649  1.177   13.264  1.00 37.47 ? 129 GLN A C   1 
ATOM   1012 O  O   . GLN A 1 128 ? -8.811  0.713   14.398  1.00 39.83 ? 129 GLN A O   1 
ATOM   1013 C  CB  . GLN A 1 128 ? -10.939 0.391   12.591  1.00 40.57 ? 129 GLN A CB  1 
ATOM   1014 C  CG  . GLN A 1 128 ? -12.324 0.822   12.138  1.00 44.30 ? 129 GLN A CG  1 
ATOM   1015 C  CD  . GLN A 1 128 ? -13.353 -0.275  12.301  1.00 51.77 ? 129 GLN A CD  1 
ATOM   1016 O  OE1 . GLN A 1 128 ? -13.554 -0.805  13.399  1.00 58.12 ? 129 GLN A OE1 1 
ATOM   1017 N  NE2 . GLN A 1 128 ? -14.007 -0.633  11.203  1.00 53.89 ? 129 GLN A NE2 1 
ATOM   1018 N  N   . LYS A 1 129 ? -7.441  1.443   12.765  1.00 34.74 ? 130 LYS A N   1 
ATOM   1019 C  CA  . LYS A 1 129 ? -6.202  1.321   13.539  1.00 36.25 ? 130 LYS A CA  1 
ATOM   1020 C  C   . LYS A 1 129 ? -5.908  -0.112  13.985  1.00 37.81 ? 130 LYS A C   1 
ATOM   1021 O  O   . LYS A 1 129 ? -5.169  -0.327  14.953  1.00 35.02 ? 130 LYS A O   1 
ATOM   1022 C  CB  . LYS A 1 129 ? -6.163  2.295   14.726  1.00 35.84 ? 130 LYS A CB  1 
ATOM   1023 C  CG  . LYS A 1 129 ? -6.257  3.756   14.313  1.00 38.41 ? 130 LYS A CG  1 
ATOM   1024 C  CD  . LYS A 1 129 ? -5.155  4.088   13.313  1.00 44.78 ? 130 LYS A CD  1 
ATOM   1025 C  CE  . LYS A 1 129 ? -5.123  5.563   12.964  1.00 45.33 ? 130 LYS A CE  1 
ATOM   1026 N  NZ  . LYS A 1 129 ? -3.906  5.899   12.170  1.00 47.05 ? 130 LYS A NZ  1 
ATOM   1027 N  N   . LYS A 1 130 ? -6.468  -1.102  13.296  1.00 30.74 ? 131 LYS A N   1 
ATOM   1028 C  CA  . LYS A 1 130 ? -6.206  -2.509  13.574  1.00 33.13 ? 131 LYS A CA  1 
ATOM   1029 C  C   . LYS A 1 130 ? -5.104  -2.999  12.642  1.00 37.82 ? 131 LYS A C   1 
ATOM   1030 O  O   . LYS A 1 130 ? -5.178  -2.789  11.426  1.00 39.64 ? 131 LYS A O   1 
ATOM   1031 C  CB  . LYS A 1 130 ? -7.467  -3.340  13.332  1.00 37.44 ? 131 LYS A CB  1 
ATOM   1032 C  CG  . LYS A 1 130 ? -8.767  -2.690  13.809  1.00 39.72 ? 131 LYS A CG  1 
ATOM   1033 C  CD  . LYS A 1 130 ? -8.750  -2.445  15.313  1.00 40.96 ? 131 LYS A CD  1 
ATOM   1034 C  CE  . LYS A 1 130 ? -10.074 -1.869  15.804  1.00 49.10 ? 131 LYS A CE  1 
ATOM   1035 N  NZ  . LYS A 1 130 ? -10.050 -1.563  17.268  1.00 46.22 ? 131 LYS A NZ  1 
ATOM   1036 N  N   . LYS A 1 131 ? -4.086  -3.642  13.208  1.00 33.29 ? 132 LYS A N   1 
ATOM   1037 C  CA  . LYS A 1 131 ? -3.038  -4.254  12.404  1.00 33.32 ? 132 LYS A CA  1 
ATOM   1038 C  C   . LYS A 1 131 ? -3.511  -5.606  11.882  1.00 36.71 ? 132 LYS A C   1 
ATOM   1039 O  O   . LYS A 1 131 ? -4.364  -6.259  12.487  1.00 32.48 ? 132 LYS A O   1 
ATOM   1040 C  CB  . LYS A 1 131 ? -1.771  -4.445  13.236  1.00 32.43 ? 132 LYS A CB  1 
ATOM   1041 C  CG  . LYS A 1 131 ? -1.231  -3.161  13.859  1.00 33.17 ? 132 LYS A CG  1 
ATOM   1042 C  CD  . LYS A 1 131 ? 0.011   -3.437  14.696  1.00 33.15 ? 132 LYS A CD  1 
ATOM   1043 C  CE  . LYS A 1 131 ? 0.479   -2.185  15.427  1.00 33.86 ? 132 LYS A CE  1 
ATOM   1044 N  NZ  . LYS A 1 131 ? 1.579   -2.479  16.393  1.00 35.08 ? 132 LYS A NZ  1 
ATOM   1045 N  N   . PHE A 1 132 ? -2.944  -6.035  10.754  1.00 33.12 ? 133 PHE A N   1 
ATOM   1046 C  CA  . PHE A 1 132 ? -3.490  -7.199  10.069  1.00 29.20 ? 133 PHE A CA  1 
ATOM   1047 C  C   . PHE A 1 132 ? -2.405  -7.955  9.316   1.00 32.79 ? 133 PHE A C   1 
ATOM   1048 O  O   . PHE A 1 132 ? -1.380  -7.394  8.922   1.00 29.34 ? 133 PHE A O   1 
ATOM   1049 C  CB  . PHE A 1 132 ? -4.585  -6.791  9.083   1.00 28.04 ? 133 PHE A CB  1 
ATOM   1050 C  CG  . PHE A 1 132 ? -4.140  -5.774  8.072   1.00 30.39 ? 133 PHE A CG  1 
ATOM   1051 C  CD1 . PHE A 1 132 ? -4.252  -4.417  8.337   1.00 32.73 ? 133 PHE A CD1 1 
ATOM   1052 C  CD2 . PHE A 1 132 ? -3.599  -6.173  6.863   1.00 24.97 ? 133 PHE A CD2 1 
ATOM   1053 C  CE1 . PHE A 1 132 ? -3.835  -3.475  7.406   1.00 30.79 ? 133 PHE A CE1 1 
ATOM   1054 C  CE2 . PHE A 1 132 ? -3.185  -5.240  5.931   1.00 27.79 ? 133 PHE A CE2 1 
ATOM   1055 C  CZ  . PHE A 1 132 ? -3.305  -3.886  6.205   1.00 31.14 ? 133 PHE A CZ  1 
ATOM   1056 N  N   . HIS A 1 133 ? -2.659  -9.250  9.123   1.00 32.16 ? 134 HIS A N   1 
ATOM   1057 C  CA  . HIS A 1 133 ? -1.944  -10.083 8.164   1.00 28.01 ? 134 HIS A CA  1 
ATOM   1058 C  C   . HIS A 1 133 ? -2.968  -10.569 7.152   1.00 34.75 ? 134 HIS A C   1 
ATOM   1059 O  O   . HIS A 1 133 ? -4.020  -11.090 7.537   1.00 30.54 ? 134 HIS A O   1 
ATOM   1060 C  CB  . HIS A 1 133 ? -1.315  -11.303 8.843   1.00 29.00 ? 134 HIS A CB  1 
ATOM   1061 C  CG  . HIS A 1 133 ? -0.111  -10.984 9.672   1.00 40.05 ? 134 HIS A CG  1 
ATOM   1062 N  ND1 . HIS A 1 133 ? 0.413   -11.866 10.594  1.00 42.12 ? 134 HIS A ND1 1 
ATOM   1063 C  CD2 . HIS A 1 133 ? 0.675   -9.882  9.716   1.00 35.05 ? 134 HIS A CD2 1 
ATOM   1064 C  CE1 . HIS A 1 133 ? 1.470   -11.321 11.170  1.00 43.04 ? 134 HIS A CE1 1 
ATOM   1065 N  NE2 . HIS A 1 133 ? 1.651   -10.116 10.656  1.00 39.56 ? 134 HIS A NE2 1 
ATOM   1066 N  N   . GLY A 1 134 ? -2.667  -10.398 5.871   1.00 24.28 ? 135 GLY A N   1 
ATOM   1067 C  CA  . GLY A 1 134 ? -3.612  -10.727 4.827   1.00 29.63 ? 135 GLY A CA  1 
ATOM   1068 C  C   . GLY A 1 134 ? -2.972  -11.512 3.694   1.00 31.91 ? 135 GLY A C   1 
ATOM   1069 O  O   . GLY A 1 134 ? -1.792  -11.354 3.388   1.00 31.58 ? 135 GLY A O   1 
ATOM   1070 N  N   . TYR A 1 135 ? -3.790  -12.358 3.078   1.00 31.32 ? 136 TYR A N   1 
ATOM   1071 C  CA  . TYR A 1 135 ? -3.392  -13.153 1.925   1.00 25.46 ? 136 TYR A CA  1 
ATOM   1072 C  C   . TYR A 1 135 ? -4.546  -13.140 0.938   1.00 28.88 ? 136 TYR A C   1 
ATOM   1073 O  O   . TYR A 1 135 ? -5.700  -13.328 1.333   1.00 27.83 ? 136 TYR A O   1 
ATOM   1074 C  CB  . TYR A 1 135 ? -3.089  -14.598 2.344   1.00 28.52 ? 136 TYR A CB  1 
ATOM   1075 C  CG  . TYR A 1 135 ? -3.014  -15.568 1.186   1.00 34.01 ? 136 TYR A CG  1 
ATOM   1076 C  CD1 . TYR A 1 135 ? -1.851  -15.691 0.430   1.00 32.10 ? 136 TYR A CD1 1 
ATOM   1077 C  CD2 . TYR A 1 135 ? -4.106  -16.359 0.843   1.00 29.20 ? 136 TYR A CD2 1 
ATOM   1078 C  CE1 . TYR A 1 135 ? -1.777  -16.576 -0.635  1.00 30.50 ? 136 TYR A CE1 1 
ATOM   1079 C  CE2 . TYR A 1 135 ? -4.042  -17.241 -0.222  1.00 31.29 ? 136 TYR A CE2 1 
ATOM   1080 C  CZ  . TYR A 1 135 ? -2.877  -17.344 -0.956  1.00 31.46 ? 136 TYR A CZ  1 
ATOM   1081 O  OH  . TYR A 1 135 ? -2.811  -18.221 -2.012  1.00 37.71 ? 136 TYR A OH  1 
ATOM   1082 N  N   . PHE A 1 136 ? -4.241  -12.917 -0.338  1.00 26.06 ? 137 PHE A N   1 
ATOM   1083 C  CA  . PHE A 1 136 ? -5.252  -12.889 -1.384  1.00 25.90 ? 137 PHE A CA  1 
ATOM   1084 C  C   . PHE A 1 136 ? -4.736  -13.677 -2.576  1.00 31.60 ? 137 PHE A C   1 
ATOM   1085 O  O   . PHE A 1 136 ? -3.623  -13.432 -3.049  1.00 29.03 ? 137 PHE A O   1 
ATOM   1086 C  CB  . PHE A 1 136 ? -5.550  -11.454 -1.826  1.00 28.15 ? 137 PHE A CB  1 
ATOM   1087 C  CG  . PHE A 1 136 ? -6.118  -10.585 -0.742  1.00 28.46 ? 137 PHE A CG  1 
ATOM   1088 C  CD1 . PHE A 1 136 ? -5.288  -10.003 0.204   1.00 28.07 ? 137 PHE A CD1 1 
ATOM   1089 C  CD2 . PHE A 1 136 ? -7.479  -10.329 -0.681  1.00 25.25 ? 137 PHE A CD2 1 
ATOM   1090 C  CE1 . PHE A 1 136 ? -5.804  -9.196  1.198   1.00 25.71 ? 137 PHE A CE1 1 
ATOM   1091 C  CE2 . PHE A 1 136 ? -8.002  -9.516  0.312   1.00 26.95 ? 137 PHE A CE2 1 
ATOM   1092 C  CZ  . PHE A 1 136 ? -7.160  -8.949  1.252   1.00 28.79 ? 137 PHE A CZ  1 
ATOM   1093 N  N   . LYS A 1 137 ? -5.533  -14.625 -3.050  1.00 29.51 ? 138 LYS A N   1 
ATOM   1094 C  CA  . LYS A 1 137 ? -5.220  -15.350 -4.275  1.00 31.32 ? 138 LYS A CA  1 
ATOM   1095 C  C   . LYS A 1 137 ? -6.073  -14.794 -5.410  1.00 33.51 ? 138 LYS A C   1 
ATOM   1096 O  O   . LYS A 1 137 ? -7.303  -14.765 -5.310  1.00 33.63 ? 138 LYS A O   1 
ATOM   1097 C  CB  . LYS A 1 137 ? -5.446  -16.851 -4.115  1.00 31.57 ? 138 LYS A CB  1 
ATOM   1098 C  CG  . LYS A 1 137 ? -5.223  -17.612 -5.415  1.00 34.91 ? 138 LYS A CG  1 
ATOM   1099 C  CD  . LYS A 1 137 ? -4.616  -18.978 -5.176  1.00 42.52 ? 138 LYS A CD  1 
ATOM   1100 C  CE  . LYS A 1 137 ? -5.595  -19.882 -4.483  1.00 39.25 ? 138 LYS A CE  1 
ATOM   1101 N  NZ  . LYS A 1 137 ? -5.081  -21.274 -4.331  1.00 49.14 ? 138 LYS A NZ  1 
ATOM   1102 N  N   . PHE A 1 138 ? -5.416  -14.360 -6.482  1.00 33.70 ? 139 PHE A N   1 
ATOM   1103 C  CA  . PHE A 1 138 ? -6.061  -13.716 -7.616  1.00 32.88 ? 139 PHE A CA  1 
ATOM   1104 C  C   . PHE A 1 138 ? -5.953  -14.585 -8.861  1.00 36.56 ? 139 PHE A C   1 
ATOM   1105 O  O   . PHE A 1 138 ? -5.108  -15.480 -8.960  1.00 33.64 ? 139 PHE A O   1 
ATOM   1106 C  CB  . PHE A 1 138 ? -5.370  -12.390 -7.946  1.00 35.10 ? 139 PHE A CB  1 
ATOM   1107 C  CG  . PHE A 1 138 ? -5.585  -11.306 -6.932  1.00 39.04 ? 139 PHE A CG  1 
ATOM   1108 C  CD1 . PHE A 1 138 ? -6.653  -10.431 -7.051  1.00 41.43 ? 139 PHE A CD1 1 
ATOM   1109 C  CD2 . PHE A 1 138 ? -4.702  -11.136 -5.881  1.00 35.82 ? 139 PHE A CD2 1 
ATOM   1110 C  CE1 . PHE A 1 138 ? -6.844  -9.413  -6.127  1.00 41.29 ? 139 PHE A CE1 1 
ATOM   1111 C  CE2 . PHE A 1 138 ? -4.888  -10.123 -4.958  1.00 37.69 ? 139 PHE A CE2 1 
ATOM   1112 C  CZ  . PHE A 1 138 ? -5.963  -9.263  -5.079  1.00 35.52 ? 139 PHE A CZ  1 
ATOM   1113 N  N   . GLN A 1 139 ? -6.820  -14.287 -9.827  1.00 35.36 ? 140 GLN A N   1 
ATOM   1114 C  CA  . GLN A 1 139 ? -6.643  -14.698 -11.210 1.00 35.59 ? 140 GLN A CA  1 
ATOM   1115 C  C   . GLN A 1 139 ? -6.885  -13.483 -12.092 1.00 37.92 ? 140 GLN A C   1 
ATOM   1116 O  O   . GLN A 1 139 ? -7.722  -12.633 -11.773 1.00 39.66 ? 140 GLN A O   1 
ATOM   1117 C  CB  . GLN A 1 139 ? -7.593  -15.839 -11.604 1.00 37.81 ? 140 GLN A CB  1 
ATOM   1118 C  CG  . GLN A 1 139 ? -9.035  -15.425 -11.811 1.00 35.38 ? 140 GLN A CG  1 
ATOM   1119 C  CD  . GLN A 1 139 ? -9.873  -16.555 -12.371 1.00 43.49 ? 140 GLN A CD  1 
ATOM   1120 O  OE1 . GLN A 1 139 ? -9.416  -17.697 -12.448 1.00 43.82 ? 140 GLN A OE1 1 
ATOM   1121 N  NE2 . GLN A 1 139 ? -11.104 -16.244 -12.774 1.00 35.97 ? 140 GLN A NE2 1 
ATOM   1122 N  N   . GLY A 1 140 ? -6.138  -13.389 -13.190 1.00 37.89 ? 141 GLY A N   1 
ATOM   1123 C  CA  . GLY A 1 140 ? -6.252  -12.205 -14.018 1.00 39.84 ? 141 GLY A CA  1 
ATOM   1124 C  C   . GLY A 1 140 ? -5.661  -10.983 -13.333 1.00 40.53 ? 141 GLY A C   1 
ATOM   1125 O  O   . GLY A 1 140 ? -4.716  -11.067 -12.542 1.00 43.63 ? 141 GLY A O   1 
ATOM   1126 N  N   . GLN A 1 141 ? -6.244  -9.822  -13.638 1.00 47.78 ? 142 GLN A N   1 
ATOM   1127 C  CA  . GLN A 1 141 ? -5.763  -8.574  -13.051 1.00 40.45 ? 142 GLN A CA  1 
ATOM   1128 C  C   . GLN A 1 141 ? -6.091  -8.502  -11.567 1.00 50.30 ? 142 GLN A C   1 
ATOM   1129 O  O   . GLN A 1 141 ? -5.225  -8.193  -10.741 1.00 50.31 ? 142 GLN A O   1 
ATOM   1130 C  CB  . GLN A 1 141 ? -6.383  -7.381  -13.776 1.00 43.63 ? 142 GLN A CB  1 
ATOM   1131 C  CG  . GLN A 1 141 ? -6.009  -7.296  -15.235 1.00 52.00 ? 142 GLN A CG  1 
ATOM   1132 C  CD  . GLN A 1 141 ? -4.513  -7.235  -15.436 1.00 49.07 ? 142 GLN A CD  1 
ATOM   1133 O  OE1 . GLN A 1 141 ? -3.799  -6.577  -14.676 1.00 46.96 ? 142 GLN A OE1 1 
ATOM   1134 N  NE2 . GLN A 1 141 ? -4.024  -7.929  -16.457 1.00 48.05 ? 142 GLN A NE2 1 
ATOM   1135 N  N   . ASP A 1 142 ? -7.346  -8.784  -11.208 1.00 45.49 ? 143 ASP A N   1 
ATOM   1136 C  CA  . ASP A 1 142 ? -7.778  -8.507  -9.842  1.00 43.89 ? 143 ASP A CA  1 
ATOM   1137 C  C   . ASP A 1 142 ? -8.992  -9.328  -9.415  1.00 43.14 ? 143 ASP A C   1 
ATOM   1138 O  O   . ASP A 1 142 ? -9.750  -8.874  -8.549  1.00 42.62 ? 143 ASP A O   1 
ATOM   1139 C  CB  . ASP A 1 142 ? -8.096  -7.014  -9.719  1.00 36.23 ? 143 ASP A CB  1 
ATOM   1140 C  CG  . ASP A 1 142 ? -9.074  -6.545  -10.778 1.00 43.92 ? 143 ASP A CG  1 
ATOM   1141 O  OD1 . ASP A 1 142 ? -9.725  -7.405  -11.415 1.00 42.21 ? 143 ASP A OD1 1 
ATOM   1142 O  OD2 . ASP A 1 142 ? -9.195  -5.319  -10.976 1.00 46.02 ? 143 ASP A OD2 1 
ATOM   1143 N  N   . THR A 1 143 ? -9.218  -10.503 -9.992  1.00 38.84 ? 144 THR A N   1 
ATOM   1144 C  CA  . THR A 1 143 ? -10.351 -11.336 -9.608  1.00 38.24 ? 144 THR A CA  1 
ATOM   1145 C  C   . THR A 1 143 ? -9.934  -12.211 -8.432  1.00 36.83 ? 144 THR A C   1 
ATOM   1146 O  O   . THR A 1 143 ? -9.161  -13.160 -8.595  1.00 33.93 ? 144 THR A O   1 
ATOM   1147 C  CB  . THR A 1 143 ? -10.827 -12.174 -10.788 1.00 35.01 ? 144 THR A CB  1 
ATOM   1148 O  OG1 . THR A 1 143 ? -11.230 -11.303 -11.852 1.00 38.79 ? 144 THR A OG1 1 
ATOM   1149 C  CG2 . THR A 1 143 ? -12.005 -13.049 -10.369 1.00 38.37 ? 144 THR A CG2 1 
ATOM   1150 N  N   . ILE A 1 144 ? -10.449 -11.889 -7.249  1.00 33.68 ? 145 ILE A N   1 
ATOM   1151 C  CA  . ILE A 1 144 ? -10.122 -12.631 -6.038  1.00 32.20 ? 145 ILE A CA  1 
ATOM   1152 C  C   . ILE A 1 144 ? -10.717 -14.032 -6.125  1.00 36.64 ? 145 ILE A C   1 
ATOM   1153 O  O   . ILE A 1 144 ? -11.924 -14.199 -6.335  1.00 41.41 ? 145 ILE A O   1 
ATOM   1154 C  CB  . ILE A 1 144 ? -10.626 -11.882 -4.797  1.00 35.17 ? 145 ILE A CB  1 
ATOM   1155 C  CG1 . ILE A 1 144 ? -9.793  -10.617 -4.581  1.00 31.99 ? 145 ILE A CG1 1 
ATOM   1156 C  CG2 . ILE A 1 144 ? -10.623 -12.794 -3.570  1.00 31.20 ? 145 ILE A CG2 1 
ATOM   1157 C  CD1 . ILE A 1 144 ? -10.372 -9.667  -3.563  1.00 33.12 ? 145 ILE A CD1 1 
ATOM   1158 N  N   . LEU A 1 145 ? -9.865  -15.048 -5.979  1.00 30.97 ? 146 LEU A N   1 
ATOM   1159 C  CA  . LEU A 1 145 ? -10.334 -16.423 -5.855  1.00 35.46 ? 146 LEU A CA  1 
ATOM   1160 C  C   . LEU A 1 145 ? -10.583 -16.797 -4.405  1.00 34.16 ? 146 LEU A C   1 
ATOM   1161 O  O   . LEU A 1 145 ? -11.593 -17.433 -4.092  1.00 38.13 ? 146 LEU A O   1 
ATOM   1162 C  CB  . LEU A 1 145 ? -9.316  -17.398 -6.454  1.00 32.50 ? 146 LEU A CB  1 
ATOM   1163 C  CG  . LEU A 1 145 ? -9.103  -17.360 -7.968  1.00 37.51 ? 146 LEU A CG  1 
ATOM   1164 C  CD1 . LEU A 1 145 ? -8.289  -18.562 -8.414  1.00 39.48 ? 146 LEU A CD1 1 
ATOM   1165 C  CD2 . LEU A 1 145 ? -10.441 -17.319 -8.688  1.00 37.20 ? 146 LEU A CD2 1 
ATOM   1166 N  N   . ASP A 1 146 ? -9.677  -16.413 -3.513  1.00 29.85 ? 147 ASP A N   1 
ATOM   1167 C  CA  . ASP A 1 146 ? -9.827  -16.690 -2.091  1.00 30.96 ? 147 ASP A CA  1 
ATOM   1168 C  C   . ASP A 1 146 ? -8.983  -15.679 -1.327  1.00 31.21 ? 147 ASP A C   1 
ATOM   1169 O  O   . ASP A 1 146 ? -8.134  -14.991 -1.900  1.00 28.53 ? 147 ASP A O   1 
ATOM   1170 C  CB  . ASP A 1 146 ? -9.422  -18.127 -1.759  1.00 31.08 ? 147 ASP A CB  1 
ATOM   1171 C  CG  . ASP A 1 146 ? -9.835  -18.537 -0.358  1.00 42.32 ? 147 ASP A CG  1 
ATOM   1172 O  OD1 . ASP A 1 146 ? -10.846 -17.994 0.143   1.00 40.82 ? 147 ASP A OD1 1 
ATOM   1173 O  OD2 . ASP A 1 146 ? -9.153  -19.393 0.247   1.00 43.36 ? 147 ASP A OD2 1 
ATOM   1174 N  N   . TYR A 1 147 ? -9.238  -15.589 -0.021  1.00 31.20 ? 148 TYR A N   1 
ATOM   1175 C  CA  . TYR A 1 147 ? -8.514  -14.663 0.839   1.00 30.41 ? 148 TYR A CA  1 
ATOM   1176 C  C   . TYR A 1 147 ? -8.631  -15.139 2.278   1.00 32.90 ? 148 TYR A C   1 
ATOM   1177 O  O   . TYR A 1 147 ? -9.587  -15.830 2.642   1.00 29.90 ? 148 TYR A O   1 
ATOM   1178 C  CB  . TYR A 1 147 ? -9.089  -13.241 0.741   1.00 26.45 ? 148 TYR A CB  1 
ATOM   1179 C  CG  . TYR A 1 147 ? -10.342 -13.041 1.569   1.00 32.83 ? 148 TYR A CG  1 
ATOM   1180 C  CD1 . TYR A 1 147 ? -11.584 -13.447 1.096   1.00 33.35 ? 148 TYR A CD1 1 
ATOM   1181 C  CD2 . TYR A 1 147 ? -10.285 -12.453 2.830   1.00 31.56 ? 148 TYR A CD2 1 
ATOM   1182 C  CE1 . TYR A 1 147 ? -12.733 -13.275 1.854   1.00 35.06 ? 148 TYR A CE1 1 
ATOM   1183 C  CE2 . TYR A 1 147 ? -11.425 -12.276 3.591   1.00 34.90 ? 148 TYR A CE2 1 
ATOM   1184 C  CZ  . TYR A 1 147 ? -12.647 -12.688 3.100   1.00 37.48 ? 148 TYR A CZ  1 
ATOM   1185 O  OH  . TYR A 1 147 ? -13.785 -12.515 3.855   1.00 37.94 ? 148 TYR A OH  1 
ATOM   1186 N  N   . THR A 1 148 ? -7.649  -14.764 3.091   1.00 30.80 ? 149 THR A N   1 
ATOM   1187 C  CA  . THR A 1 148 ? -7.803  -14.833 4.538   1.00 32.36 ? 149 THR A CA  1 
ATOM   1188 C  C   . THR A 1 148 ? -7.157  -13.611 5.173   1.00 34.18 ? 149 THR A C   1 
ATOM   1189 O  O   . THR A 1 148 ? -6.063  -13.188 4.779   1.00 29.39 ? 149 THR A O   1 
ATOM   1190 C  CB  . THR A 1 148 ? -7.318  -16.160 5.167   1.00 41.22 ? 149 THR A CB  1 
ATOM   1191 O  OG1 . THR A 1 148 ? -6.494  -15.884 6.307   1.00 42.31 ? 149 THR A OG1 1 
ATOM   1192 C  CG2 . THR A 1 148 ? -6.568  -17.029 4.167   1.00 32.29 ? 149 THR A CG2 1 
ATOM   1193 N  N   . LEU A 1 149 ? -7.858  -13.028 6.141   1.00 31.38 ? 150 LEU A N   1 
ATOM   1194 C  CA  . LEU A 1 149 ? -7.471  -11.747 6.712   1.00 34.16 ? 150 LEU A CA  1 
ATOM   1195 C  C   . LEU A 1 149 ? -7.615  -11.847 8.220   1.00 38.12 ? 150 LEU A C   1 
ATOM   1196 O  O   . LEU A 1 149 ? -8.707  -12.135 8.717   1.00 34.76 ? 150 LEU A O   1 
ATOM   1197 C  CB  . LEU A 1 149 ? -8.379  -10.648 6.158   1.00 37.38 ? 150 LEU A CB  1 
ATOM   1198 C  CG  . LEU A 1 149 ? -7.965  -9.190  6.328   1.00 39.10 ? 150 LEU A CG  1 
ATOM   1199 C  CD1 . LEU A 1 149 ? -6.482  -9.004  6.061   1.00 32.48 ? 150 LEU A CD1 1 
ATOM   1200 C  CD2 . LEU A 1 149 ? -8.773  -8.353  5.367   1.00 35.91 ? 150 LEU A CD2 1 
ATOM   1201 N  N   . ARG A 1 150 ? -6.516  -11.623 8.939   1.00 31.80 ? 151 ARG A N   1 
ATOM   1202 C  CA  . ARG A 1 150 ? -6.477  -11.732 10.391  1.00 33.91 ? 151 ARG A CA  1 
ATOM   1203 C  C   . ARG A 1 150 ? -6.031  -10.408 10.988  1.00 37.32 ? 151 ARG A C   1 
ATOM   1204 O  O   . ARG A 1 150 ? -5.100  -9.776  10.482  1.00 32.87 ? 151 ARG A O   1 
ATOM   1205 C  CB  . ARG A 1 150 ? -5.466  -12.793 10.835  1.00 34.67 ? 151 ARG A CB  1 
ATOM   1206 C  CG  . ARG A 1 150 ? -5.773  -14.213 10.402  1.00 43.96 ? 151 ARG A CG  1 
ATOM   1207 C  CD  . ARG A 1 150 ? -4.681  -15.161 10.887  1.00 41.83 ? 151 ARG A CD  1 
ATOM   1208 N  NE  . ARG A 1 150 ? -4.928  -16.540 10.479  1.00 53.63 ? 151 ARG A NE  1 
ATOM   1209 N  N   . GLU A 1 151 ? -6.692  -9.995  12.068  1.00 35.17 ? 152 GLU A N   1 
ATOM   1210 C  CA  . GLU A 1 151 ? -6.181  -8.902  12.881  1.00 31.22 ? 152 GLU A CA  1 
ATOM   1211 C  C   . GLU A 1 151 ? -5.050  -9.427  13.752  1.00 38.62 ? 152 GLU A C   1 
ATOM   1212 O  O   . GLU A 1 151 ? -5.098  -10.560 14.240  1.00 32.85 ? 152 GLU A O   1 
ATOM   1213 C  CB  . GLU A 1 151 ? -7.284  -8.328  13.772  1.00 36.97 ? 152 GLU A CB  1 
ATOM   1214 C  CG  . GLU A 1 151 ? -6.771  -7.326  14.805  1.00 40.09 ? 152 GLU A CG  1 
ATOM   1215 C  CD  . GLU A 1 151 ? -7.878  -6.572  15.525  1.00 47.77 ? 152 GLU A CD  1 
ATOM   1216 O  OE1 . GLU A 1 151 ? -9.062  -6.923  15.343  1.00 53.58 ? 152 GLU A OE1 1 
ATOM   1217 O  OE2 . GLU A 1 151 ? -7.558  -5.618  16.268  1.00 46.24 ? 152 GLU A OE2 1 
ATOM   1218 N  N   . VAL A 1 152 ? -4.014  -8.611  13.929  1.00 37.92 ? 153 VAL A N   1 
ATOM   1219 C  CA  . VAL A 1 152 ? -2.872  -9.006  14.739  1.00 33.40 ? 153 VAL A CA  1 
ATOM   1220 C  C   . VAL A 1 152 ? -2.602  -7.951  15.798  1.00 38.11 ? 153 VAL A C   1 
ATOM   1221 O  O   . VAL A 1 152 ? -2.973  -6.781  15.656  1.00 38.07 ? 153 VAL A O   1 
ATOM   1222 C  CB  . VAL A 1 152 ? -1.602  -9.297  13.903  1.00 35.38 ? 153 VAL A CB  1 
ATOM   1223 C  CG1 . VAL A 1 152 ? -1.803  -10.534 13.035  1.00 34.19 ? 153 VAL A CG1 1 
ATOM   1224 C  CG2 . VAL A 1 152 ? -1.229  -8.090  13.062  1.00 28.37 ? 153 VAL A CG2 1 
ATOM   1225 N  N   . ASP A 1 153 ? -1.960  -8.392  16.882  1.00 41.06 ? 154 ASP A N   1 
ATOM   1226 C  CA  . ASP A 1 153 ? -1.505  -7.475  17.917  1.00 36.21 ? 154 ASP A CA  1 
ATOM   1227 C  C   . ASP A 1 153 ? -0.269  -6.713  17.452  1.00 39.87 ? 154 ASP A C   1 
ATOM   1228 O  O   . ASP A 1 153 ? -0.106  -5.525  17.755  1.00 39.02 ? 154 ASP A O   1 
ATOM   1229 C  CB  . ASP A 1 153 ? -1.187  -8.283  19.176  1.00 42.16 ? 154 ASP A CB  1 
ATOM   1230 C  CG  . ASP A 1 153 ? -1.102  -7.424  20.409  1.00 53.72 ? 154 ASP A CG  1 
ATOM   1231 O  OD1 . ASP A 1 153 ? -1.697  -6.325  20.403  1.00 58.92 ? 154 ASP A OD1 1 
ATOM   1232 O  OD2 . ASP A 1 153 ? -0.450  -7.847  21.388  1.00 63.83 ? 154 ASP A OD2 1 
ATOM   1233 N  N   . THR A 1 154 ? 0.604   -7.384  16.705  1.00 35.69 ? 155 THR A N   1 
ATOM   1234 C  CA  . THR A 1 154 ? 1.831   -6.794  16.200  1.00 37.53 ? 155 THR A CA  1 
ATOM   1235 C  C   . THR A 1 154 ? 2.174   -7.472  14.881  1.00 32.46 ? 155 THR A C   1 
ATOM   1236 O  O   . THR A 1 154 ? 1.923   -8.666  14.704  1.00 33.00 ? 155 THR A O   1 
ATOM   1237 C  CB  . THR A 1 154 ? 2.972   -6.940  17.219  1.00 35.85 ? 155 THR A CB  1 
ATOM   1238 O  OG1 . THR A 1 154 ? 4.236   -6.819  16.553  1.00 45.60 ? 155 THR A OG1 1 
ATOM   1239 C  CG2 . THR A 1 154 ? 2.892   -8.278  17.934  1.00 44.88 ? 155 THR A CG2 1 
ATOM   1240 N  N   . VAL A 1 155 ? 2.712   -6.693  13.952  1.00 32.52 ? 156 VAL A N   1 
ATOM   1241 C  CA  . VAL A 1 155 ? 3.068   -7.201  12.633  1.00 34.97 ? 156 VAL A CA  1 
ATOM   1242 C  C   . VAL A 1 155 ? 4.378   -7.964  12.744  1.00 36.92 ? 156 VAL A C   1 
ATOM   1243 O  O   . VAL A 1 155 ? 5.362   -7.454  13.293  1.00 35.75 ? 156 VAL A O   1 
ATOM   1244 C  CB  . VAL A 1 155 ? 3.187   -6.042  11.633  1.00 35.69 ? 156 VAL A CB  1 
ATOM   1245 C  CG1 . VAL A 1 155 ? 3.814   -6.526  10.342  1.00 37.47 ? 156 VAL A CG1 1 
ATOM   1246 C  CG2 . VAL A 1 155 ? 1.823   -5.419  11.377  1.00 33.41 ? 156 VAL A CG2 1 
ATOM   1247 N  N   . LEU A 1 156 ? 4.402   -9.181  12.215  1.00 38.77 ? 157 LEU A N   1 
ATOM   1248 C  CA  . LEU A 1 156 ? 5.585   -10.020 12.336  1.00 39.11 ? 157 LEU A CA  1 
ATOM   1249 C  C   . LEU A 1 156 ? 6.671   -9.591  11.356  1.00 37.98 ? 157 LEU A C   1 
ATOM   1250 O  O   . LEU A 1 156 ? 6.394   -9.232  10.208  1.00 37.76 ? 157 LEU A O   1 
ATOM   1251 C  CB  . LEU A 1 156 ? 5.223   -11.492 12.136  1.00 48.09 ? 157 LEU A CB  1 
ATOM   1252 C  CG  . LEU A 1 156 ? 5.181   -12.289 13.445  1.00 52.16 ? 157 LEU A CG  1 
ATOM   1253 C  CD1 . LEU A 1 156 ? 6.571   -12.340 14.077  1.00 49.21 ? 157 LEU A CD1 1 
ATOM   1254 C  CD2 . LEU A 1 156 ? 4.174   -11.691 14.417  1.00 46.19 ? 157 LEU A CD2 1 
ATOM   1255 N  N   . GLU A 1 157 ? 7.914   -9.622  11.829  1.00 31.64 ? 158 GLU A N   1 
ATOM   1256 C  CA  . GLU A 1 157 ? 9.062   -9.208  11.038  1.00 39.04 ? 158 GLU A CA  1 
ATOM   1257 C  C   . GLU A 1 157 ? 9.521   -10.350 10.133  1.00 34.49 ? 158 GLU A C   1 
ATOM   1258 O  O   . GLU A 1 157 ? 9.521   -11.518 10.536  1.00 32.07 ? 158 GLU A O   1 
ATOM   1259 C  CB  . GLU A 1 157 ? 10.185  -8.791  11.990  1.00 32.81 ? 158 GLU A CB  1 
ATOM   1260 C  CG  . GLU A 1 157 ? 11.569  -8.667  11.372  1.00 49.43 ? 158 GLU A CG  1 
ATOM   1261 C  CD  . GLU A 1 157 ? 11.779  -7.373  10.601  1.00 48.94 ? 158 GLU A CD  1 
ATOM   1262 O  OE1 . GLU A 1 157 ? 12.644  -7.368  9.700   1.00 40.86 ? 158 GLU A OE1 1 
ATOM   1263 O  OE2 . GLU A 1 157 ? 11.090  -6.370  10.898  1.00 47.94 ? 158 GLU A OE2 1 
ATOM   1264 N  N   . HIS A 1 158 ? 9.896   -10.010 8.896   1.00 34.79 ? 159 HIS A N   1 
ATOM   1265 C  CA  . HIS A 1 158 ? 10.366  -10.986 7.918   1.00 26.87 ? 159 HIS A CA  1 
ATOM   1266 C  C   . HIS A 1 158 ? 11.882  -11.132 7.888   1.00 28.83 ? 159 HIS A C   1 
ATOM   1267 O  O   . HIS A 1 158 ? 12.381  -12.090 7.283   1.00 30.56 ? 159 HIS A O   1 
ATOM   1268 C  CB  . HIS A 1 158 ? 9.888   -10.617 6.508   1.00 28.37 ? 159 HIS A CB  1 
ATOM   1269 C  CG  . HIS A 1 158 ? 8.419   -10.808 6.286   1.00 28.54 ? 159 HIS A CG  1 
ATOM   1270 N  ND1 . HIS A 1 158 ? 7.782   -10.382 5.139   1.00 27.23 ? 159 HIS A ND1 1 
ATOM   1271 C  CD2 . HIS A 1 158 ? 7.463   -11.378 7.057   1.00 31.42 ? 159 HIS A CD2 1 
ATOM   1272 C  CE1 . HIS A 1 158 ? 6.496   -10.684 5.212   1.00 31.92 ? 159 HIS A CE1 1 
ATOM   1273 N  NE2 . HIS A 1 158 ? 6.277   -11.289 6.365   1.00 28.58 ? 159 HIS A NE2 1 
ATOM   1274 N  N   . HIS A 1 159 ? 12.622  -10.202 8.493   1.00 28.82 ? 160 HIS A N   1 
ATOM   1275 C  CA  . HIS A 1 159 ? 14.083  -10.267 8.564   1.00 26.43 ? 160 HIS A CA  1 
ATOM   1276 C  C   . HIS A 1 159 ? 14.717  -10.414 7.186   1.00 27.86 ? 160 HIS A C   1 
ATOM   1277 O  O   . HIS A 1 159 ? 15.566  -11.277 6.948   1.00 28.50 ? 160 HIS A O   1 
ATOM   1278 C  CB  . HIS A 1 159 ? 14.559  -11.372 9.510   1.00 26.21 ? 160 HIS A CB  1 
ATOM   1279 C  CG  . HIS A 1 159 ? 14.062  -11.212 10.908  1.00 29.98 ? 160 HIS A CG  1 
ATOM   1280 N  ND1 . HIS A 1 159 ? 12.954  -11.879 11.382  1.00 34.00 ? 160 HIS A ND1 1 
ATOM   1281 C  CD2 . HIS A 1 159 ? 14.502  -10.438 11.926  1.00 32.97 ? 160 HIS A CD2 1 
ATOM   1282 C  CE1 . HIS A 1 159 ? 12.744  -11.537 12.639  1.00 30.54 ? 160 HIS A CE1 1 
ATOM   1283 N  NE2 . HIS A 1 159 ? 13.668  -10.663 12.993  1.00 35.76 ? 160 HIS A NE2 1 
ATOM   1284 N  N   . HIS A 1 160 ? 14.285  -9.566  6.265   1.00 28.92 ? 161 HIS A N   1 
ATOM   1285 C  CA  . HIS A 1 160 ? 14.932  -9.496  4.964   1.00 29.55 ? 161 HIS A CA  1 
ATOM   1286 C  C   . HIS A 1 160 ? 16.350  -8.975  5.160   1.00 35.36 ? 161 HIS A C   1 
ATOM   1287 O  O   . HIS A 1 160 ? 16.541  -7.854  5.640   1.00 40.16 ? 161 HIS A O   1 
ATOM   1288 C  CB  . HIS A 1 160 ? 14.141  -8.560  4.057   1.00 25.97 ? 161 HIS A CB  1 
ATOM   1289 C  CG  . HIS A 1 160 ? 12.754  -9.038  3.747   1.00 23.59 ? 161 HIS A CG  1 
ATOM   1290 N  ND1 . HIS A 1 160 ? 12.503  -10.114 2.925   1.00 22.69 ? 161 HIS A ND1 1 
ATOM   1291 C  CD2 . HIS A 1 160 ? 11.543  -8.569  4.132   1.00 25.92 ? 161 HIS A CD2 1 
ATOM   1292 C  CE1 . HIS A 1 160 ? 11.198  -10.296 2.826   1.00 25.71 ? 161 HIS A CE1 1 
ATOM   1293 N  NE2 . HIS A 1 160 ? 10.591  -9.367  3.543   1.00 25.12 ? 161 HIS A NE2 1 
ATOM   1294 N  N   . HIS A 1 161 ? 17.348  -9.781  4.819   1.00 32.29 ? 162 HIS A N   1 
ATOM   1295 C  CA  . HIS A 1 161 ? 18.714  -9.340  5.065   1.00 37.42 ? 162 HIS A CA  1 
ATOM   1296 C  C   . HIS A 1 161 ? 19.361  -8.660  3.865   1.00 28.44 ? 162 HIS A C   1 
ATOM   1297 O  O   . HIS A 1 161 ? 20.476  -8.145  3.993   1.00 36.79 ? 162 HIS A O   1 
ATOM   1298 C  CB  . HIS A 1 161 ? 19.577  -10.463 5.652   1.00 39.62 ? 162 HIS A CB  1 
ATOM   1299 C  CG  . HIS A 1 161 ? 20.156  -11.395 4.639   1.00 35.84 ? 162 HIS A CG  1 
ATOM   1300 N  ND1 . HIS A 1 161 ? 19.463  -12.474 4.135   1.00 36.32 ? 162 HIS A ND1 1 
ATOM   1301 C  CD2 . HIS A 1 161 ? 21.384  -11.434 4.068   1.00 41.12 ? 162 HIS A CD2 1 
ATOM   1302 C  CE1 . HIS A 1 161 ? 20.230  -13.125 3.278   1.00 30.01 ? 162 HIS A CE1 1 
ATOM   1303 N  NE2 . HIS A 1 161 ? 21.402  -12.516 3.222   1.00 35.23 ? 162 HIS A NE2 1 
ATOM   1304 N  N   . HIS A 1 162 ? 18.685  -8.622  2.719   1.00 28.59 ? 163 HIS A N   1 
ATOM   1305 C  CA  . HIS A 1 162 ? 19.089  -7.779  1.602   1.00 29.48 ? 163 HIS A CA  1 
ATOM   1306 C  C   . HIS A 1 162 ? 18.299  -6.477  1.530   1.00 32.47 ? 163 HIS A C   1 
ATOM   1307 O  O   . HIS A 1 162 ? 18.543  -5.669  0.628   1.00 30.57 ? 163 HIS A O   1 
ATOM   1308 C  CB  . HIS A 1 162 ? 18.968  -8.544  0.279   1.00 26.86 ? 163 HIS A CB  1 
ATOM   1309 C  CG  . HIS A 1 162 ? 19.870  -9.737  0.198   1.00 33.07 ? 163 HIS A CG  1 
ATOM   1310 N  ND1 . HIS A 1 162 ? 21.067  -9.720  -0.484  1.00 35.12 ? 163 HIS A ND1 1 
ATOM   1311 C  CD2 . HIS A 1 162 ? 19.758  -10.976 0.731   1.00 28.70 ? 163 HIS A CD2 1 
ATOM   1312 C  CE1 . HIS A 1 162 ? 21.650  -10.901 -0.376  1.00 30.32 ? 163 HIS A CE1 1 
ATOM   1313 N  NE2 . HIS A 1 162 ? 20.879  -11.679 0.360   1.00 27.70 ? 163 HIS A NE2 1 
ATOM   1314 N  N   . HIS A 1 163 ? 17.367  -6.250  2.454   1.00 30.44 ? 164 HIS A N   1 
ATOM   1315 C  CA  . HIS A 1 163 ? 16.512  -5.062  2.414   1.00 29.11 ? 164 HIS A CA  1 
ATOM   1316 C  C   . HIS A 1 163 ? 16.097  -4.628  3.808   1.00 32.72 ? 164 HIS A C   1 
ATOM   1317 O  O   . HIS A 1 163 ? 15.012  -4.075  4.008   1.00 30.32 ? 164 HIS A O   1 
ATOM   1318 C  CB  . HIS A 1 163 ? 15.256  -5.323  1.578   1.00 27.76 ? 164 HIS A CB  1 
ATOM   1319 C  CG  . HIS A 1 163 ? 15.543  -5.808  0.192   1.00 27.98 ? 164 HIS A CG  1 
ATOM   1320 N  ND1 . HIS A 1 163 ? 15.862  -4.956  -0.843  1.00 26.65 ? 164 HIS A ND1 1 
ATOM   1321 C  CD2 . HIS A 1 163 ? 15.582  -7.058  -0.323  1.00 27.18 ? 164 HIS A CD2 1 
ATOM   1322 C  CE1 . HIS A 1 163 ? 16.075  -5.661  -1.941  1.00 27.66 ? 164 HIS A CE1 1 
ATOM   1323 N  NE2 . HIS A 1 163 ? 15.915  -6.939  -1.651  1.00 26.06 ? 164 HIS A NE2 1 
ATOM   1324 O  OXT . HIS A 1 163 ? 16.835  -4.828  4.764   1.00 34.93 ? 164 HIS A OXT 1 
HETATM 1325 ZN ZN  . ZN  B 2 .   ? 8.584   -9.313  3.638   1.00 27.71 ? 201 ZN  A ZN  1 
HETATM 1326 ZN ZN  . ZN  C 2 .   ? 16.303  -8.278  -3.072  1.00 28.39 ? 202 ZN  A ZN  1 
HETATM 1327 S  S   . SO4 D 3 .   ? 15.767  -11.463 1.538   0.33 17.90 ? 203 SO4 A S   1 
HETATM 1328 O  O1  . SO4 D 3 .   ? 16.456  -12.495 0.773   0.33 22.93 ? 203 SO4 A O1  1 
HETATM 1329 O  O2  . SO4 D 3 .   ? 15.522  -11.939 2.891   0.33 21.68 ? 203 SO4 A O2  1 
HETATM 1330 O  O3  . SO4 D 3 .   ? 16.590  -10.260 1.578   0.33 22.91 ? 203 SO4 A O3  1 
HETATM 1331 O  O4  . SO4 D 3 .   ? 14.492  -11.162 0.896   0.33 23.98 ? 203 SO4 A O4  1 
HETATM 1332 C  CAA . O4B E 4 .   ? -8.543  -21.867 -5.504  1.00 41.83 ? 204 O4B A CAA 1 
HETATM 1333 O  OAM . O4B E 4 .   ? -7.767  -21.996 -4.303  1.00 51.79 ? 204 O4B A OAM 1 
HETATM 1334 C  CAC . O4B E 4 .   ? -8.553  -21.661 -3.150  1.00 43.04 ? 204 O4B A CAC 1 
HETATM 1335 C  CAD . O4B E 4 .   ? -7.648  -21.234 -2.007  1.00 49.74 ? 204 O4B A CAD 1 
HETATM 1336 O  OAO . O4B E 4 .   ? -6.430  -22.001 -1.995  1.00 54.39 ? 204 O4B A OAO 1 
HETATM 1337 C  CAG . O4B E 4 .   ? -5.617  -21.534 -0.897  1.00 44.44 ? 204 O4B A CAG 1 
HETATM 1338 C  CAH . O4B E 4 .   ? -4.292  -22.285 -0.869  1.00 46.01 ? 204 O4B A CAH 1 
HETATM 1339 O  OAQ . O4B E 4 .   ? -3.549  -21.986 -2.054  1.00 53.95 ? 204 O4B A OAQ 1 
HETATM 1340 C  CAK . O4B E 4 .   ? -2.306  -22.691 -2.037  1.00 47.04 ? 204 O4B A CAK 1 
HETATM 1341 C  CAL . O4B E 4 .   ? -1.511  -22.245 -3.237  1.00 46.02 ? 204 O4B A CAL 1 
HETATM 1342 O  OAR . O4B E 4 .   ? -2.241  -22.578 -4.425  1.00 50.92 ? 204 O4B A OAR 1 
HETATM 1343 C  CAJ . O4B E 4 .   ? -1.642  -21.889 -5.527  1.00 49.69 ? 204 O4B A CAJ 1 
HETATM 1344 C  CAI . O4B E 4 .   ? -2.341  -22.276 -6.816  1.00 53.96 ? 204 O4B A CAI 1 
HETATM 1345 O  OAP . O4B E 4 .   ? -3.766  -22.312 -6.614  1.00 54.12 ? 204 O4B A OAP 1 
HETATM 1346 C  CAF . O4B E 4 .   ? -4.383  -22.539 -7.887  1.00 49.26 ? 204 O4B A CAF 1 
HETATM 1347 C  CAE . O4B E 4 .   ? -5.813  -22.989 -7.694  1.00 47.26 ? 204 O4B A CAE 1 
HETATM 1348 O  OAN . O4B E 4 .   ? -6.499  -22.089 -6.822  1.00 51.28 ? 204 O4B A OAN 1 
HETATM 1349 C  CAB . O4B E 4 .   ? -7.836  -22.589 -6.645  1.00 50.08 ? 204 O4B A CAB 1 
HETATM 1350 CL CL  A VGH F 5 .   ? -0.207  -1.699  -8.651  0.50 64.25 ? 205 VGH A CL  1 
HETATM 1351 CL CL  B VGH F 5 .   ? -0.330  -2.753  -3.304  0.50 51.11 ? 205 VGH A CL  1 
HETATM 1352 C  C13 A VGH F 5 .   ? 0.449   -2.403  -7.195  0.50 51.03 ? 205 VGH A C13 1 
HETATM 1353 C  C13 B VGH F 5 .   ? 0.435   -2.880  -4.834  0.50 47.52 ? 205 VGH A C13 1 
HETATM 1354 C  C3  A VGH F 5 .   ? 1.680   -3.038  -7.296  0.50 49.69 ? 205 VGH A C3  1 
HETATM 1355 C  C3  B VGH F 5 .   ? 1.673   -3.497  -4.945  0.50 46.14 ? 205 VGH A C3  1 
HETATM 1356 C  C2  A VGH F 5 .   ? 2.269   -3.621  -6.184  0.50 46.13 ? 205 VGH A C2  1 
HETATM 1357 C  C2  B VGH F 5 .   ? 2.280   -3.593  -6.189  0.50 46.13 ? 205 VGH A C2  1 
HETATM 1358 C  C12 A VGH F 5 .   ? 1.623   -3.578  -4.957  0.50 46.14 ? 205 VGH A C12 1 
HETATM 1359 C  C12 B VGH F 5 .   ? 1.653   -3.074  -7.312  0.50 49.69 ? 205 VGH A C12 1 
HETATM 1360 F  F   A VGH F 5 .   ? 2.191   -4.153  -3.855  0.50 42.42 ? 205 VGH A F   1 
HETATM 1361 F  F   B VGH F 5 .   ? 2.245   -3.167  -8.524  0.50 54.07 ? 205 VGH A F   1 
HETATM 1362 C  C17 A VGH F 5 .   ? -0.205  -2.360  -5.956  0.50 47.57 ? 205 VGH A C17 1 
HETATM 1363 C  C17 B VGH F 5 .   ? -0.202  -2.356  -5.949  0.50 47.57 ? 205 VGH A C17 1 
HETATM 1364 C  C18 A VGH F 5 .   ? 0.392   -2.949  -4.851  0.50 47.51 ? 205 VGH A C18 1 
HETATM 1365 C  C18 B VGH F 5 .   ? 0.416   -2.452  -7.202  0.50 51.02 ? 205 VGH A C18 1 
HETATM 1366 CL CL2 A VGH F 5 .   ? -0.417  -2.888  -3.346  0.50 51.03 ? 205 VGH A CL2 1 
HETATM 1367 CL CL2 B VGH F 5 .   ? -0.294  -1.830  -8.665  0.50 64.20 ? 205 VGH A CL2 1 
HETATM 1368 C  C21 . VGH F 5 .   ? -1.446  -1.750  -5.729  1.00 50.04 ? 205 VGH A C21 1 
HETATM 1369 C  C1  . VGH F 5 .   ? -1.340  -0.223  -5.889  1.00 48.02 ? 205 VGH A C1  1 
HETATM 1370 O  O27 . VGH F 5 .   ? -2.476  -2.288  -6.566  1.00 48.16 ? 205 VGH A O27 1 
HETATM 1371 C  C15 . VGH F 5 .   ? -2.669  -3.639  -6.634  1.00 46.83 ? 205 VGH A C15 1 
HETATM 1372 C  C4  . VGH F 5 .   ? -2.139  -4.372  -7.681  1.00 47.84 ? 205 VGH A C4  1 
HETATM 1373 C  C19 . VGH F 5 .   ? -3.465  -4.270  -5.679  1.00 48.69 ? 205 VGH A C19 1 
HETATM 1374 N  N22 . VGH F 5 .   ? -3.968  -3.518  -4.700  1.00 40.34 ? 205 VGH A N22 1 
HETATM 1375 N  N23 . VGH F 5 .   ? -3.694  -5.595  -5.754  1.00 41.81 ? 205 VGH A N23 1 
HETATM 1376 C  C5  . VGH F 5 .   ? -3.137  -6.360  -6.807  1.00 44.13 ? 205 VGH A C5  1 
HETATM 1377 C  C14 . VGH F 5 .   ? -2.361  -5.732  -7.779  1.00 45.15 ? 205 VGH A C14 1 
HETATM 1378 C  C16 . VGH F 5 .   ? -1.773  -6.363  -8.797  1.00 47.01 ? 205 VGH A C16 1 
HETATM 1379 C  C6  . VGH F 5 .   ? -0.582  -6.010  -9.260  1.00 45.18 ? 205 VGH A C6  1 
HETATM 1380 C  C7  . VGH F 5 .   ? -2.206  -7.393  -9.510  1.00 47.05 ? 205 VGH A C7  1 
HETATM 1381 N  N26 . VGH F 5 .   ? -1.236  -7.643  -10.405 1.00 49.71 ? 205 VGH A N26 1 
HETATM 1382 N  N24 . VGH F 5 .   ? -0.306  -6.844  -10.259 1.00 44.89 ? 205 VGH A N24 1 
HETATM 1383 C  C20 . VGH F 5 .   ? -1.166  -8.687  -11.465 1.00 47.43 ? 205 VGH A C20 1 
HETATM 1384 C  C8  . VGH F 5 .   ? 0.266   -9.187  -11.611 1.00 50.23 ? 205 VGH A C8  1 
HETATM 1385 C  C10 . VGH F 5 .   ? 0.312   -10.315 -12.638 1.00 49.70 ? 205 VGH A C10 1 
HETATM 1386 N  N25 . VGH F 5 .   ? -0.990  -10.501 -13.295 1.00 43.49 ? 205 VGH A N25 1 
HETATM 1387 C  C11 . VGH F 5 .   ? -1.442  -9.233  -13.887 1.00 46.78 ? 205 VGH A C11 1 
HETATM 1388 C  C9  . VGH F 5 .   ? -1.644  -8.163  -12.811 1.00 45.77 ? 205 VGH A C9  1 
HETATM 1389 ZN ZN  . ZN  G 2 .   ? -0.271  5.134   11.236  1.00 47.60 ? 206 ZN  A ZN  1 
HETATM 1390 C  CAA . O4B H 4 .   ? -13.326 -2.908  18.050  1.00 49.05 ? 207 O4B A CAA 1 
HETATM 1391 O  OAM . O4B H 4 .   ? -12.157 -3.078  18.876  1.00 55.93 ? 207 O4B A OAM 1 
HETATM 1392 C  CAC . O4B H 4 .   ? -11.644 -4.418  18.753  1.00 48.69 ? 207 O4B A CAC 1 
HETATM 1393 C  CAD . O4B H 4 .   ? -10.304 -4.510  19.475  1.00 52.23 ? 207 O4B A CAD 1 
HETATM 1394 O  OAO . O4B H 4 .   ? -9.364  -3.637  18.817  1.00 53.89 ? 207 O4B A OAO 1 
HETATM 1395 C  CAG . O4B H 4 .   ? -8.065  -3.712  19.418  1.00 44.81 ? 207 O4B A CAG 1 
HETATM 1396 C  CAH . O4B H 4 .   ? -7.133  -2.766  18.678  1.00 44.19 ? 207 O4B A CAH 1 
HETATM 1397 O  OAQ . O4B H 4 .   ? -7.688  -1.434  18.708  1.00 46.03 ? 207 O4B A OAQ 1 
HETATM 1398 C  CAK . O4B H 4 .   ? -6.802  -0.536  18.017  1.00 44.48 ? 207 O4B A CAK 1 
HETATM 1399 C  CAL . O4B H 4 .   ? -7.400  0.867   17.986  1.00 42.52 ? 207 O4B A CAL 1 
HETATM 1400 O  OAR . O4B H 4 .   ? -8.703  0.857   17.371  1.00 42.37 ? 207 O4B A OAR 1 
HETATM 1401 C  CAJ . O4B H 4 .   ? -9.174  2.219   17.291  1.00 36.46 ? 207 O4B A CAJ 1 
HETATM 1402 C  CAI . O4B H 4 .   ? -10.553 2.242   16.676  1.00 42.54 ? 207 O4B A CAI 1 
HETATM 1403 O  OAP . O4B H 4 .   ? -11.314 1.171   17.233  1.00 47.73 ? 207 O4B A OAP 1 
HETATM 1404 C  CAF . O4B H 4 .   ? -12.603 1.114   16.594  1.00 48.41 ? 207 O4B A CAF 1 
HETATM 1405 C  CAE . O4B H 4 .   ? -13.238 -0.246  16.852  1.00 48.53 ? 207 O4B A CAE 1 
HETATM 1406 O  OAN . O4B H 4 .   ? -13.345 -0.471  18.261  1.00 55.48 ? 207 O4B A OAN 1 
HETATM 1407 C  CAB . O4B H 4 .   ? -14.098 -1.675  18.507  1.00 53.10 ? 207 O4B A CAB 1 
HETATM 1408 O  O   . HOH I 6 .   ? -3.297  1.653   -9.339  1.00 41.85 ? 301 HOH A O   1 
HETATM 1409 O  O   . HOH I 6 .   ? 10.094  1.025   -7.492  1.00 46.12 ? 302 HOH A O   1 
HETATM 1410 O  O   . HOH I 6 .   ? -4.190  1.168   -17.745 1.00 48.89 ? 303 HOH A O   1 
HETATM 1411 O  O   . HOH I 6 .   ? 11.004  -11.154 -10.428 1.00 50.34 ? 304 HOH A O   1 
HETATM 1412 O  O   . HOH I 6 .   ? 2.577   -3.926  18.107  1.00 41.14 ? 305 HOH A O   1 
HETATM 1413 O  O   . HOH I 6 .   ? -6.635  0.765   -4.790  1.00 37.90 ? 306 HOH A O   1 
HETATM 1414 O  O   . HOH I 6 .   ? -4.746  -5.034  15.802  1.00 34.01 ? 307 HOH A O   1 
HETATM 1415 O  O   . HOH I 6 .   ? -12.458 0.375   -10.106 1.00 47.19 ? 308 HOH A O   1 
HETATM 1416 O  O   . HOH I 6 .   ? -14.200 -8.863  -3.587  1.00 43.58 ? 309 HOH A O   1 
HETATM 1417 O  O   . HOH I 6 .   ? 2.157   -15.044 -7.562  1.00 38.55 ? 310 HOH A O   1 
HETATM 1418 O  O   . HOH I 6 .   ? 5.350   14.228  -7.129  1.00 38.60 ? 311 HOH A O   1 
HETATM 1419 O  O   . HOH I 6 .   ? 1.487   -19.230 -7.954  1.00 49.87 ? 312 HOH A O   1 
HETATM 1420 O  O   . HOH I 6 .   ? 5.430   16.310  10.907  1.00 55.50 ? 313 HOH A O   1 
HETATM 1421 O  O   . HOH I 6 .   ? -1.192  4.608   -20.064 1.00 53.22 ? 314 HOH A O   1 
HETATM 1422 O  O   . HOH I 6 .   ? -9.393  -10.099 -13.255 1.00 31.68 ? 315 HOH A O   1 
HETATM 1423 O  O   . HOH I 6 .   ? -9.391  -20.532 2.581   1.00 45.89 ? 316 HOH A O   1 
HETATM 1424 O  O   . HOH I 6 .   ? 9.129   0.623   -2.409  1.00 29.37 ? 317 HOH A O   1 
HETATM 1425 O  O   . HOH I 6 .   ? 3.732   9.967   13.115  1.00 48.17 ? 318 HOH A O   1 
HETATM 1426 O  O   . HOH I 6 .   ? 8.912   16.644  0.511   1.00 43.89 ? 319 HOH A O   1 
HETATM 1427 O  O   . HOH I 6 .   ? -8.922  17.774  3.239   1.00 35.60 ? 320 HOH A O   1 
HETATM 1428 O  O   . HOH I 6 .   ? 17.521  -13.099 7.377   1.00 36.13 ? 321 HOH A O   1 
HETATM 1429 O  O   . HOH I 6 .   ? -10.110 -14.445 6.701   1.00 32.56 ? 322 HOH A O   1 
HETATM 1430 O  O   . HOH I 6 .   ? 7.476   -11.986 -11.508 1.00 59.49 ? 323 HOH A O   1 
HETATM 1431 O  O   . HOH I 6 .   ? 10.380  5.116   10.508  1.00 39.51 ? 324 HOH A O   1 
HETATM 1432 O  O   . HOH I 6 .   ? -8.014  15.238  9.389   1.00 35.83 ? 325 HOH A O   1 
HETATM 1433 O  O   . HOH I 6 .   ? -2.386  16.617  -6.429  1.00 32.38 ? 326 HOH A O   1 
HETATM 1434 O  O   . HOH I 6 .   ? 4.537   -3.297  7.701   1.00 32.44 ? 327 HOH A O   1 
HETATM 1435 O  O   . HOH I 6 .   ? 3.341   -9.727  3.317   1.00 33.83 ? 328 HOH A O   1 
HETATM 1436 O  O   . HOH I 6 .   ? 9.752   -12.678 13.074  1.00 43.95 ? 329 HOH A O   1 
HETATM 1437 O  O   . HOH I 6 .   ? -12.178 -1.860  -3.203  1.00 31.35 ? 330 HOH A O   1 
HETATM 1438 O  O   . HOH I 6 .   ? 8.934   1.499   10.363  1.00 48.70 ? 331 HOH A O   1 
HETATM 1439 O  O   . HOH I 6 .   ? -0.692  17.795  -8.221  1.00 31.18 ? 332 HOH A O   1 
HETATM 1440 O  O   . HOH I 6 .   ? -12.260 -9.647  -7.487  1.00 41.29 ? 333 HOH A O   1 
HETATM 1441 O  O   . HOH I 6 .   ? 7.320   -3.780  7.347   1.00 31.76 ? 334 HOH A O   1 
HETATM 1442 O  O   . HOH I 6 .   ? -2.169  18.860  1.888   1.00 38.92 ? 335 HOH A O   1 
HETATM 1443 O  O   . HOH I 6 .   ? 8.937   10.189  1.797   1.00 36.96 ? 336 HOH A O   1 
HETATM 1444 O  O   . HOH I 6 .   ? 19.684  -5.420  -1.966  1.00 35.34 ? 337 HOH A O   1 
HETATM 1445 O  O   . HOH I 6 .   ? -10.511 15.564  2.885   1.00 26.88 ? 338 HOH A O   1 
HETATM 1446 O  O   . HOH I 6 .   ? 7.604   13.228  -12.381 1.00 49.68 ? 339 HOH A O   1 
HETATM 1447 O  O   . HOH I 6 .   ? 6.799   5.682   -8.638  1.00 44.21 ? 340 HOH A O   1 
HETATM 1448 O  O   . HOH I 6 .   ? -13.878 11.429  7.960   1.00 48.51 ? 341 HOH A O   1 
HETATM 1449 O  O   . HOH I 6 .   ? 6.471   18.991  -1.977  1.00 45.94 ? 342 HOH A O   1 
HETATM 1450 O  O   . HOH I 6 .   ? -2.348  18.348  -3.197  1.00 38.81 ? 343 HOH A O   1 
HETATM 1451 O  O   . HOH I 6 .   ? 9.855   -7.133  8.187   1.00 28.89 ? 344 HOH A O   1 
HETATM 1452 O  O   . HOH I 6 .   ? 10.520  10.557  3.924   1.00 37.20 ? 345 HOH A O   1 
HETATM 1453 O  O   . HOH I 6 .   ? 8.706   -5.827  12.607  1.00 47.37 ? 346 HOH A O   1 
HETATM 1454 O  O   . HOH I 6 .   ? -1.364  18.454  6.862   1.00 47.66 ? 347 HOH A O   1 
HETATM 1455 O  O   . HOH I 6 .   ? -8.860  -11.819 13.056  1.00 40.11 ? 348 HOH A O   1 
HETATM 1456 O  O   . HOH I 6 .   ? -4.594  20.377  3.174   1.00 40.99 ? 349 HOH A O   1 
HETATM 1457 O  O   . HOH I 6 .   ? 6.901   -0.226  -8.683  1.00 41.81 ? 350 HOH A O   1 
HETATM 1458 O  O   . HOH I 6 .   ? 16.268  -3.297  -8.325  1.00 35.21 ? 351 HOH A O   1 
HETATM 1459 O  O   . HOH I 6 .   ? 13.499  -1.318  6.468   1.00 40.43 ? 352 HOH A O   1 
HETATM 1460 O  O   . HOH I 6 .   ? -1.360  7.135   10.929  1.00 28.40 ? 353 HOH A O   1 
HETATM 1461 O  O   . HOH I 6 .   ? -7.181  17.209  -2.244  1.00 32.24 ? 354 HOH A O   1 
HETATM 1462 O  O   . HOH I 6 .   ? 13.182  -3.877  11.035  1.00 44.08 ? 355 HOH A O   1 
HETATM 1463 O  O   . HOH I 6 .   ? -1.428  -14.429 11.355  1.00 38.81 ? 356 HOH A O   1 
HETATM 1464 O  O   . HOH I 6 .   ? 10.136  16.852  12.059  1.00 46.37 ? 357 HOH A O   1 
HETATM 1465 O  O   . HOH I 6 .   ? -3.846  -2.680  16.888  1.00 44.41 ? 358 HOH A O   1 
HETATM 1466 O  O   . HOH I 6 .   ? -10.111 8.788   13.847  1.00 49.48 ? 359 HOH A O   1 
HETATM 1467 O  O   . HOH I 6 .   ? 21.731  -6.923  -2.356  1.00 56.72 ? 360 HOH A O   1 
HETATM 1468 O  O   . HOH I 6 .   ? -0.094  19.116  3.564   1.00 49.52 ? 361 HOH A O   1 
HETATM 1469 O  O   . HOH I 6 .   ? -2.301  20.874  4.694   1.00 59.77 ? 362 HOH A O   1 
HETATM 1470 O  O   . HOH I 6 .   ? -2.882  19.409  -0.871  1.00 45.48 ? 363 HOH A O   1 
HETATM 1471 O  O   . HOH I 6 .   ? 8.271   15.523  -6.823  1.00 50.10 ? 364 HOH A O   1 
# 
